data_5CM5
#
_entry.id   5CM5
#
_cell.length_a   62.561
_cell.length_b   103.519
_cell.length_c   126.180
_cell.angle_alpha   90.00
_cell.angle_beta   99.48
_cell.angle_gamma   90.00
#
_symmetry.space_group_name_H-M   'P 1 21 1'
#
loop_
_entity.id
_entity.type
_entity.pdbx_description
1 polymer 'Hydroxyethylthiazole kinase'
2 water water
#
_entity_poly.entity_id   1
_entity_poly.type   'polypeptide(L)'
_entity_poly.pdbx_seq_one_letter_code
;MNYLNNIRIENPLTICYTNDVVKNFTANGLLSIGASPAMSEAPEEAEEFYKVAQALLINIGTLTAQNEQDIIAIAQTANE
AGLPIVFDPVAVGASTYRKQFCKLLLKSAKVSVIKGNASEILALIDDTATMKGTDSDANLDAVTIAKKAYAIYKTAIVIT
GKEDVIVQGDKAIVLANGSPLLARVTGAGCLLGGIIAGFLFRETEPDIEALIEAVSVFNIAAEVAAENENCGGPGTFSPL
LLDTLYHLNETTYQQRIRIQEVEENLYFQSGHHHHHH
;
_entity_poly.pdbx_strand_id   A,B,C,D,E,F
#
# COMPACT_ATOMS: atom_id res chain seq x y z
N MET A 1 4.92 -0.08 -18.75
CA MET A 1 3.51 -0.07 -18.25
C MET A 1 3.33 0.90 -17.08
N ASN A 2 3.56 2.18 -17.38
CA ASN A 2 3.34 3.23 -16.43
C ASN A 2 1.93 3.21 -15.79
N TYR A 3 0.89 3.31 -16.61
CA TYR A 3 -0.48 3.50 -16.09
C TYR A 3 -1.02 2.28 -15.37
N LEU A 4 -0.75 1.08 -15.90
CA LEU A 4 -1.23 -0.16 -15.25
C LEU A 4 -0.72 -0.28 -13.81
N ASN A 5 0.53 0.12 -13.56
CA ASN A 5 1.07 0.06 -12.21
C ASN A 5 0.27 0.93 -11.28
N ASN A 6 -0.10 2.10 -11.78
CA ASN A 6 -0.89 2.99 -10.98
C ASN A 6 -2.33 2.51 -10.74
N ILE A 7 -2.90 1.79 -11.70
CA ILE A 7 -4.21 1.19 -11.51
C ILE A 7 -4.14 0.16 -10.37
N ARG A 8 -3.15 -0.73 -10.43
CA ARG A 8 -3.05 -1.79 -9.43
C ARG A 8 -2.87 -1.22 -8.03
N ILE A 9 -2.20 -0.07 -7.92
CA ILE A 9 -1.94 0.53 -6.62
C ILE A 9 -3.12 1.38 -6.15
N GLU A 10 -3.65 2.22 -7.04
CA GLU A 10 -4.65 3.22 -6.65
C GLU A 10 -6.06 2.69 -6.68
N ASN A 11 -6.30 1.60 -7.42
N ASN A 11 -6.29 1.58 -7.39
CA ASN A 11 -7.63 0.97 -7.42
CA ASN A 11 -7.61 0.90 -7.42
C ASN A 11 -8.73 1.95 -7.87
C ASN A 11 -8.73 1.93 -7.87
N PRO A 12 -8.57 2.56 -9.05
CA PRO A 12 -9.48 3.63 -9.47
C PRO A 12 -10.94 3.23 -9.65
N LEU A 13 -11.81 3.96 -8.98
CA LEU A 13 -13.24 3.77 -9.09
C LEU A 13 -13.70 4.17 -10.51
N THR A 14 -14.31 3.21 -11.20
CA THR A 14 -14.56 3.31 -12.60
C THR A 14 -16.01 2.95 -12.81
N ILE A 15 -16.82 3.97 -13.07
CA ILE A 15 -18.26 3.79 -13.17
C ILE A 15 -18.58 3.25 -14.57
N CYS A 16 -19.49 2.28 -14.65
CA CYS A 16 -19.90 1.71 -15.94
C CYS A 16 -21.39 1.67 -16.07
N TYR A 17 -21.89 2.41 -17.07
CA TYR A 17 -23.26 2.32 -17.49
C TYR A 17 -23.17 1.57 -18.80
N THR A 18 -23.29 0.24 -18.74
CA THR A 18 -23.05 -0.58 -19.90
C THR A 18 -24.19 -1.56 -20.14
N ASN A 19 -24.09 -2.35 -21.20
CA ASN A 19 -25.24 -3.10 -21.68
C ASN A 19 -25.37 -4.46 -20.93
N ASP A 20 -26.57 -5.01 -21.00
CA ASP A 20 -26.95 -6.11 -20.15
C ASP A 20 -26.24 -7.42 -20.48
N VAL A 21 -25.58 -7.50 -21.64
CA VAL A 21 -24.94 -8.70 -22.04
C VAL A 21 -23.54 -8.80 -21.39
N VAL A 22 -22.97 -7.67 -20.97
CA VAL A 22 -21.53 -7.57 -20.66
C VAL A 22 -21.20 -6.99 -19.32
N LYS A 23 -22.21 -6.74 -18.48
CA LYS A 23 -21.91 -6.13 -17.18
C LYS A 23 -20.93 -6.98 -16.34
N ASN A 24 -21.26 -8.22 -16.16
CA ASN A 24 -20.39 -9.15 -15.34
C ASN A 24 -18.97 -9.27 -15.88
N PHE A 25 -18.83 -9.36 -17.21
CA PHE A 25 -17.49 -9.50 -17.80
C PHE A 25 -16.68 -8.24 -17.69
N THR A 26 -17.36 -7.08 -17.90
CA THR A 26 -16.69 -5.85 -17.74
C THR A 26 -16.19 -5.65 -16.34
N ALA A 27 -17.06 -5.88 -15.36
CA ALA A 27 -16.61 -5.76 -13.95
C ALA A 27 -15.41 -6.72 -13.65
N ASN A 28 -15.45 -7.91 -14.18
CA ASN A 28 -14.32 -8.91 -13.83
C ASN A 28 -13.04 -8.53 -14.52
N GLY A 29 -13.16 -7.84 -15.70
CA GLY A 29 -11.98 -7.39 -16.41
C GLY A 29 -11.31 -6.26 -15.63
N LEU A 30 -12.15 -5.31 -15.21
CA LEU A 30 -11.66 -4.21 -14.41
C LEU A 30 -11.06 -4.71 -13.07
N LEU A 31 -11.75 -5.58 -12.37
CA LEU A 31 -11.17 -6.14 -11.14
C LEU A 31 -9.84 -6.83 -11.40
N SER A 32 -9.69 -7.49 -12.54
CA SER A 32 -8.43 -8.20 -12.81
C SER A 32 -7.20 -7.34 -12.95
N ILE A 33 -7.39 -6.11 -13.52
CA ILE A 33 -6.29 -5.18 -13.65
C ILE A 33 -6.12 -4.28 -12.42
N GLY A 34 -6.93 -4.53 -11.38
CA GLY A 34 -6.82 -3.75 -10.15
C GLY A 34 -7.75 -2.57 -10.02
N ALA A 35 -8.60 -2.32 -11.00
CA ALA A 35 -9.57 -1.20 -10.88
C ALA A 35 -10.77 -1.59 -10.01
N SER A 36 -11.58 -0.57 -9.65
CA SER A 36 -12.75 -0.78 -8.79
C SER A 36 -14.00 -0.43 -9.56
N PRO A 37 -14.60 -1.42 -10.22
CA PRO A 37 -15.79 -1.11 -11.02
C PRO A 37 -17.04 -0.87 -10.18
N ALA A 38 -17.92 0.02 -10.67
CA ALA A 38 -19.20 0.18 -10.08
C ALA A 38 -20.24 0.43 -11.15
N MET A 39 -21.23 -0.42 -11.21
CA MET A 39 -22.20 -0.36 -12.27
C MET A 39 -23.41 0.44 -11.79
N SER A 40 -23.21 1.70 -11.47
CA SER A 40 -24.25 2.53 -10.93
C SER A 40 -25.03 3.11 -12.12
N GLU A 41 -26.33 2.90 -12.11
CA GLU A 41 -27.20 3.38 -13.23
C GLU A 41 -28.25 4.41 -12.82
N ALA A 42 -28.39 4.68 -11.52
CA ALA A 42 -29.38 5.70 -11.04
C ALA A 42 -28.84 7.10 -11.13
N PRO A 43 -29.50 8.01 -11.92
CA PRO A 43 -29.11 9.40 -11.92
C PRO A 43 -29.07 10.02 -10.52
N GLU A 44 -29.93 9.52 -9.63
CA GLU A 44 -30.07 10.04 -8.27
C GLU A 44 -28.78 9.90 -7.42
N GLU A 45 -27.87 8.98 -7.78
CA GLU A 45 -26.64 8.83 -7.02
C GLU A 45 -25.40 9.21 -7.85
N ALA A 46 -25.62 9.76 -9.04
CA ALA A 46 -24.49 10.08 -9.94
C ALA A 46 -23.61 11.18 -9.38
N GLU A 47 -24.21 12.24 -8.87
CA GLU A 47 -23.41 13.29 -8.30
C GLU A 47 -22.44 12.84 -7.20
N GLU A 48 -22.89 11.99 -6.30
CA GLU A 48 -22.08 11.59 -5.19
C GLU A 48 -21.05 10.54 -5.61
N PHE A 49 -21.44 9.60 -6.48
CA PHE A 49 -20.48 8.66 -7.04
C PHE A 49 -19.41 9.34 -7.87
N TYR A 50 -19.81 10.30 -8.71
CA TYR A 50 -18.88 10.89 -9.66
C TYR A 50 -17.84 11.76 -9.01
N LYS A 51 -18.14 12.38 -7.87
CA LYS A 51 -17.16 13.28 -7.22
C LYS A 51 -15.88 12.53 -6.94
N VAL A 52 -16.00 11.28 -6.55
CA VAL A 52 -14.85 10.46 -6.13
C VAL A 52 -14.37 9.44 -7.21
N ALA A 53 -14.99 9.44 -8.39
CA ALA A 53 -14.68 8.44 -9.42
C ALA A 53 -13.64 8.98 -10.39
N GLN A 54 -13.01 8.08 -11.14
CA GLN A 54 -11.94 8.46 -12.07
C GLN A 54 -12.36 8.48 -13.53
N ALA A 55 -13.41 7.74 -13.88
CA ALA A 55 -13.99 7.77 -15.20
C ALA A 55 -15.38 7.15 -15.20
N LEU A 56 -16.09 7.37 -16.29
CA LEU A 56 -17.39 6.81 -16.56
C LEU A 56 -17.36 6.22 -17.95
N LEU A 57 -17.86 5.00 -18.08
CA LEU A 57 -18.12 4.40 -19.38
C LEU A 57 -19.59 4.50 -19.69
N ILE A 58 -19.95 4.94 -20.90
CA ILE A 58 -21.32 4.82 -21.41
C ILE A 58 -21.34 3.95 -22.64
N ASN A 59 -22.12 2.88 -22.62
CA ASN A 59 -22.13 1.87 -23.70
C ASN A 59 -23.54 1.53 -23.96
N ILE A 60 -23.99 1.78 -25.22
CA ILE A 60 -25.40 1.74 -25.55
C ILE A 60 -25.88 0.45 -26.17
N GLY A 61 -25.18 -0.65 -25.87
CA GLY A 61 -25.50 -1.94 -26.48
C GLY A 61 -26.95 -2.31 -26.38
N THR A 62 -27.55 -2.07 -25.22
CA THR A 62 -28.94 -2.49 -25.05
C THR A 62 -29.85 -1.27 -24.83
N LEU A 63 -29.61 -0.20 -25.57
CA LEU A 63 -30.42 1.01 -25.49
C LEU A 63 -31.91 0.73 -25.61
N THR A 64 -32.69 1.26 -24.68
CA THR A 64 -34.15 1.33 -24.77
C THR A 64 -34.66 2.70 -24.29
N ALA A 65 -35.95 2.97 -24.51
CA ALA A 65 -36.60 4.22 -24.07
C ALA A 65 -36.34 4.55 -22.61
N GLN A 66 -36.24 3.52 -21.78
CA GLN A 66 -35.97 3.69 -20.37
C GLN A 66 -34.55 4.19 -20.07
N ASN A 67 -33.60 3.94 -20.96
CA ASN A 67 -32.23 4.36 -20.76
C ASN A 67 -31.99 5.83 -21.24
N GLU A 68 -32.76 6.27 -22.24
CA GLU A 68 -32.34 7.45 -23.02
C GLU A 68 -32.19 8.67 -22.15
N GLN A 69 -33.19 8.96 -21.32
CA GLN A 69 -33.14 10.12 -20.44
C GLN A 69 -32.00 9.97 -19.40
N ASP A 70 -31.93 8.80 -18.76
CA ASP A 70 -30.94 8.57 -17.71
C ASP A 70 -29.55 8.81 -18.24
N ILE A 71 -29.29 8.34 -19.46
CA ILE A 71 -27.96 8.45 -20.04
C ILE A 71 -27.56 9.89 -20.34
N ILE A 72 -28.49 10.69 -20.90
CA ILE A 72 -28.23 12.05 -21.11
C ILE A 72 -27.97 12.72 -19.77
N ALA A 73 -28.78 12.44 -18.78
CA ALA A 73 -28.64 13.08 -17.46
C ALA A 73 -27.32 12.79 -16.80
N ILE A 74 -26.90 11.48 -16.75
CA ILE A 74 -25.64 11.20 -16.15
C ILE A 74 -24.45 11.71 -16.94
N ALA A 75 -24.54 11.80 -18.26
CA ALA A 75 -23.46 12.43 -19.03
C ALA A 75 -23.25 13.90 -18.64
N GLN A 76 -24.37 14.61 -18.46
CA GLN A 76 -24.32 15.97 -18.01
C GLN A 76 -23.77 16.09 -16.61
N THR A 77 -24.19 15.18 -15.71
CA THR A 77 -23.63 15.16 -14.35
C THR A 77 -22.12 14.92 -14.41
N ALA A 78 -21.67 14.11 -15.34
CA ALA A 78 -20.23 13.80 -15.46
C ALA A 78 -19.47 15.03 -15.94
N ASN A 79 -19.99 15.70 -16.97
CA ASN A 79 -19.41 16.97 -17.41
C ASN A 79 -19.30 17.97 -16.29
N GLU A 80 -20.37 18.14 -15.53
CA GLU A 80 -20.36 19.14 -14.42
C GLU A 80 -19.32 18.73 -13.38
N ALA A 81 -19.14 17.42 -13.17
CA ALA A 81 -18.18 16.94 -12.20
C ALA A 81 -16.74 16.90 -12.73
N GLY A 82 -16.54 17.17 -14.03
CA GLY A 82 -15.23 17.02 -14.63
C GLY A 82 -14.80 15.53 -14.66
N LEU A 83 -15.75 14.62 -14.73
CA LEU A 83 -15.47 13.17 -14.79
C LEU A 83 -15.39 12.74 -16.27
N PRO A 84 -14.27 12.22 -16.72
CA PRO A 84 -14.16 11.86 -18.12
C PRO A 84 -15.04 10.72 -18.54
N ILE A 85 -15.58 10.83 -19.75
CA ILE A 85 -16.52 9.84 -20.29
C ILE A 85 -15.91 9.11 -21.47
N VAL A 86 -15.97 7.77 -21.41
CA VAL A 86 -15.70 6.96 -22.56
C VAL A 86 -17.02 6.55 -23.13
N PHE A 87 -17.18 6.69 -24.43
CA PHE A 87 -18.45 6.40 -25.09
C PHE A 87 -18.33 5.35 -26.15
N ASP A 88 -19.18 4.35 -26.07
CA ASP A 88 -19.19 3.21 -27.00
C ASP A 88 -20.49 3.17 -27.75
N PRO A 89 -20.48 3.64 -29.01
CA PRO A 89 -21.74 3.74 -29.73
C PRO A 89 -22.07 2.43 -30.44
N VAL A 90 -22.33 1.41 -29.65
CA VAL A 90 -22.50 0.07 -30.17
C VAL A 90 -23.58 0.00 -31.22
N ALA A 91 -23.24 -0.59 -32.38
CA ALA A 91 -24.17 -0.86 -33.46
C ALA A 91 -24.93 0.40 -33.90
N VAL A 92 -24.30 1.56 -33.78
CA VAL A 92 -24.96 2.82 -34.17
C VAL A 92 -25.41 2.81 -35.61
N GLY A 93 -24.64 2.18 -36.49
CA GLY A 93 -25.01 2.06 -37.90
C GLY A 93 -26.21 1.18 -38.24
N ALA A 94 -26.67 0.37 -37.28
CA ALA A 94 -27.74 -0.61 -37.53
C ALA A 94 -29.13 -0.02 -37.43
N SER A 95 -29.29 1.12 -36.75
CA SER A 95 -30.65 1.74 -36.75
C SER A 95 -30.66 3.27 -36.69
N THR A 96 -31.74 3.86 -37.19
CA THR A 96 -31.93 5.30 -37.14
C THR A 96 -32.20 5.70 -35.69
N TYR A 97 -32.79 4.78 -34.93
CA TYR A 97 -32.94 4.95 -33.47
C TYR A 97 -31.61 5.21 -32.79
N ARG A 98 -30.61 4.38 -33.02
CA ARG A 98 -29.31 4.56 -32.40
C ARG A 98 -28.58 5.81 -32.96
N LYS A 99 -28.65 6.01 -34.25
CA LYS A 99 -28.00 7.22 -34.84
C LYS A 99 -28.55 8.52 -34.21
N GLN A 100 -29.86 8.63 -34.08
CA GLN A 100 -30.48 9.83 -33.50
C GLN A 100 -30.07 9.99 -32.06
N PHE A 101 -30.01 8.87 -31.30
CA PHE A 101 -29.62 8.98 -29.90
C PHE A 101 -28.18 9.44 -29.78
N CYS A 102 -27.30 8.86 -30.58
CA CYS A 102 -25.87 9.15 -30.45
C CYS A 102 -25.61 10.64 -30.80
N LYS A 103 -26.30 11.12 -31.80
CA LYS A 103 -26.28 12.53 -32.16
C LYS A 103 -26.72 13.42 -31.01
N LEU A 104 -27.83 13.05 -30.39
CA LEU A 104 -28.30 13.80 -29.23
C LEU A 104 -27.29 13.84 -28.12
N LEU A 105 -26.67 12.67 -27.83
CA LEU A 105 -25.73 12.59 -26.73
C LEU A 105 -24.49 13.40 -26.98
N LEU A 106 -23.92 13.28 -28.17
CA LEU A 106 -22.72 14.05 -28.55
C LEU A 106 -23.01 15.58 -28.73
N LYS A 107 -24.26 15.95 -28.91
CA LYS A 107 -24.65 17.38 -28.88
C LYS A 107 -24.89 17.85 -27.43
N SER A 108 -25.22 16.93 -26.54
CA SER A 108 -25.57 17.29 -25.14
C SER A 108 -24.40 17.21 -24.15
N ALA A 109 -23.34 16.51 -24.52
CA ALA A 109 -22.22 16.39 -23.61
C ALA A 109 -20.89 16.20 -24.36
N LYS A 110 -19.81 16.64 -23.73
CA LYS A 110 -18.49 16.43 -24.24
C LYS A 110 -17.98 15.09 -23.70
N VAL A 111 -17.56 14.21 -24.57
CA VAL A 111 -16.95 12.96 -24.12
C VAL A 111 -15.43 12.99 -24.31
N SER A 112 -14.73 12.08 -23.65
CA SER A 112 -13.26 12.15 -23.64
C SER A 112 -12.63 11.11 -24.58
N VAL A 113 -13.35 10.05 -24.85
CA VAL A 113 -12.90 9.05 -25.81
C VAL A 113 -14.12 8.52 -26.49
N ILE A 114 -14.07 8.35 -27.80
CA ILE A 114 -15.11 7.66 -28.54
C ILE A 114 -14.46 6.38 -29.11
N LYS A 115 -15.01 5.23 -28.76
CA LYS A 115 -14.47 3.94 -29.19
C LYS A 115 -15.49 3.10 -29.90
N GLY A 116 -15.12 2.56 -31.04
CA GLY A 116 -15.97 1.65 -31.74
C GLY A 116 -15.20 0.97 -32.86
N ASN A 117 -15.89 0.10 -33.60
CA ASN A 117 -15.30 -0.49 -34.78
C ASN A 117 -15.48 0.49 -35.96
N ALA A 118 -14.91 0.17 -37.11
CA ALA A 118 -14.85 1.09 -38.22
C ALA A 118 -16.25 1.52 -38.69
N SER A 119 -17.21 0.59 -38.70
CA SER A 119 -18.52 0.93 -39.24
C SER A 119 -19.24 1.83 -38.27
N GLU A 120 -19.03 1.58 -37.00
CA GLU A 120 -19.70 2.38 -35.96
C GLU A 120 -19.24 3.82 -36.05
N ILE A 121 -17.92 4.03 -36.12
CA ILE A 121 -17.40 5.41 -36.20
C ILE A 121 -17.75 6.10 -37.53
N LEU A 122 -17.71 5.33 -38.62
CA LEU A 122 -18.16 5.81 -39.90
C LEU A 122 -19.62 6.29 -39.85
N ALA A 123 -20.48 5.51 -39.20
CA ALA A 123 -21.88 5.85 -39.14
C ALA A 123 -22.11 7.13 -38.33
N LEU A 124 -21.29 7.33 -37.32
CA LEU A 124 -21.30 8.59 -36.57
C LEU A 124 -21.07 9.82 -37.45
N ILE A 125 -20.08 9.75 -38.34
CA ILE A 125 -19.68 10.88 -39.17
C ILE A 125 -20.44 10.97 -40.51
N ASP A 126 -21.05 9.86 -40.91
CA ASP A 126 -21.86 9.73 -42.12
C ASP A 126 -23.12 8.91 -41.81
N ASP A 127 -24.26 9.59 -41.64
CA ASP A 127 -25.50 8.92 -41.23
C ASP A 127 -26.23 8.08 -42.34
N THR A 128 -25.71 8.05 -43.59
CA THR A 128 -26.22 7.04 -44.54
C THR A 128 -25.52 5.64 -44.34
N ALA A 129 -24.42 5.60 -43.59
CA ALA A 129 -23.74 4.32 -43.32
C ALA A 129 -24.56 3.34 -42.48
N THR A 130 -24.24 2.08 -42.68
CA THR A 130 -25.14 1.00 -42.46
C THR A 130 -24.29 -0.16 -41.83
N MET A 131 -24.85 -0.97 -40.94
CA MET A 131 -24.20 -2.21 -40.45
C MET A 131 -25.22 -3.24 -39.87
N LYS A 132 -24.73 -4.44 -39.48
CA LYS A 132 -25.46 -5.45 -38.60
C LYS A 132 -25.37 -5.46 -37.03
N GLY A 133 -24.37 -4.85 -36.35
CA GLY A 133 -23.92 -5.30 -34.97
C GLY A 133 -22.42 -5.64 -35.04
N THR A 134 -22.05 -6.22 -36.18
CA THR A 134 -20.67 -6.29 -36.63
C THR A 134 -20.32 -5.17 -37.68
N ASP A 135 -19.05 -5.11 -37.98
CA ASP A 135 -18.47 -4.08 -38.78
C ASP A 135 -18.34 -4.50 -40.24
N SER A 136 -18.81 -3.65 -41.18
CA SER A 136 -18.45 -3.85 -42.59
C SER A 136 -16.91 -4.01 -42.73
N ASP A 137 -16.50 -4.98 -43.53
CA ASP A 137 -15.07 -5.17 -43.75
C ASP A 137 -14.48 -4.26 -44.82
N ALA A 138 -13.15 -4.30 -44.94
CA ALA A 138 -12.44 -3.53 -45.95
C ALA A 138 -12.70 -1.99 -45.81
N ASN A 139 -13.15 -1.57 -44.62
CA ASN A 139 -13.44 -0.17 -44.40
C ASN A 139 -12.24 0.67 -44.44
N LEU A 140 -12.54 1.82 -45.06
CA LEU A 140 -11.85 2.36 -46.24
C LEU A 140 -10.44 2.48 -45.78
N ASP A 141 -10.37 3.20 -44.68
CA ASP A 141 -9.22 3.27 -43.88
C ASP A 141 -9.83 3.57 -42.57
N ALA A 142 -9.58 2.72 -41.59
CA ALA A 142 -9.81 3.09 -40.20
C ALA A 142 -9.04 4.36 -39.85
N VAL A 143 -7.83 4.50 -40.37
CA VAL A 143 -7.03 5.68 -40.13
C VAL A 143 -7.75 6.97 -40.64
N THR A 144 -8.24 6.96 -41.87
CA THR A 144 -8.93 8.10 -42.48
C THR A 144 -10.25 8.42 -41.77
N ILE A 145 -11.00 7.38 -41.39
CA ILE A 145 -12.24 7.53 -40.62
C ILE A 145 -11.97 8.11 -39.23
N ALA A 146 -10.93 7.64 -38.59
CA ALA A 146 -10.59 8.13 -37.24
C ALA A 146 -10.17 9.60 -37.27
N LYS A 147 -9.35 9.95 -38.25
CA LYS A 147 -8.95 11.36 -38.44
C LYS A 147 -10.11 12.32 -38.78
N LYS A 148 -11.04 11.85 -39.60
CA LYS A 148 -12.25 12.61 -39.87
C LYS A 148 -13.11 12.77 -38.64
N ALA A 149 -13.27 11.69 -37.87
CA ALA A 149 -14.00 11.77 -36.63
C ALA A 149 -13.34 12.68 -35.63
N TYR A 150 -12.01 12.67 -35.58
CA TYR A 150 -11.31 13.52 -34.63
C TYR A 150 -11.59 15.04 -34.99
N ALA A 151 -11.53 15.35 -36.25
CA ALA A 151 -11.75 16.73 -36.72
C ALA A 151 -13.15 17.24 -36.40
N ILE A 152 -14.15 16.36 -36.51
CA ILE A 152 -15.49 16.67 -36.18
C ILE A 152 -15.71 16.84 -34.67
N TYR A 153 -15.30 15.84 -33.85
CA TYR A 153 -15.62 15.82 -32.43
C TYR A 153 -14.56 16.40 -31.51
N LYS A 154 -13.35 16.63 -32.03
CA LYS A 154 -12.24 17.10 -31.22
C LYS A 154 -12.13 16.28 -29.92
N THR A 155 -12.22 14.95 -30.05
CA THR A 155 -12.19 14.02 -28.92
C THR A 155 -11.37 12.81 -29.38
N ALA A 156 -10.60 12.20 -28.45
CA ALA A 156 -9.82 10.99 -28.81
C ALA A 156 -10.72 9.94 -29.41
N ILE A 157 -10.26 9.32 -30.47
CA ILE A 157 -11.01 8.31 -31.19
C ILE A 157 -10.19 7.03 -31.15
N VAL A 158 -10.83 5.93 -30.81
CA VAL A 158 -10.22 4.59 -30.86
C VAL A 158 -11.07 3.75 -31.77
N ILE A 159 -10.50 3.27 -32.87
CA ILE A 159 -11.21 2.34 -33.74
C ILE A 159 -10.57 0.92 -33.63
N THR A 160 -11.36 -0.03 -33.12
CA THR A 160 -10.93 -1.39 -32.99
C THR A 160 -11.18 -2.12 -34.30
N GLY A 161 -10.31 -3.09 -34.56
CA GLY A 161 -10.34 -3.91 -35.75
C GLY A 161 -9.19 -4.92 -35.72
N LYS A 162 -8.89 -5.52 -36.86
CA LYS A 162 -7.75 -6.38 -37.04
C LYS A 162 -6.52 -5.69 -36.43
N GLU A 163 -6.22 -4.51 -36.94
CA GLU A 163 -5.32 -3.58 -36.29
C GLU A 163 -6.19 -2.45 -35.67
N ASP A 164 -5.73 -1.90 -34.54
CA ASP A 164 -6.46 -0.87 -33.85
C ASP A 164 -5.85 0.49 -34.19
N VAL A 165 -6.70 1.49 -34.31
CA VAL A 165 -6.28 2.88 -34.61
C VAL A 165 -6.65 3.80 -33.43
N ILE A 166 -5.68 4.62 -32.99
CA ILE A 166 -5.96 5.67 -32.01
C ILE A 166 -5.54 7.06 -32.60
N VAL A 167 -6.46 8.00 -32.49
CA VAL A 167 -6.16 9.40 -32.86
C VAL A 167 -6.44 10.27 -31.65
N GLN A 168 -5.40 10.97 -31.20
CA GLN A 168 -5.54 12.01 -30.15
C GLN A 168 -4.65 13.17 -30.47
N GLY A 169 -5.22 14.36 -30.38
CA GLY A 169 -4.50 15.61 -30.79
C GLY A 169 -3.91 15.50 -32.19
N ASP A 170 -2.62 15.71 -32.33
CA ASP A 170 -2.01 15.67 -33.65
C ASP A 170 -1.39 14.31 -34.02
N LYS A 171 -1.65 13.24 -33.24
CA LYS A 171 -1.00 11.96 -33.52
C LYS A 171 -2.01 10.91 -33.89
N ALA A 172 -1.61 10.04 -34.79
CA ALA A 172 -2.38 8.88 -35.15
C ALA A 172 -1.47 7.68 -34.96
N ILE A 173 -2.02 6.61 -34.40
CA ILE A 173 -1.25 5.39 -34.14
C ILE A 173 -2.02 4.12 -34.56
N VAL A 174 -1.29 3.17 -35.11
CA VAL A 174 -1.81 1.87 -35.51
C VAL A 174 -1.14 0.80 -34.62
N LEU A 175 -1.96 0.02 -33.93
CA LEU A 175 -1.54 -1.06 -33.06
C LEU A 175 -1.96 -2.42 -33.62
N ALA A 176 -1.11 -3.44 -33.42
CA ALA A 176 -1.29 -4.72 -34.06
C ALA A 176 -1.03 -5.90 -33.10
N ASN A 177 -1.74 -5.89 -31.98
CA ASN A 177 -1.74 -6.96 -31.03
C ASN A 177 -3.10 -7.63 -30.97
N GLY A 178 -3.13 -8.81 -30.37
CA GLY A 178 -4.41 -9.48 -30.01
C GLY A 178 -4.59 -10.90 -30.53
N SER A 179 -5.82 -11.39 -30.45
CA SER A 179 -6.17 -12.68 -30.94
C SER A 179 -7.54 -12.77 -31.62
N PRO A 180 -7.69 -13.66 -32.60
CA PRO A 180 -8.98 -13.86 -33.28
C PRO A 180 -10.08 -14.39 -32.36
N LEU A 181 -9.70 -15.13 -31.31
CA LEU A 181 -10.64 -15.61 -30.32
C LEU A 181 -11.37 -14.49 -29.61
N LEU A 182 -10.74 -13.33 -29.48
CA LEU A 182 -11.45 -12.16 -28.94
C LEU A 182 -12.76 -11.87 -29.64
N ALA A 183 -12.79 -11.98 -30.95
CA ALA A 183 -14.04 -11.73 -31.71
C ALA A 183 -15.15 -12.78 -31.42
N ARG A 184 -14.83 -13.89 -30.77
CA ARG A 184 -15.79 -14.94 -30.49
C ARG A 184 -16.21 -14.94 -29.04
N VAL A 185 -15.85 -13.88 -28.33
CA VAL A 185 -16.23 -13.72 -26.96
C VAL A 185 -17.09 -12.46 -26.88
N THR A 186 -18.32 -12.58 -26.38
CA THR A 186 -19.28 -11.45 -26.45
C THR A 186 -18.86 -10.24 -25.67
N GLY A 187 -18.25 -10.38 -24.51
CA GLY A 187 -17.87 -9.04 -23.92
C GLY A 187 -16.80 -8.12 -24.61
N ALA A 188 -15.96 -8.69 -25.50
CA ALA A 188 -14.55 -8.20 -25.67
C ALA A 188 -14.41 -6.69 -25.83
N GLY A 189 -15.00 -6.15 -26.89
CA GLY A 189 -14.85 -4.74 -27.15
C GLY A 189 -15.59 -3.88 -26.14
N CYS A 190 -16.67 -4.44 -25.60
CA CYS A 190 -17.45 -3.69 -24.64
C CYS A 190 -16.56 -3.62 -23.36
N LEU A 191 -15.87 -4.76 -23.06
CA LEU A 191 -14.91 -4.77 -21.98
C LEU A 191 -13.75 -3.82 -22.24
N LEU A 192 -13.28 -3.72 -23.46
CA LEU A 192 -12.19 -2.77 -23.76
C LEU A 192 -12.56 -1.32 -23.41
N GLY A 193 -13.79 -0.98 -23.68
CA GLY A 193 -14.31 0.37 -23.33
C GLY A 193 -14.14 0.59 -21.82
N GLY A 194 -14.49 -0.41 -21.03
CA GLY A 194 -14.30 -0.29 -19.59
C GLY A 194 -12.84 -0.18 -19.20
N ILE A 195 -11.98 -0.98 -19.84
CA ILE A 195 -10.54 -0.99 -19.51
C ILE A 195 -10.00 0.44 -19.79
N ILE A 196 -10.30 0.95 -20.98
CA ILE A 196 -9.85 2.33 -21.33
C ILE A 196 -10.26 3.30 -20.23
N ALA A 197 -11.51 3.25 -19.78
CA ALA A 197 -11.97 4.11 -18.68
C ALA A 197 -11.11 3.97 -17.45
N GLY A 198 -10.67 2.71 -17.17
CA GLY A 198 -9.80 2.43 -16.05
C GLY A 198 -8.46 3.11 -16.12
N PHE A 199 -8.04 3.48 -17.34
CA PHE A 199 -6.71 4.10 -17.55
C PHE A 199 -6.75 5.63 -17.50
N LEU A 200 -7.91 6.22 -17.24
CA LEU A 200 -8.03 7.72 -17.48
C LEU A 200 -7.63 8.61 -16.30
N PHE A 201 -7.74 8.10 -15.08
CA PHE A 201 -7.36 8.87 -13.88
C PHE A 201 -7.86 10.33 -13.94
N ARG A 202 -9.11 10.47 -14.33
CA ARG A 202 -9.82 11.74 -14.25
C ARG A 202 -9.26 12.81 -15.18
N GLU A 203 -8.59 12.39 -16.26
CA GLU A 203 -8.18 13.31 -17.34
C GLU A 203 -9.23 13.38 -18.43
N THR A 204 -9.87 14.53 -18.54
CA THR A 204 -10.86 14.75 -19.56
C THR A 204 -10.22 14.88 -20.94
N GLU A 205 -8.94 15.18 -21.03
CA GLU A 205 -8.23 15.13 -22.32
C GLU A 205 -7.03 14.16 -22.22
N PRO A 206 -7.29 12.86 -22.30
CA PRO A 206 -6.20 11.93 -21.91
C PRO A 206 -5.02 11.93 -22.83
N ASP A 207 -3.88 11.70 -22.24
CA ASP A 207 -2.67 11.52 -22.99
C ASP A 207 -2.80 10.30 -23.90
N ILE A 208 -2.37 10.44 -25.15
CA ILE A 208 -2.45 9.31 -26.07
C ILE A 208 -1.72 8.05 -25.50
N GLU A 209 -0.70 8.26 -24.70
CA GLU A 209 0.08 7.15 -24.13
C GLU A 209 -0.76 6.29 -23.21
N ALA A 210 -1.72 6.91 -22.52
CA ALA A 210 -2.65 6.16 -21.67
C ALA A 210 -3.62 5.29 -22.50
N LEU A 211 -4.01 5.79 -23.67
CA LEU A 211 -4.88 5.05 -24.52
C LEU A 211 -4.11 3.91 -25.16
N ILE A 212 -2.91 4.20 -25.63
CA ILE A 212 -2.05 3.15 -26.22
C ILE A 212 -1.85 2.01 -25.23
N GLU A 213 -1.58 2.37 -23.98
CA GLU A 213 -1.34 1.37 -22.95
C GLU A 213 -2.62 0.56 -22.66
N ALA A 214 -3.77 1.21 -22.59
CA ALA A 214 -5.04 0.50 -22.33
C ALA A 214 -5.34 -0.56 -23.38
N VAL A 215 -5.24 -0.18 -24.63
CA VAL A 215 -5.49 -1.08 -25.72
C VAL A 215 -4.42 -2.23 -25.75
N SER A 216 -3.16 -1.91 -25.51
CA SER A 216 -2.08 -2.87 -25.68
C SER A 216 -2.06 -3.90 -24.56
N VAL A 217 -2.30 -3.43 -23.35
CA VAL A 217 -2.51 -4.31 -22.19
C VAL A 217 -3.62 -5.35 -22.44
N PHE A 218 -4.75 -4.85 -22.93
CA PHE A 218 -5.87 -5.73 -23.31
C PHE A 218 -5.52 -6.71 -24.43
N ASN A 219 -4.98 -6.21 -25.55
CA ASN A 219 -4.69 -7.10 -26.66
C ASN A 219 -3.52 -8.08 -26.38
N ILE A 220 -2.52 -7.65 -25.62
CA ILE A 220 -1.37 -8.49 -25.29
C ILE A 220 -1.78 -9.62 -24.37
N ALA A 221 -2.63 -9.28 -23.39
CA ALA A 221 -3.23 -10.28 -22.55
C ALA A 221 -4.06 -11.28 -23.36
N ALA A 222 -4.86 -10.80 -24.31
CA ALA A 222 -5.58 -11.73 -25.17
C ALA A 222 -4.66 -12.66 -25.96
N GLU A 223 -3.61 -12.08 -26.55
CA GLU A 223 -2.61 -12.83 -27.31
C GLU A 223 -2.02 -14.01 -26.50
N VAL A 224 -1.56 -13.68 -25.29
CA VAL A 224 -0.92 -14.60 -24.40
C VAL A 224 -1.93 -15.63 -23.94
N ALA A 225 -3.12 -15.17 -23.51
CA ALA A 225 -4.16 -16.11 -23.09
C ALA A 225 -4.44 -17.17 -24.18
N ALA A 226 -4.57 -16.73 -25.43
CA ALA A 226 -4.88 -17.66 -26.54
C ALA A 226 -3.78 -18.65 -26.84
N GLU A 227 -2.56 -18.34 -26.43
CA GLU A 227 -1.42 -19.26 -26.59
C GLU A 227 -1.32 -20.26 -25.46
N ASN A 228 -2.01 -20.02 -24.38
CA ASN A 228 -1.96 -20.94 -23.26
C ASN A 228 -2.35 -22.33 -23.69
N GLU A 229 -1.65 -23.36 -23.25
CA GLU A 229 -1.97 -24.74 -23.65
C GLU A 229 -3.38 -25.19 -23.21
N ASN A 230 -3.93 -24.62 -22.16
CA ASN A 230 -5.29 -24.94 -21.71
C ASN A 230 -6.37 -24.12 -22.39
N CYS A 231 -5.98 -23.32 -23.38
CA CYS A 231 -7.02 -22.59 -24.17
C CYS A 231 -7.50 -23.51 -25.27
N GLY A 232 -8.68 -24.08 -25.11
CA GLY A 232 -9.23 -24.97 -26.10
C GLY A 232 -10.28 -24.34 -27.00
N GLY A 233 -10.50 -23.05 -26.88
CA GLY A 233 -11.60 -22.43 -27.62
C GLY A 233 -12.10 -21.19 -26.93
N PRO A 234 -13.14 -20.56 -27.49
CA PRO A 234 -13.64 -19.30 -26.92
C PRO A 234 -14.21 -19.38 -25.48
N GLY A 235 -14.67 -20.58 -25.08
CA GLY A 235 -15.11 -20.79 -23.71
C GLY A 235 -13.96 -20.67 -22.73
N THR A 236 -12.97 -21.55 -22.87
CA THR A 236 -11.84 -21.55 -21.94
C THR A 236 -10.95 -20.30 -22.04
N PHE A 237 -10.95 -19.69 -23.22
CA PHE A 237 -10.22 -18.45 -23.38
C PHE A 237 -10.55 -17.38 -22.36
N SER A 238 -11.82 -17.22 -22.08
CA SER A 238 -12.27 -16.06 -21.31
C SER A 238 -11.71 -16.08 -19.88
N PRO A 239 -11.81 -17.21 -19.14
CA PRO A 239 -11.15 -17.22 -17.83
C PRO A 239 -9.67 -16.97 -17.92
N LEU A 240 -9.05 -17.44 -19.00
CA LEU A 240 -7.61 -17.28 -19.17
C LEU A 240 -7.27 -15.82 -19.48
N LEU A 241 -8.11 -15.15 -20.22
CA LEU A 241 -7.90 -13.71 -20.44
C LEU A 241 -7.84 -12.98 -19.11
N LEU A 242 -8.77 -13.29 -18.22
CA LEU A 242 -8.81 -12.61 -16.94
C LEU A 242 -7.57 -12.95 -16.08
N ASP A 243 -7.13 -14.24 -16.06
CA ASP A 243 -5.92 -14.59 -15.39
C ASP A 243 -4.75 -13.82 -15.92
N THR A 244 -4.66 -13.72 -17.24
CA THR A 244 -3.49 -13.09 -17.87
C THR A 244 -3.44 -11.57 -17.60
N LEU A 245 -4.61 -10.90 -17.64
CA LEU A 245 -4.68 -9.50 -17.23
C LEU A 245 -4.18 -9.33 -15.80
N TYR A 246 -4.56 -10.25 -14.92
CA TYR A 246 -4.13 -10.20 -13.53
C TYR A 246 -2.59 -10.32 -13.34
N HIS A 247 -1.96 -11.17 -14.12
CA HIS A 247 -0.55 -11.43 -14.00
C HIS A 247 0.32 -10.64 -14.92
N LEU A 248 -0.25 -9.91 -15.87
CA LEU A 248 0.57 -9.24 -16.88
C LEU A 248 1.70 -8.40 -16.26
N ASN A 249 2.93 -8.61 -16.72
CA ASN A 249 4.09 -7.84 -16.24
C ASN A 249 4.77 -7.00 -17.34
N GLU A 250 5.66 -6.13 -16.89
CA GLU A 250 6.45 -5.21 -17.74
C GLU A 250 7.22 -5.95 -18.84
N THR A 251 7.85 -7.07 -18.50
CA THR A 251 8.64 -7.84 -19.45
C THR A 251 7.84 -8.40 -20.64
N THR A 252 6.75 -9.07 -20.35
CA THR A 252 5.83 -9.55 -21.37
C THR A 252 5.28 -8.36 -22.22
N TYR A 253 4.85 -7.30 -21.55
CA TYR A 253 4.32 -6.11 -22.25
C TYR A 253 5.34 -5.54 -23.27
N GLN A 254 6.56 -5.27 -22.81
CA GLN A 254 7.63 -4.74 -23.67
C GLN A 254 8.04 -5.74 -24.80
N GLN A 255 8.14 -7.03 -24.50
CA GLN A 255 8.41 -8.05 -25.53
C GLN A 255 7.38 -8.07 -26.64
N ARG A 256 6.11 -7.85 -26.32
CA ARG A 256 5.06 -8.12 -27.28
C ARG A 256 4.39 -6.93 -27.94
N ILE A 257 4.57 -5.74 -27.42
CA ILE A 257 3.87 -4.60 -28.02
C ILE A 257 4.26 -4.39 -29.49
N ARG A 258 3.25 -4.19 -30.35
CA ARG A 258 3.46 -3.88 -31.76
C ARG A 258 2.74 -2.59 -32.11
N ILE A 259 3.51 -1.56 -32.41
CA ILE A 259 3.01 -0.19 -32.52
C ILE A 259 3.65 0.61 -33.66
N GLN A 260 2.85 1.40 -34.36
CA GLN A 260 3.40 2.19 -35.44
C GLN A 260 2.64 3.52 -35.65
N GLU A 261 3.42 4.57 -35.88
CA GLU A 261 2.89 5.92 -35.94
C GLU A 261 2.50 6.27 -37.39
N VAL A 262 1.39 6.97 -37.54
CA VAL A 262 0.83 7.44 -38.84
C VAL A 262 0.41 6.27 -39.70
N MET B 1 -24.14 -32.68 -40.78
CA MET B 1 -24.27 -31.31 -40.24
C MET B 1 -24.41 -30.25 -41.32
N ASN B 2 -25.41 -30.42 -42.16
CA ASN B 2 -25.72 -29.47 -43.17
C ASN B 2 -25.85 -28.01 -42.61
N TYR B 3 -26.76 -27.79 -41.69
CA TYR B 3 -27.12 -26.42 -41.25
C TYR B 3 -25.96 -25.74 -40.48
N LEU B 4 -25.25 -26.50 -39.63
CA LEU B 4 -24.22 -25.88 -38.82
C LEU B 4 -23.09 -25.36 -39.67
N ASN B 5 -22.77 -26.04 -40.76
CA ASN B 5 -21.76 -25.55 -41.68
C ASN B 5 -22.21 -24.18 -42.23
N ASN B 6 -23.48 -24.08 -42.57
CA ASN B 6 -23.98 -22.82 -43.11
C ASN B 6 -23.98 -21.70 -42.08
N ILE B 7 -24.17 -22.04 -40.80
CA ILE B 7 -24.17 -21.02 -39.77
C ILE B 7 -22.76 -20.45 -39.66
N ARG B 8 -21.77 -21.34 -39.66
CA ARG B 8 -20.37 -20.91 -39.55
C ARG B 8 -19.92 -20.03 -40.73
N ILE B 9 -20.45 -20.30 -41.90
CA ILE B 9 -20.09 -19.54 -43.08
C ILE B 9 -20.90 -18.21 -43.22
N GLU B 10 -22.21 -18.26 -43.00
CA GLU B 10 -23.10 -17.13 -43.26
C GLU B 10 -23.21 -16.17 -42.09
N ASN B 11 -22.91 -16.64 -40.88
CA ASN B 11 -22.91 -15.79 -39.69
C ASN B 11 -24.27 -15.11 -39.46
N PRO B 12 -25.34 -15.90 -39.40
CA PRO B 12 -26.69 -15.31 -39.33
C PRO B 12 -27.00 -14.40 -38.11
N LEU B 13 -27.52 -13.21 -38.40
CA LEU B 13 -27.93 -12.27 -37.40
C LEU B 13 -29.13 -12.86 -36.70
N THR B 14 -29.03 -13.02 -35.39
CA THR B 14 -30.00 -13.70 -34.59
C THR B 14 -30.36 -12.83 -33.40
N ILE B 15 -31.56 -12.23 -33.43
CA ILE B 15 -31.99 -11.28 -32.42
C ILE B 15 -32.45 -12.05 -31.24
N CYS B 16 -32.05 -11.63 -30.04
CA CYS B 16 -32.50 -12.27 -28.83
C CYS B 16 -33.11 -11.27 -27.86
N TYR B 17 -34.36 -11.50 -27.50
CA TYR B 17 -35.03 -10.79 -26.41
C TYR B 17 -35.18 -11.86 -25.34
N THR B 18 -34.22 -11.96 -24.46
CA THR B 18 -34.19 -13.11 -23.51
C THR B 18 -33.98 -12.63 -22.08
N ASN B 19 -33.83 -13.56 -21.12
CA ASN B 19 -33.93 -13.16 -19.71
C ASN B 19 -32.58 -12.71 -19.19
N ASP B 20 -32.60 -11.95 -18.11
CA ASP B 20 -31.45 -11.28 -17.59
C ASP B 20 -30.44 -12.27 -16.96
N VAL B 21 -30.81 -13.52 -16.72
CA VAL B 21 -29.85 -14.46 -16.14
C VAL B 21 -28.95 -15.07 -17.23
N VAL B 22 -29.41 -15.05 -18.48
CA VAL B 22 -28.79 -15.88 -19.54
C VAL B 22 -28.30 -15.12 -20.75
N LYS B 23 -28.36 -13.78 -20.72
CA LYS B 23 -28.04 -13.06 -21.96
C LYS B 23 -26.62 -13.35 -22.41
N ASN B 24 -25.69 -13.21 -21.49
CA ASN B 24 -24.30 -13.36 -21.84
C ASN B 24 -24.05 -14.76 -22.38
N PHE B 25 -24.61 -15.77 -21.73
CA PHE B 25 -24.33 -17.16 -22.11
C PHE B 25 -24.94 -17.47 -23.45
N THR B 26 -26.12 -16.90 -23.69
CA THR B 26 -26.82 -17.12 -24.95
C THR B 26 -26.03 -16.49 -26.09
N ALA B 27 -25.57 -15.24 -25.90
CA ALA B 27 -24.73 -14.58 -26.93
C ALA B 27 -23.46 -15.38 -27.17
N ASN B 28 -22.81 -15.81 -26.11
CA ASN B 28 -21.57 -16.65 -26.31
C ASN B 28 -21.82 -18.00 -26.99
N GLY B 29 -22.95 -18.63 -26.71
CA GLY B 29 -23.31 -19.93 -27.36
C GLY B 29 -23.52 -19.71 -28.84
N LEU B 30 -24.24 -18.64 -29.17
CA LEU B 30 -24.38 -18.31 -30.53
C LEU B 30 -23.07 -18.00 -31.21
N LEU B 31 -22.24 -17.16 -30.59
CA LEU B 31 -21.01 -16.80 -31.23
C LEU B 31 -20.22 -18.10 -31.44
N SER B 32 -20.27 -19.05 -30.48
CA SER B 32 -19.41 -20.23 -30.60
C SER B 32 -19.76 -21.10 -31.84
N ILE B 33 -21.03 -21.12 -32.25
CA ILE B 33 -21.42 -21.89 -33.45
C ILE B 33 -21.41 -21.02 -34.73
N GLY B 34 -20.93 -19.78 -34.61
CA GLY B 34 -20.71 -18.92 -35.77
C GLY B 34 -21.82 -17.94 -36.02
N ALA B 35 -22.85 -17.92 -35.17
CA ALA B 35 -23.97 -16.95 -35.44
C ALA B 35 -23.56 -15.57 -34.97
N SER B 36 -24.37 -14.57 -35.33
CA SER B 36 -24.15 -13.23 -34.89
C SER B 36 -25.33 -12.76 -33.99
N PRO B 37 -25.15 -12.83 -32.68
CA PRO B 37 -26.23 -12.45 -31.78
C PRO B 37 -26.37 -10.95 -31.58
N ALA B 38 -27.60 -10.48 -31.42
CA ALA B 38 -27.86 -9.11 -31.08
C ALA B 38 -28.99 -9.04 -30.10
N MET B 39 -28.71 -8.58 -28.90
CA MET B 39 -29.71 -8.54 -27.90
C MET B 39 -30.40 -7.16 -28.00
N SER B 40 -31.16 -6.94 -29.05
CA SER B 40 -31.91 -5.64 -29.20
C SER B 40 -33.26 -5.76 -28.53
N GLU B 41 -33.59 -4.81 -27.64
CA GLU B 41 -34.84 -4.83 -26.90
C GLU B 41 -35.79 -3.64 -27.12
N ALA B 42 -35.34 -2.66 -27.87
CA ALA B 42 -36.17 -1.46 -28.19
C ALA B 42 -37.06 -1.71 -29.35
N PRO B 43 -38.38 -1.66 -29.13
CA PRO B 43 -39.33 -1.66 -30.27
C PRO B 43 -39.01 -0.64 -31.39
N GLU B 44 -38.35 0.44 -31.01
CA GLU B 44 -38.12 1.61 -31.93
C GLU B 44 -37.11 1.23 -33.02
N GLU B 45 -36.32 0.17 -32.79
CA GLU B 45 -35.37 -0.25 -33.84
C GLU B 45 -35.71 -1.62 -34.45
N ALA B 46 -36.85 -2.18 -34.05
CA ALA B 46 -37.14 -3.57 -34.43
C ALA B 46 -37.36 -3.70 -35.91
N GLU B 47 -38.06 -2.73 -36.52
CA GLU B 47 -38.29 -2.73 -37.93
CA GLU B 47 -38.26 -2.79 -37.98
C GLU B 47 -36.97 -2.85 -38.75
N GLU B 48 -35.98 -2.03 -38.42
CA GLU B 48 -34.76 -2.00 -39.17
C GLU B 48 -33.92 -3.25 -38.87
N PHE B 49 -33.82 -3.61 -37.61
CA PHE B 49 -33.04 -4.82 -37.27
C PHE B 49 -33.65 -6.04 -37.96
N TYR B 50 -34.97 -6.19 -37.86
CA TYR B 50 -35.63 -7.41 -38.30
C TYR B 50 -35.59 -7.60 -39.81
N LYS B 51 -35.54 -6.53 -40.57
CA LYS B 51 -35.44 -6.65 -42.00
C LYS B 51 -34.24 -7.49 -42.46
N VAL B 52 -33.11 -7.39 -41.76
CA VAL B 52 -31.84 -8.05 -42.13
C VAL B 52 -31.49 -9.25 -41.24
N ALA B 53 -32.33 -9.56 -40.28
CA ALA B 53 -32.07 -10.67 -39.35
C ALA B 53 -32.62 -11.98 -39.86
N GLN B 54 -32.12 -13.08 -39.28
CA GLN B 54 -32.58 -14.41 -39.67
C GLN B 54 -33.57 -15.06 -38.72
N ALA B 55 -33.59 -14.64 -37.47
CA ALA B 55 -34.59 -15.11 -36.52
C ALA B 55 -34.64 -14.19 -35.32
N LEU B 56 -35.71 -14.31 -34.56
CA LEU B 56 -35.87 -13.68 -33.26
C LEU B 56 -36.21 -14.72 -32.16
N LEU B 57 -35.52 -14.66 -31.04
CA LEU B 57 -35.86 -15.47 -29.85
C LEU B 57 -36.59 -14.59 -28.85
N ILE B 58 -37.74 -15.01 -28.38
CA ILE B 58 -38.42 -14.40 -27.27
C ILE B 58 -38.41 -15.42 -26.09
N ASN B 59 -37.79 -15.05 -24.98
CA ASN B 59 -37.75 -15.86 -23.77
C ASN B 59 -38.21 -15.00 -22.61
N ILE B 60 -39.25 -15.45 -21.92
CA ILE B 60 -39.86 -14.72 -20.82
C ILE B 60 -39.40 -15.03 -19.42
N GLY B 61 -38.19 -15.60 -19.28
CA GLY B 61 -37.64 -15.94 -17.95
C GLY B 61 -37.74 -14.86 -16.87
N THR B 62 -37.53 -13.59 -17.24
CA THR B 62 -37.58 -12.55 -16.21
C THR B 62 -38.63 -11.51 -16.63
N LEU B 63 -39.79 -11.99 -17.08
CA LEU B 63 -40.93 -11.16 -17.43
C LEU B 63 -41.36 -10.22 -16.32
N THR B 64 -41.52 -8.93 -16.66
CA THR B 64 -42.04 -7.91 -15.77
C THR B 64 -42.93 -6.94 -16.56
N ALA B 65 -43.66 -6.09 -15.85
CA ALA B 65 -44.55 -5.11 -16.48
C ALA B 65 -43.87 -4.27 -17.56
N GLN B 66 -42.60 -3.97 -17.36
CA GLN B 66 -41.81 -3.22 -18.31
C GLN B 66 -41.52 -3.97 -19.63
N ASN B 67 -41.56 -5.29 -19.62
CA ASN B 67 -41.37 -6.12 -20.81
C ASN B 67 -42.64 -6.36 -21.59
N GLU B 68 -43.79 -6.41 -20.91
CA GLU B 68 -45.01 -7.02 -21.51
C GLU B 68 -45.40 -6.38 -22.83
N GLN B 69 -45.51 -5.06 -22.82
CA GLN B 69 -45.97 -4.37 -24.03
C GLN B 69 -44.91 -4.44 -25.14
N ASP B 70 -43.67 -4.20 -24.77
CA ASP B 70 -42.57 -4.26 -25.74
C ASP B 70 -42.55 -5.61 -26.46
N ILE B 71 -42.73 -6.70 -25.70
CA ILE B 71 -42.66 -8.03 -26.30
C ILE B 71 -43.76 -8.30 -27.30
N ILE B 72 -44.97 -7.89 -26.94
CA ILE B 72 -46.12 -8.02 -27.84
C ILE B 72 -45.84 -7.19 -29.10
N ALA B 73 -45.36 -5.96 -28.90
CA ALA B 73 -45.06 -5.05 -30.06
C ALA B 73 -44.01 -5.65 -30.98
N ILE B 74 -42.89 -6.16 -30.43
CA ILE B 74 -41.85 -6.68 -31.32
C ILE B 74 -42.28 -7.99 -32.03
N ALA B 75 -43.13 -8.79 -31.37
CA ALA B 75 -43.61 -10.03 -32.02
C ALA B 75 -44.44 -9.70 -33.24
N GLN B 76 -45.26 -8.65 -33.10
CA GLN B 76 -46.01 -8.13 -34.24
C GLN B 76 -45.12 -7.58 -35.35
N THR B 77 -44.12 -6.81 -34.97
CA THR B 77 -43.14 -6.36 -35.96
C THR B 77 -42.41 -7.53 -36.65
N ALA B 78 -42.10 -8.62 -35.91
CA ALA B 78 -41.47 -9.77 -36.52
C ALA B 78 -42.38 -10.44 -37.52
N ASN B 79 -43.63 -10.62 -37.14
CA ASN B 79 -44.62 -11.17 -38.10
C ASN B 79 -44.71 -10.31 -39.39
N GLU B 80 -44.86 -8.99 -39.23
CA GLU B 80 -44.95 -8.09 -40.41
C GLU B 80 -43.69 -8.19 -41.27
N ALA B 81 -42.53 -8.45 -40.65
CA ALA B 81 -41.29 -8.59 -41.40
C ALA B 81 -41.05 -9.99 -41.96
N GLY B 82 -41.90 -10.95 -41.64
CA GLY B 82 -41.64 -12.34 -41.98
C GLY B 82 -40.44 -12.97 -41.21
N LEU B 83 -40.12 -12.41 -40.07
CA LEU B 83 -38.99 -12.89 -39.30
C LEU B 83 -39.47 -14.00 -38.36
N PRO B 84 -38.91 -15.20 -38.49
CA PRO B 84 -39.33 -16.28 -37.58
C PRO B 84 -39.02 -16.08 -36.11
N ILE B 85 -39.95 -16.48 -35.27
CA ILE B 85 -39.86 -16.32 -33.84
C ILE B 85 -39.73 -17.71 -33.16
N VAL B 86 -38.71 -17.85 -32.31
CA VAL B 86 -38.65 -18.96 -31.35
C VAL B 86 -39.15 -18.42 -30.02
N PHE B 87 -40.11 -19.12 -29.42
CA PHE B 87 -40.73 -18.67 -28.14
C PHE B 87 -40.44 -19.66 -27.04
N ASP B 88 -39.84 -19.17 -25.95
N ASP B 88 -39.86 -19.16 -25.96
CA ASP B 88 -39.57 -19.98 -24.75
CA ASP B 88 -39.54 -19.94 -24.76
C ASP B 88 -40.48 -19.49 -23.60
C ASP B 88 -40.48 -19.49 -23.62
N PRO B 89 -41.60 -20.19 -23.39
CA PRO B 89 -42.48 -19.80 -22.29
C PRO B 89 -42.02 -20.30 -20.89
N VAL B 90 -40.90 -19.76 -20.43
CA VAL B 90 -40.24 -20.20 -19.21
C VAL B 90 -41.17 -20.13 -18.02
N ALA B 91 -41.28 -21.24 -17.28
CA ALA B 91 -42.04 -21.34 -16.04
C ALA B 91 -43.49 -20.91 -16.15
N VAL B 92 -44.09 -21.06 -17.33
CA VAL B 92 -45.43 -20.60 -17.58
C VAL B 92 -46.44 -21.24 -16.62
N GLY B 93 -46.17 -22.47 -16.23
CA GLY B 93 -47.01 -23.15 -15.25
C GLY B 93 -46.91 -22.66 -13.81
N ALA B 94 -45.92 -21.83 -13.47
CA ALA B 94 -45.70 -21.39 -12.08
C ALA B 94 -46.54 -20.19 -11.64
N SER B 95 -47.08 -19.41 -12.58
CA SER B 95 -47.97 -18.28 -12.18
C SER B 95 -49.04 -17.95 -13.19
N THR B 96 -50.14 -17.44 -12.69
CA THR B 96 -51.24 -17.01 -13.54
C THR B 96 -50.74 -15.79 -14.37
N TYR B 97 -49.89 -14.96 -13.80
CA TYR B 97 -49.23 -13.88 -14.49
C TYR B 97 -48.55 -14.34 -15.80
N ARG B 98 -47.74 -15.40 -15.73
CA ARG B 98 -47.13 -15.93 -16.95
C ARG B 98 -48.13 -16.61 -17.90
N LYS B 99 -49.07 -17.38 -17.36
CA LYS B 99 -50.07 -18.04 -18.20
C LYS B 99 -50.84 -17.01 -19.01
N GLN B 100 -51.30 -15.96 -18.35
CA GLN B 100 -52.09 -14.94 -19.06
C GLN B 100 -51.23 -14.27 -20.14
N PHE B 101 -49.98 -13.96 -19.81
CA PHE B 101 -49.13 -13.32 -20.79
C PHE B 101 -48.85 -14.20 -22.03
N CYS B 102 -48.55 -15.48 -21.80
CA CYS B 102 -48.26 -16.39 -22.89
C CYS B 102 -49.48 -16.58 -23.80
N LYS B 103 -50.65 -16.70 -23.19
CA LYS B 103 -51.91 -16.73 -23.90
C LYS B 103 -52.10 -15.48 -24.79
N LEU B 104 -51.88 -14.31 -24.20
CA LEU B 104 -52.03 -13.05 -24.95
C LEU B 104 -51.07 -13.03 -26.14
N LEU B 105 -49.83 -13.50 -25.90
CA LEU B 105 -48.81 -13.45 -26.94
C LEU B 105 -49.18 -14.35 -28.11
N LEU B 106 -49.58 -15.58 -27.81
CA LEU B 106 -49.89 -16.54 -28.84
C LEU B 106 -51.21 -16.24 -29.53
N LYS B 107 -52.05 -15.43 -28.91
CA LYS B 107 -53.22 -14.87 -29.61
C LYS B 107 -52.85 -13.66 -30.49
N SER B 108 -51.80 -12.94 -30.13
CA SER B 108 -51.41 -11.72 -30.83
C SER B 108 -50.41 -11.95 -31.99
N ALA B 109 -49.69 -13.07 -32.00
CA ALA B 109 -48.69 -13.29 -33.03
C ALA B 109 -48.51 -14.75 -33.33
N LYS B 110 -48.11 -15.03 -34.56
CA LYS B 110 -47.77 -16.38 -34.96
C LYS B 110 -46.28 -16.60 -34.65
N VAL B 111 -45.94 -17.64 -33.90
CA VAL B 111 -44.52 -17.98 -33.74
C VAL B 111 -44.12 -19.17 -34.62
N SER B 112 -42.81 -19.45 -34.72
CA SER B 112 -42.35 -20.49 -35.61
C SER B 112 -41.87 -21.77 -34.89
N VAL B 113 -41.40 -21.62 -33.65
CA VAL B 113 -41.10 -22.75 -32.78
C VAL B 113 -41.52 -22.40 -31.39
N ILE B 114 -42.20 -23.30 -30.72
CA ILE B 114 -42.43 -23.17 -29.29
C ILE B 114 -41.59 -24.24 -28.57
N LYS B 115 -40.73 -23.83 -27.66
CA LYS B 115 -39.86 -24.70 -26.96
C LYS B 115 -40.04 -24.57 -25.43
N GLY B 116 -40.18 -25.71 -24.76
CA GLY B 116 -40.15 -25.77 -23.32
C GLY B 116 -39.96 -27.20 -22.84
N ASN B 117 -40.01 -27.37 -21.53
CA ASN B 117 -40.11 -28.69 -20.92
C ASN B 117 -41.56 -29.12 -20.93
N ALA B 118 -41.81 -30.34 -20.47
CA ALA B 118 -43.10 -30.96 -20.58
C ALA B 118 -44.17 -30.20 -19.80
N SER B 119 -43.82 -29.70 -18.64
CA SER B 119 -44.84 -29.15 -17.79
C SER B 119 -45.16 -27.71 -18.30
N GLU B 120 -44.17 -27.06 -18.92
CA GLU B 120 -44.41 -25.75 -19.53
C GLU B 120 -45.39 -25.86 -20.72
N ILE B 121 -45.14 -26.80 -21.63
CA ILE B 121 -45.99 -26.98 -22.78
C ILE B 121 -47.37 -27.47 -22.37
N LEU B 122 -47.43 -28.38 -21.37
CA LEU B 122 -48.69 -28.83 -20.84
C LEU B 122 -49.52 -27.66 -20.30
N ALA B 123 -48.86 -26.77 -19.56
CA ALA B 123 -49.56 -25.67 -18.95
C ALA B 123 -50.11 -24.75 -20.06
N LEU B 124 -49.39 -24.60 -21.17
CA LEU B 124 -49.86 -23.83 -22.32
C LEU B 124 -51.16 -24.31 -22.89
N ILE B 125 -51.27 -25.63 -23.03
CA ILE B 125 -52.46 -26.23 -23.62
C ILE B 125 -53.55 -26.49 -22.56
N ASP B 126 -53.15 -26.45 -21.28
CA ASP B 126 -53.91 -26.85 -20.07
C ASP B 126 -53.64 -28.33 -19.73
N LEU B 140 -44.76 -35.75 -18.53
CA LEU B 140 -45.15 -37.14 -18.67
C LEU B 140 -46.12 -37.32 -19.87
N ASP B 141 -45.76 -38.28 -20.71
CA ASP B 141 -45.98 -38.30 -22.15
C ASP B 141 -45.76 -37.00 -22.99
N ALA B 142 -44.48 -36.70 -23.18
CA ALA B 142 -44.02 -35.58 -23.99
C ALA B 142 -44.49 -35.66 -25.44
N VAL B 143 -44.47 -36.85 -26.02
CA VAL B 143 -44.93 -37.04 -27.40
C VAL B 143 -46.40 -36.62 -27.57
N THR B 144 -47.27 -37.10 -26.69
CA THR B 144 -48.68 -36.73 -26.76
C THR B 144 -48.89 -35.26 -26.57
N ILE B 145 -48.17 -34.68 -25.61
CA ILE B 145 -48.33 -33.28 -25.29
C ILE B 145 -47.88 -32.42 -26.48
N ALA B 146 -46.76 -32.80 -27.08
CA ALA B 146 -46.22 -32.07 -28.19
C ALA B 146 -47.18 -32.15 -29.38
N LYS B 147 -47.78 -33.31 -29.63
CA LYS B 147 -48.80 -33.45 -30.69
C LYS B 147 -50.05 -32.60 -30.43
N LYS B 148 -50.51 -32.57 -29.19
CA LYS B 148 -51.63 -31.78 -28.81
C LYS B 148 -51.31 -30.30 -29.04
N ALA B 149 -50.13 -29.88 -28.61
CA ALA B 149 -49.73 -28.51 -28.76
C ALA B 149 -49.57 -28.14 -30.24
N TYR B 150 -49.08 -29.07 -31.05
CA TYR B 150 -48.96 -28.79 -32.47
C TYR B 150 -50.32 -28.56 -33.11
N ALA B 151 -51.30 -29.40 -32.74
CA ALA B 151 -52.65 -29.28 -33.31
C ALA B 151 -53.26 -27.93 -32.98
N ILE B 152 -53.01 -27.45 -31.79
CA ILE B 152 -53.60 -26.22 -31.33
C ILE B 152 -52.92 -25.03 -32.02
N TYR B 153 -51.60 -25.01 -32.03
CA TYR B 153 -50.88 -23.81 -32.48
C TYR B 153 -50.40 -23.88 -33.92
N LYS B 154 -50.42 -25.08 -34.53
CA LYS B 154 -49.91 -25.28 -35.89
C LYS B 154 -48.54 -24.66 -36.05
N THR B 155 -47.67 -24.92 -35.06
CA THR B 155 -46.35 -24.38 -34.94
C THR B 155 -45.43 -25.49 -34.40
N ALA B 156 -44.21 -25.58 -34.92
CA ALA B 156 -43.26 -26.59 -34.47
C ALA B 156 -43.15 -26.52 -32.96
N ILE B 157 -43.13 -27.67 -32.34
CA ILE B 157 -43.01 -27.76 -30.89
C ILE B 157 -41.74 -28.55 -30.60
N VAL B 158 -40.93 -28.02 -29.70
CA VAL B 158 -39.81 -28.77 -29.14
C VAL B 158 -40.01 -28.91 -27.63
N ILE B 159 -40.04 -30.16 -27.14
CA ILE B 159 -40.12 -30.39 -25.72
C ILE B 159 -38.84 -31.05 -25.24
N THR B 160 -38.14 -30.34 -24.36
CA THR B 160 -36.90 -30.84 -23.80
C THR B 160 -37.21 -31.66 -22.56
N GLY B 161 -36.36 -32.67 -22.33
CA GLY B 161 -36.48 -33.58 -21.20
C GLY B 161 -35.36 -34.60 -21.24
N LYS B 162 -35.51 -35.70 -20.48
CA LYS B 162 -34.57 -36.85 -20.51
C LYS B 162 -34.28 -37.19 -21.96
N GLU B 163 -35.34 -37.51 -22.70
CA GLU B 163 -35.30 -37.51 -24.13
C GLU B 163 -36.03 -36.23 -24.64
N ASP B 164 -35.64 -35.74 -25.80
CA ASP B 164 -36.24 -34.54 -26.39
C ASP B 164 -37.22 -34.94 -27.49
N VAL B 165 -38.33 -34.22 -27.58
CA VAL B 165 -39.34 -34.45 -28.58
C VAL B 165 -39.46 -33.24 -29.52
N ILE B 166 -39.55 -33.51 -30.82
CA ILE B 166 -39.87 -32.48 -31.81
C ILE B 166 -41.03 -32.89 -32.70
N VAL B 167 -42.01 -31.98 -32.83
CA VAL B 167 -43.12 -32.20 -33.72
C VAL B 167 -43.19 -31.03 -34.70
N GLN B 168 -43.12 -31.36 -35.98
CA GLN B 168 -43.30 -30.38 -37.05
C GLN B 168 -44.03 -31.01 -38.24
N GLY B 169 -45.05 -30.32 -38.74
CA GLY B 169 -45.89 -30.84 -39.82
C GLY B 169 -46.44 -32.23 -39.49
N ASP B 170 -46.15 -33.19 -40.34
CA ASP B 170 -46.72 -34.53 -40.14
C ASP B 170 -45.75 -35.51 -39.43
N LYS B 171 -44.65 -35.02 -38.85
CA LYS B 171 -43.68 -35.90 -38.19
C LYS B 171 -43.50 -35.62 -36.72
N ALA B 172 -43.23 -36.68 -35.96
CA ALA B 172 -42.80 -36.58 -34.58
C ALA B 172 -41.52 -37.36 -34.41
N ILE B 173 -40.59 -36.79 -33.63
CA ILE B 173 -39.32 -37.41 -33.41
C ILE B 173 -38.87 -37.33 -31.95
N VAL B 174 -38.25 -38.42 -31.48
CA VAL B 174 -37.70 -38.53 -30.15
C VAL B 174 -36.17 -38.65 -30.26
N LEU B 175 -35.47 -37.75 -29.58
CA LEU B 175 -33.98 -37.70 -29.55
C LEU B 175 -33.48 -38.08 -28.17
N ALA B 176 -32.33 -38.75 -28.11
CA ALA B 176 -31.78 -39.20 -26.82
C ALA B 176 -30.27 -38.89 -26.61
N ASN B 177 -29.89 -37.61 -26.73
CA ASN B 177 -28.50 -37.16 -26.47
C ASN B 177 -28.41 -36.25 -25.22
N GLY B 178 -27.19 -35.95 -24.75
CA GLY B 178 -26.94 -34.92 -23.74
C GLY B 178 -26.28 -35.37 -22.43
N SER B 179 -26.27 -34.48 -21.44
CA SER B 179 -25.60 -34.75 -20.17
C SER B 179 -26.38 -34.20 -18.96
N PRO B 180 -26.29 -34.87 -17.81
CA PRO B 180 -26.91 -34.38 -16.57
C PRO B 180 -26.36 -33.05 -16.06
N LEU B 181 -25.09 -32.78 -16.35
CA LEU B 181 -24.46 -31.53 -15.97
C LEU B 181 -25.13 -30.29 -16.60
N LEU B 182 -25.75 -30.47 -17.77
CA LEU B 182 -26.57 -29.39 -18.36
C LEU B 182 -27.62 -28.86 -17.43
N ALA B 183 -28.27 -29.75 -16.67
CA ALA B 183 -29.30 -29.31 -15.70
C ALA B 183 -28.73 -28.48 -14.53
N ARG B 184 -27.41 -28.46 -14.34
CA ARG B 184 -26.80 -27.74 -13.24
C ARG B 184 -26.09 -26.53 -13.72
N VAL B 185 -26.39 -26.13 -14.95
CA VAL B 185 -25.92 -24.87 -15.50
C VAL B 185 -27.11 -23.99 -15.86
N THR B 186 -27.13 -22.74 -15.36
CA THR B 186 -28.36 -21.92 -15.49
C THR B 186 -28.72 -21.51 -16.92
N GLY B 187 -27.76 -21.26 -17.78
CA GLY B 187 -28.29 -20.92 -19.14
C GLY B 187 -28.97 -22.02 -20.02
N ALA B 188 -28.77 -23.30 -19.70
CA ALA B 188 -28.79 -24.35 -20.74
C ALA B 188 -29.97 -24.28 -21.73
N GLY B 189 -31.20 -24.42 -21.24
CA GLY B 189 -32.33 -24.55 -22.11
C GLY B 189 -32.69 -23.18 -22.69
N CYS B 190 -32.33 -22.13 -21.96
CA CYS B 190 -32.60 -20.79 -22.44
C CYS B 190 -31.59 -20.46 -23.58
N LEU B 191 -30.41 -21.11 -23.45
CA LEU B 191 -29.44 -21.12 -24.54
C LEU B 191 -29.93 -21.96 -25.73
N LEU B 192 -30.56 -23.10 -25.47
CA LEU B 192 -31.00 -23.97 -26.58
C LEU B 192 -32.02 -23.20 -27.47
N GLY B 193 -32.86 -22.42 -26.82
CA GLY B 193 -33.82 -21.53 -27.57
C GLY B 193 -33.07 -20.65 -28.52
N GLY B 194 -31.98 -20.06 -28.06
CA GLY B 194 -31.16 -19.24 -28.95
C GLY B 194 -30.50 -20.00 -30.09
N ILE B 195 -29.97 -21.18 -29.79
CA ILE B 195 -29.33 -21.97 -30.79
C ILE B 195 -30.33 -22.34 -31.86
N ILE B 196 -31.51 -22.79 -31.47
CA ILE B 196 -32.53 -23.16 -32.43
C ILE B 196 -32.80 -21.93 -33.37
N ALA B 197 -32.92 -20.75 -32.79
CA ALA B 197 -33.11 -19.52 -33.61
C ALA B 197 -31.98 -19.37 -34.62
N GLY B 198 -30.78 -19.79 -34.21
CA GLY B 198 -29.63 -19.73 -35.12
C GLY B 198 -29.71 -20.64 -36.33
N PHE B 199 -30.55 -21.67 -36.23
CA PHE B 199 -30.67 -22.66 -37.28
C PHE B 199 -31.83 -22.34 -38.28
N LEU B 200 -32.54 -21.22 -38.11
CA LEU B 200 -33.77 -20.99 -38.88
C LEU B 200 -33.62 -20.36 -40.26
N PHE B 201 -32.59 -19.56 -40.46
CA PHE B 201 -32.32 -18.95 -41.76
C PHE B 201 -33.56 -18.31 -42.37
N ARG B 202 -34.32 -17.63 -41.53
CA ARG B 202 -35.50 -16.84 -41.94
C ARG B 202 -36.63 -17.68 -42.51
N GLU B 203 -36.69 -18.96 -42.12
CA GLU B 203 -37.87 -19.81 -42.45
C GLU B 203 -38.90 -19.79 -41.33
N THR B 204 -40.05 -19.25 -41.65
CA THR B 204 -41.13 -19.14 -40.71
C THR B 204 -41.77 -20.50 -40.50
N GLU B 205 -41.59 -21.43 -41.42
CA GLU B 205 -42.04 -22.79 -41.22
C GLU B 205 -40.84 -23.75 -41.36
N PRO B 206 -40.00 -23.86 -40.31
CA PRO B 206 -38.73 -24.54 -40.53
C PRO B 206 -38.84 -26.02 -40.79
N ASP B 207 -37.93 -26.50 -41.61
CA ASP B 207 -37.79 -27.92 -41.87
C ASP B 207 -37.47 -28.64 -40.56
N ILE B 208 -38.16 -29.74 -40.30
CA ILE B 208 -37.86 -30.52 -39.08
C ILE B 208 -36.37 -30.97 -38.96
N GLU B 209 -35.70 -31.13 -40.10
CA GLU B 209 -34.28 -31.47 -40.10
C GLU B 209 -33.40 -30.38 -39.47
N ALA B 210 -33.79 -29.11 -39.62
CA ALA B 210 -33.09 -28.05 -38.99
C ALA B 210 -33.25 -28.05 -37.45
N LEU B 211 -34.40 -28.46 -36.97
CA LEU B 211 -34.67 -28.47 -35.56
C LEU B 211 -33.96 -29.71 -34.94
N ILE B 212 -33.97 -30.83 -35.65
CA ILE B 212 -33.27 -32.01 -35.22
C ILE B 212 -31.77 -31.71 -35.06
N GLU B 213 -31.21 -31.00 -36.05
CA GLU B 213 -29.80 -30.63 -36.02
C GLU B 213 -29.48 -29.64 -34.91
N ALA B 214 -30.33 -28.64 -34.68
CA ALA B 214 -30.08 -27.70 -33.60
C ALA B 214 -29.99 -28.41 -32.25
N VAL B 215 -30.99 -29.20 -31.94
CA VAL B 215 -31.04 -29.89 -30.66
C VAL B 215 -29.89 -30.89 -30.51
N SER B 216 -29.56 -31.59 -31.58
CA SER B 216 -28.55 -32.67 -31.51
C SER B 216 -27.14 -32.09 -31.40
N VAL B 217 -26.87 -31.00 -32.09
CA VAL B 217 -25.63 -30.25 -31.96
C VAL B 217 -25.42 -29.84 -30.50
N PHE B 218 -26.45 -29.26 -29.93
CA PHE B 218 -26.37 -28.81 -28.55
C PHE B 218 -26.10 -30.03 -27.60
N ASN B 219 -26.93 -31.04 -27.66
CA ASN B 219 -26.82 -32.14 -26.72
C ASN B 219 -25.56 -32.97 -26.92
N ILE B 220 -25.10 -33.12 -28.17
CA ILE B 220 -23.87 -33.84 -28.45
C ILE B 220 -22.67 -33.08 -27.94
N ALA B 221 -22.67 -31.79 -28.09
CA ALA B 221 -21.63 -30.96 -27.52
C ALA B 221 -21.63 -31.04 -26.04
N ALA B 222 -22.80 -31.08 -25.40
CA ALA B 222 -22.85 -31.19 -23.95
C ALA B 222 -22.27 -32.54 -23.47
N GLU B 223 -22.65 -33.60 -24.18
CA GLU B 223 -22.12 -34.96 -23.94
C GLU B 223 -20.60 -35.01 -23.96
N VAL B 224 -20.00 -34.46 -25.04
CA VAL B 224 -18.56 -34.48 -25.28
C VAL B 224 -17.87 -33.56 -24.30
N ALA B 225 -18.42 -32.38 -24.07
CA ALA B 225 -17.84 -31.49 -23.03
C ALA B 225 -17.74 -32.19 -21.66
N ALA B 226 -18.81 -32.87 -21.24
CA ALA B 226 -18.84 -33.50 -19.94
C ALA B 226 -17.88 -34.67 -19.83
N GLU B 227 -17.44 -35.22 -20.96
CA GLU B 227 -16.44 -36.32 -20.96
C GLU B 227 -15.04 -35.80 -21.00
N ASN B 228 -14.87 -34.52 -21.30
CA ASN B 228 -13.52 -33.96 -21.31
C ASN B 228 -12.80 -34.18 -19.97
N GLU B 229 -11.52 -34.53 -20.03
CA GLU B 229 -10.74 -34.79 -18.81
C GLU B 229 -10.65 -33.56 -17.91
N ASN B 230 -10.81 -32.35 -18.47
CA ASN B 230 -10.75 -31.14 -17.64
C ASN B 230 -12.10 -30.70 -17.10
N CYS B 231 -13.15 -31.49 -17.33
CA CYS B 231 -14.44 -31.18 -16.76
C CYS B 231 -14.57 -31.72 -15.37
N GLY B 232 -14.51 -30.87 -14.37
CA GLY B 232 -14.56 -31.31 -12.97
C GLY B 232 -15.87 -31.03 -12.31
N GLY B 233 -16.87 -30.55 -13.07
CA GLY B 233 -18.12 -30.17 -12.46
C GLY B 233 -18.87 -29.11 -13.29
N PRO B 234 -19.95 -28.57 -12.72
CA PRO B 234 -20.77 -27.61 -13.53
C PRO B 234 -20.07 -26.32 -13.86
N GLY B 235 -19.09 -25.91 -13.04
CA GLY B 235 -18.29 -24.76 -13.27
C GLY B 235 -17.40 -24.85 -14.52
N THR B 236 -16.52 -25.85 -14.52
CA THR B 236 -15.65 -26.05 -15.67
C THR B 236 -16.39 -26.59 -16.89
N PHE B 237 -17.54 -27.23 -16.72
CA PHE B 237 -18.32 -27.73 -17.84
C PHE B 237 -18.76 -26.57 -18.83
N SER B 238 -19.13 -25.44 -18.28
CA SER B 238 -19.70 -24.36 -19.12
C SER B 238 -18.70 -23.81 -20.18
N PRO B 239 -17.51 -23.32 -19.77
CA PRO B 239 -16.54 -23.06 -20.81
C PRO B 239 -16.25 -24.18 -21.83
N LEU B 240 -16.16 -25.42 -21.35
CA LEU B 240 -15.93 -26.50 -22.22
C LEU B 240 -17.08 -26.76 -23.18
N LEU B 241 -18.29 -26.57 -22.73
CA LEU B 241 -19.45 -26.66 -23.63
C LEU B 241 -19.29 -25.65 -24.80
N LEU B 242 -18.84 -24.47 -24.49
CA LEU B 242 -18.65 -23.43 -25.55
C LEU B 242 -17.49 -23.84 -26.48
N ASP B 243 -16.42 -24.40 -25.92
CA ASP B 243 -15.32 -24.83 -26.75
C ASP B 243 -15.82 -25.90 -27.73
N THR B 244 -16.62 -26.83 -27.20
CA THR B 244 -17.02 -28.02 -27.93
C THR B 244 -18.01 -27.65 -29.04
N LEU B 245 -18.92 -26.72 -28.76
CA LEU B 245 -19.75 -26.12 -29.83
C LEU B 245 -18.92 -25.49 -30.91
N TYR B 246 -17.88 -24.77 -30.51
CA TYR B 246 -16.96 -24.16 -31.48
C TYR B 246 -16.26 -25.12 -32.43
N HIS B 247 -15.77 -26.25 -31.87
CA HIS B 247 -15.01 -27.21 -32.63
C HIS B 247 -15.85 -28.33 -33.25
N LEU B 248 -17.14 -28.43 -32.94
CA LEU B 248 -17.89 -29.67 -33.25
C LEU B 248 -17.79 -29.98 -34.72
N ASN B 249 -17.40 -31.21 -35.06
CA ASN B 249 -17.28 -31.63 -36.46
C ASN B 249 -18.28 -32.69 -36.89
N GLU B 250 -18.38 -32.90 -38.21
CA GLU B 250 -19.29 -33.86 -38.82
C GLU B 250 -19.05 -35.30 -38.25
N THR B 251 -17.80 -35.68 -38.08
CA THR B 251 -17.49 -37.04 -37.61
C THR B 251 -18.04 -37.36 -36.20
N THR B 252 -17.75 -36.48 -35.24
CA THR B 252 -18.33 -36.59 -33.91
C THR B 252 -19.87 -36.56 -33.94
N TYR B 253 -20.46 -35.64 -34.70
CA TYR B 253 -21.90 -35.55 -34.82
C TYR B 253 -22.53 -36.83 -35.29
N GLN B 254 -22.03 -37.36 -36.41
CA GLN B 254 -22.54 -38.62 -36.96
C GLN B 254 -22.30 -39.81 -36.02
N GLN B 255 -21.14 -39.89 -35.38
CA GLN B 255 -20.87 -40.97 -34.42
C GLN B 255 -21.85 -41.00 -33.23
N ARG B 256 -22.29 -39.82 -32.79
CA ARG B 256 -23.00 -39.76 -31.52
C ARG B 256 -24.49 -39.55 -31.61
N ILE B 257 -25.02 -39.13 -32.75
CA ILE B 257 -26.44 -38.79 -32.76
C ILE B 257 -27.33 -40.02 -32.42
N ARG B 258 -28.35 -39.82 -31.57
CA ARG B 258 -29.32 -40.89 -31.22
C ARG B 258 -30.78 -40.47 -31.44
N ILE B 259 -31.47 -41.14 -32.38
CA ILE B 259 -32.82 -40.78 -32.86
C ILE B 259 -33.83 -41.90 -32.60
N GLN B 260 -35.16 -41.57 -32.64
CA GLN B 260 -36.42 -42.51 -32.77
C GLN B 260 -37.73 -41.81 -33.38
N GLU B 261 -38.62 -42.51 -34.13
CA GLU B 261 -39.52 -41.76 -35.05
C GLU B 261 -40.95 -42.18 -35.55
N VAL B 262 -41.81 -41.17 -35.82
CA VAL B 262 -43.19 -41.40 -36.32
C VAL B 262 -43.59 -40.50 -37.51
N GLU B 263 -44.12 -41.11 -38.58
CA GLU B 263 -44.51 -40.38 -39.82
C GLU B 263 -46.04 -40.24 -40.01
N GLU B 264 -46.44 -39.39 -40.96
CA GLU B 264 -47.85 -39.11 -41.36
C GLU B 264 -48.94 -38.78 -40.30
N ASN B 265 -48.81 -37.76 -39.47
CA ASN B 265 -49.97 -37.43 -38.65
C ASN B 265 -50.95 -36.44 -39.38
N LEU B 266 -52.04 -36.01 -38.70
CA LEU B 266 -53.29 -35.50 -39.28
C LEU B 266 -53.54 -33.98 -39.18
N TYR B 267 -54.79 -33.57 -39.38
CA TYR B 267 -55.26 -32.19 -39.23
C TYR B 267 -56.64 -32.24 -38.57
N MET C 1 -22.02 -31.19 8.09
CA MET C 1 -22.78 -30.41 7.05
C MET C 1 -24.26 -30.84 6.95
N ASN C 2 -24.96 -30.69 8.09
CA ASN C 2 -26.39 -31.00 8.22
C ASN C 2 -27.18 -30.33 7.07
N TYR C 3 -27.11 -29.00 7.00
CA TYR C 3 -27.98 -28.27 6.10
C TYR C 3 -27.67 -28.49 4.62
N LEU C 4 -26.41 -28.48 4.24
CA LEU C 4 -26.03 -28.74 2.85
C LEU C 4 -26.53 -30.08 2.29
N ASN C 5 -26.50 -31.14 3.07
CA ASN C 5 -27.07 -32.37 2.63
C ASN C 5 -28.53 -32.23 2.32
N ASN C 6 -29.25 -31.53 3.16
CA ASN C 6 -30.69 -31.29 2.95
C ASN C 6 -30.97 -30.41 1.71
N ILE C 7 -30.07 -29.49 1.41
CA ILE C 7 -30.24 -28.67 0.20
C ILE C 7 -30.12 -29.61 -1.03
N ARG C 8 -29.13 -30.49 -1.01
CA ARG C 8 -28.89 -31.37 -2.17
C ARG C 8 -30.06 -32.34 -2.38
N ILE C 9 -30.70 -32.74 -1.32
CA ILE C 9 -31.82 -33.66 -1.40
C ILE C 9 -33.15 -32.92 -1.73
N GLU C 10 -33.38 -31.78 -1.09
CA GLU C 10 -34.71 -31.14 -1.16
C GLU C 10 -34.80 -30.14 -2.28
N ASN C 11 -33.66 -29.63 -2.76
CA ASN C 11 -33.66 -28.75 -3.94
C ASN C 11 -34.50 -27.47 -3.71
N PRO C 12 -34.24 -26.74 -2.61
CA PRO C 12 -35.11 -25.62 -2.19
C PRO C 12 -35.22 -24.46 -3.18
N LEU C 13 -36.46 -24.14 -3.51
CA LEU C 13 -36.77 -23.00 -4.38
C LEU C 13 -36.34 -21.74 -3.68
N THR C 14 -35.37 -21.07 -4.26
CA THR C 14 -34.75 -19.89 -3.64
C THR C 14 -34.93 -18.67 -4.60
N ILE C 15 -35.75 -17.69 -4.23
CA ILE C 15 -36.06 -16.56 -5.14
C ILE C 15 -34.98 -15.50 -4.96
N CYS C 16 -34.41 -15.00 -6.05
CA CYS C 16 -33.38 -13.97 -5.99
C CYS C 16 -33.83 -12.68 -6.78
N TYR C 17 -33.96 -11.59 -6.05
CA TYR C 17 -34.11 -10.25 -6.64
C TYR C 17 -32.74 -9.60 -6.40
N THR C 18 -31.84 -9.72 -7.37
CA THR C 18 -30.49 -9.28 -7.17
C THR C 18 -30.01 -8.44 -8.32
N ASN C 19 -28.76 -8.01 -8.28
CA ASN C 19 -28.30 -6.96 -9.21
C ASN C 19 -27.87 -7.56 -10.57
N ASP C 20 -27.83 -6.72 -11.57
CA ASP C 20 -27.60 -7.11 -12.94
C ASP C 20 -26.19 -7.57 -13.24
N VAL C 21 -25.23 -7.35 -12.35
CA VAL C 21 -23.90 -7.79 -12.56
C VAL C 21 -23.74 -9.29 -12.17
N VAL C 22 -24.64 -9.82 -11.34
CA VAL C 22 -24.39 -11.09 -10.62
C VAL C 22 -25.50 -12.13 -10.73
N LYS C 23 -26.51 -11.88 -11.55
CA LYS C 23 -27.61 -12.80 -11.63
C LYS C 23 -27.17 -14.19 -12.06
N ASN C 24 -26.44 -14.28 -13.15
CA ASN C 24 -26.04 -15.55 -13.66
C ASN C 24 -25.16 -16.34 -12.67
N PHE C 25 -24.19 -15.65 -12.04
CA PHE C 25 -23.26 -16.28 -11.13
C PHE C 25 -23.98 -16.73 -9.86
N THR C 26 -24.97 -15.99 -9.42
CA THR C 26 -25.78 -16.34 -8.28
C THR C 26 -26.66 -17.53 -8.55
N ALA C 27 -27.26 -17.59 -9.71
CA ALA C 27 -28.04 -18.76 -10.11
C ALA C 27 -27.11 -20.05 -10.18
N ASN C 28 -25.94 -19.92 -10.80
CA ASN C 28 -25.03 -21.04 -10.93
C ASN C 28 -24.46 -21.54 -9.59
N GLY C 29 -24.15 -20.62 -8.68
CA GLY C 29 -23.78 -20.92 -7.34
C GLY C 29 -24.84 -21.69 -6.59
N LEU C 30 -26.06 -21.21 -6.66
CA LEU C 30 -27.20 -21.93 -6.10
C LEU C 30 -27.43 -23.30 -6.73
N LEU C 31 -27.36 -23.37 -8.05
CA LEU C 31 -27.51 -24.68 -8.70
C LEU C 31 -26.41 -25.63 -8.21
N SER C 32 -25.20 -25.13 -7.98
CA SER C 32 -24.09 -26.02 -7.72
C SER C 32 -24.24 -26.71 -6.36
N ILE C 33 -24.87 -26.04 -5.39
CA ILE C 33 -25.09 -26.68 -4.07
C ILE C 33 -26.39 -27.48 -3.99
N GLY C 34 -27.10 -27.57 -5.11
CA GLY C 34 -28.34 -28.32 -5.18
C GLY C 34 -29.62 -27.50 -5.02
N ALA C 35 -29.51 -26.22 -4.81
CA ALA C 35 -30.75 -25.38 -4.71
C ALA C 35 -31.40 -25.10 -6.06
N SER C 36 -32.62 -24.53 -6.04
CA SER C 36 -33.34 -24.21 -7.24
C SER C 36 -33.60 -22.71 -7.32
N PRO C 37 -32.75 -21.99 -8.01
CA PRO C 37 -32.89 -20.54 -8.06
C PRO C 37 -33.96 -20.05 -9.01
N ALA C 38 -34.60 -18.94 -8.69
CA ALA C 38 -35.58 -18.34 -9.60
C ALA C 38 -35.46 -16.85 -9.44
N MET C 39 -35.09 -16.22 -10.51
CA MET C 39 -34.88 -14.77 -10.49
C MET C 39 -36.18 -14.10 -10.88
N SER C 40 -37.19 -14.22 -10.04
CA SER C 40 -38.47 -13.60 -10.33
C SER C 40 -38.47 -12.17 -9.78
N GLU C 41 -38.84 -11.22 -10.62
CA GLU C 41 -38.83 -9.81 -10.26
C GLU C 41 -40.17 -9.07 -10.37
N ALA C 42 -41.20 -9.73 -10.93
CA ALA C 42 -42.51 -9.15 -11.06
C ALA C 42 -43.30 -9.29 -9.76
N PRO C 43 -43.75 -8.16 -9.19
CA PRO C 43 -44.62 -8.22 -8.03
C PRO C 43 -45.89 -9.03 -8.30
N GLU C 44 -46.30 -9.07 -9.55
CA GLU C 44 -47.55 -9.71 -9.95
C GLU C 44 -47.54 -11.24 -9.73
N GLU C 45 -46.36 -11.85 -9.66
CA GLU C 45 -46.27 -13.31 -9.46
C GLU C 45 -45.69 -13.66 -8.10
N ALA C 46 -45.46 -12.66 -7.28
CA ALA C 46 -44.76 -12.91 -6.02
C ALA C 46 -45.58 -13.78 -5.10
N GLU C 47 -46.86 -13.49 -5.00
CA GLU C 47 -47.73 -14.25 -4.10
C GLU C 47 -47.71 -15.75 -4.42
N GLU C 48 -47.75 -16.10 -5.70
CA GLU C 48 -47.79 -17.50 -6.08
C GLU C 48 -46.41 -18.17 -5.95
N PHE C 49 -45.37 -17.47 -6.37
CA PHE C 49 -44.03 -17.99 -6.20
C PHE C 49 -43.72 -18.20 -4.71
N TYR C 50 -44.04 -17.23 -3.87
CA TYR C 50 -43.57 -17.23 -2.51
C TYR C 50 -44.25 -18.29 -1.67
N LYS C 51 -45.45 -18.75 -2.04
CA LYS C 51 -46.15 -19.76 -1.26
C LYS C 51 -45.33 -21.02 -1.17
N VAL C 52 -44.65 -21.35 -2.26
CA VAL C 52 -43.94 -22.61 -2.38
C VAL C 52 -42.40 -22.44 -2.30
N ALA C 53 -41.91 -21.22 -2.07
CA ALA C 53 -40.46 -20.97 -1.97
C ALA C 53 -39.92 -21.10 -0.56
N GLN C 54 -38.60 -21.25 -0.43
CA GLN C 54 -37.97 -21.40 0.90
C GLN C 54 -37.25 -20.16 1.40
N ALA C 55 -36.89 -19.25 0.51
CA ALA C 55 -36.34 -17.94 0.92
C ALA C 55 -36.36 -16.96 -0.26
N LEU C 56 -36.16 -15.70 0.08
CA LEU C 56 -36.02 -14.61 -0.90
C LEU C 56 -34.72 -13.87 -0.55
N LEU C 57 -33.85 -13.69 -1.55
CA LEU C 57 -32.75 -12.73 -1.47
C LEU C 57 -33.17 -11.34 -2.12
N ILE C 58 -32.91 -10.24 -1.43
CA ILE C 58 -33.01 -8.89 -1.98
C ILE C 58 -31.63 -8.23 -1.91
N ASN C 59 -31.06 -7.89 -3.08
CA ASN C 59 -29.70 -7.30 -3.18
C ASN C 59 -29.79 -6.07 -4.06
N ILE C 60 -29.38 -4.93 -3.53
CA ILE C 60 -29.66 -3.61 -4.16
C ILE C 60 -28.50 -3.05 -4.98
N GLY C 61 -27.63 -3.94 -5.44
CA GLY C 61 -26.45 -3.55 -6.19
C GLY C 61 -26.72 -2.59 -7.35
N THR C 62 -27.80 -2.80 -8.09
CA THR C 62 -28.05 -1.91 -9.21
C THR C 62 -29.39 -1.18 -9.06
N LEU C 63 -29.66 -0.67 -7.88
CA LEU C 63 -30.87 0.00 -7.53
C LEU C 63 -31.15 1.20 -8.45
N THR C 64 -32.36 1.24 -9.01
CA THR C 64 -32.84 2.38 -9.80
C THR C 64 -34.31 2.66 -9.45
N ALA C 65 -34.82 3.79 -9.90
CA ALA C 65 -36.22 4.20 -9.66
C ALA C 65 -37.23 3.12 -10.05
N GLN C 66 -36.90 2.37 -11.10
CA GLN C 66 -37.70 1.26 -11.58
C GLN C 66 -37.71 0.02 -10.63
N ASN C 67 -36.72 -0.13 -9.76
CA ASN C 67 -36.70 -1.16 -8.74
C ASN C 67 -37.38 -0.80 -7.43
N GLU C 68 -37.34 0.48 -7.06
CA GLU C 68 -37.64 0.85 -5.66
C GLU C 68 -38.99 0.32 -5.18
N GLN C 69 -40.02 0.61 -5.92
CA GLN C 69 -41.37 0.26 -5.47
C GLN C 69 -41.54 -1.27 -5.48
N ASP C 70 -41.10 -1.88 -6.55
CA ASP C 70 -41.21 -3.32 -6.70
C ASP C 70 -40.57 -4.06 -5.53
N ILE C 71 -39.42 -3.58 -5.07
CA ILE C 71 -38.70 -4.19 -3.97
C ILE C 71 -39.46 -4.07 -2.65
N ILE C 72 -40.04 -2.89 -2.40
CA ILE C 72 -40.81 -2.70 -1.19
C ILE C 72 -42.03 -3.62 -1.26
N ALA C 73 -42.70 -3.65 -2.41
CA ALA C 73 -43.90 -4.46 -2.57
C ALA C 73 -43.59 -5.96 -2.31
N ILE C 74 -42.53 -6.48 -2.92
CA ILE C 74 -42.25 -7.90 -2.76
C ILE C 74 -41.78 -8.29 -1.35
N ALA C 75 -41.07 -7.39 -0.68
CA ALA C 75 -40.73 -7.62 0.70
C ALA C 75 -41.99 -7.79 1.58
N GLN C 76 -42.98 -6.94 1.35
CA GLN C 76 -44.24 -7.02 2.05
C GLN C 76 -44.96 -8.30 1.74
N THR C 77 -45.04 -8.66 0.45
CA THR C 77 -45.59 -9.95 0.07
C THR C 77 -44.83 -11.11 0.80
N ALA C 78 -43.53 -10.99 0.93
CA ALA C 78 -42.73 -12.07 1.58
C ALA C 78 -43.10 -12.18 3.04
N ASN C 79 -43.23 -11.02 3.70
CA ASN C 79 -43.66 -11.01 5.11
C ASN C 79 -45.02 -11.65 5.28
N GLU C 80 -45.98 -11.26 4.47
CA GLU C 80 -47.34 -11.85 4.52
C GLU C 80 -47.30 -13.35 4.25
N ALA C 81 -46.41 -13.82 3.40
CA ALA C 81 -46.30 -15.27 3.11
C ALA C 81 -45.43 -16.05 4.16
N GLY C 82 -44.79 -15.36 5.11
CA GLY C 82 -43.85 -15.97 6.01
C GLY C 82 -42.60 -16.44 5.33
N LEU C 83 -42.22 -15.81 4.22
CA LEU C 83 -41.04 -16.22 3.45
C LEU C 83 -39.83 -15.42 3.92
N PRO C 84 -38.76 -16.10 4.37
CA PRO C 84 -37.67 -15.34 4.95
C PRO C 84 -36.89 -14.56 3.93
N ILE C 85 -36.43 -13.38 4.32
CA ILE C 85 -35.70 -12.52 3.43
C ILE C 85 -34.27 -12.32 3.87
N VAL C 86 -33.35 -12.47 2.90
CA VAL C 86 -31.95 -12.11 3.09
C VAL C 86 -31.75 -10.80 2.36
N PHE C 87 -31.17 -9.81 3.04
CA PHE C 87 -31.07 -8.43 2.50
C PHE C 87 -29.59 -8.03 2.42
N ASP C 88 -29.13 -7.70 1.22
CA ASP C 88 -27.80 -7.22 0.98
C ASP C 88 -27.83 -5.72 0.62
N PRO C 89 -27.49 -4.83 1.60
CA PRO C 89 -27.51 -3.38 1.33
C PRO C 89 -26.22 -2.89 0.64
N VAL C 90 -25.99 -3.37 -0.58
CA VAL C 90 -24.76 -3.13 -1.31
C VAL C 90 -24.45 -1.65 -1.41
N ALA C 91 -23.21 -1.27 -1.04
CA ALA C 91 -22.73 0.12 -1.18
C ALA C 91 -23.61 1.18 -0.54
N VAL C 92 -24.32 0.81 0.51
CA VAL C 92 -25.28 1.74 1.15
C VAL C 92 -24.60 3.00 1.63
N GLY C 93 -23.35 2.89 2.05
CA GLY C 93 -22.60 4.05 2.48
C GLY C 93 -22.19 4.99 1.37
N ALA C 94 -22.29 4.59 0.10
CA ALA C 94 -21.75 5.42 -1.01
C ALA C 94 -22.71 6.55 -1.48
N SER C 95 -23.99 6.42 -1.18
CA SER C 95 -24.93 7.55 -1.54
C SER C 95 -26.07 7.72 -0.57
N THR C 96 -26.59 8.95 -0.51
CA THR C 96 -27.81 9.25 0.23
C THR C 96 -28.98 8.47 -0.37
N TYR C 97 -29.01 8.34 -1.70
CA TYR C 97 -30.05 7.58 -2.40
C TYR C 97 -30.16 6.14 -1.87
N ARG C 98 -29.04 5.45 -1.70
CA ARG C 98 -29.09 4.10 -1.11
C ARG C 98 -29.41 4.10 0.38
N LYS C 99 -28.85 5.03 1.14
CA LYS C 99 -29.17 5.12 2.57
C LYS C 99 -30.67 5.30 2.80
N GLN C 100 -31.28 6.25 2.10
CA GLN C 100 -32.70 6.46 2.28
C GLN C 100 -33.51 5.22 1.90
N PHE C 101 -33.16 4.59 0.78
CA PHE C 101 -33.92 3.47 0.35
C PHE C 101 -33.81 2.30 1.40
N CYS C 102 -32.61 2.03 1.87
CA CYS C 102 -32.40 0.89 2.82
C CYS C 102 -33.17 1.14 4.11
N LYS C 103 -33.20 2.39 4.54
CA LYS C 103 -34.02 2.78 5.67
C LYS C 103 -35.47 2.48 5.46
N LEU C 104 -35.96 2.90 4.30
CA LEU C 104 -37.37 2.73 3.98
C LEU C 104 -37.70 1.24 4.04
N LEU C 105 -36.82 0.44 3.49
CA LEU C 105 -37.09 -0.97 3.36
C LEU C 105 -37.15 -1.62 4.75
N LEU C 106 -36.19 -1.28 5.61
CA LEU C 106 -36.15 -1.83 6.93
C LEU C 106 -37.20 -1.29 7.88
N LYS C 107 -37.80 -0.14 7.54
CA LYS C 107 -39.01 0.32 8.19
C LYS C 107 -40.24 -0.33 7.64
N SER C 108 -40.20 -0.88 6.44
CA SER C 108 -41.38 -1.43 5.79
C SER C 108 -41.57 -2.93 5.93
N ALA C 109 -40.49 -3.63 6.24
CA ALA C 109 -40.56 -5.04 6.30
C ALA C 109 -39.55 -5.61 7.28
N LYS C 110 -39.86 -6.78 7.82
CA LYS C 110 -38.96 -7.51 8.74
C LYS C 110 -38.13 -8.51 7.92
N VAL C 111 -36.81 -8.35 7.93
CA VAL C 111 -35.97 -9.26 7.16
C VAL C 111 -35.40 -10.31 8.13
N SER C 112 -34.82 -11.36 7.58
CA SER C 112 -34.36 -12.51 8.44
C SER C 112 -32.84 -12.58 8.56
N VAL C 113 -32.12 -12.09 7.57
CA VAL C 113 -30.70 -11.89 7.66
C VAL C 113 -30.30 -10.58 6.99
N ILE C 114 -29.43 -9.80 7.61
CA ILE C 114 -28.82 -8.63 6.93
C ILE C 114 -27.32 -8.89 6.77
N LYS C 115 -26.86 -8.94 5.54
CA LYS C 115 -25.48 -9.22 5.24
C LYS C 115 -24.84 -8.05 4.51
N GLY C 116 -23.64 -7.68 4.96
CA GLY C 116 -22.78 -6.77 4.18
C GLY C 116 -21.37 -6.78 4.74
N ASN C 117 -20.51 -5.95 4.16
CA ASN C 117 -19.18 -5.70 4.73
C ASN C 117 -19.32 -4.68 5.86
N ALA C 118 -18.22 -4.43 6.58
CA ALA C 118 -18.25 -3.65 7.81
C ALA C 118 -18.72 -2.23 7.55
N SER C 119 -18.30 -1.65 6.44
CA SER C 119 -18.61 -0.24 6.21
C SER C 119 -20.07 -0.08 5.72
N GLU C 120 -20.59 -1.08 5.02
CA GLU C 120 -22.04 -1.12 4.71
C GLU C 120 -22.89 -1.16 5.98
N ILE C 121 -22.62 -2.15 6.87
CA ILE C 121 -23.45 -2.31 8.07
C ILE C 121 -23.30 -1.08 8.98
N LEU C 122 -22.08 -0.52 9.06
CA LEU C 122 -21.83 0.66 9.85
C LEU C 122 -22.65 1.88 9.32
N ALA C 123 -22.72 1.99 7.99
CA ALA C 123 -23.46 3.09 7.38
C ALA C 123 -24.94 2.92 7.66
N LEU C 124 -25.43 1.67 7.69
CA LEU C 124 -26.85 1.39 8.05
C LEU C 124 -27.19 1.91 9.40
N ILE C 125 -26.33 1.64 10.38
CA ILE C 125 -26.63 2.00 11.77
C ILE C 125 -26.26 3.45 12.09
N ASP C 126 -25.35 4.02 11.32
CA ASP C 126 -24.96 5.38 11.55
C ASP C 126 -26.13 6.33 11.13
N ASP C 127 -26.74 5.99 9.99
CA ASP C 127 -27.94 6.64 9.45
C ASP C 127 -29.26 6.46 10.20
N THR C 128 -29.39 5.43 11.05
CA THR C 128 -30.59 5.26 11.89
C THR C 128 -30.67 6.35 12.99
N ALA C 129 -29.56 7.04 13.23
CA ALA C 129 -29.47 8.02 14.31
C ALA C 129 -30.03 7.49 15.70
N THR C 130 -29.77 6.20 16.00
CA THR C 130 -30.14 5.56 17.29
C THR C 130 -28.94 5.47 18.23
N MET C 131 -27.73 5.47 17.64
CA MET C 131 -26.48 5.11 18.34
C MET C 131 -25.93 6.26 19.23
N LYS C 132 -26.76 6.69 20.16
CA LYS C 132 -26.37 7.74 21.06
C LYS C 132 -25.17 7.23 21.88
N GLY C 133 -24.12 8.04 22.02
CA GLY C 133 -22.91 7.65 22.77
C GLY C 133 -21.88 6.83 21.99
N THR C 134 -22.15 6.52 20.71
CA THR C 134 -21.18 5.89 19.81
C THR C 134 -20.65 6.90 18.79
N ASN C 139 -12.53 3.33 14.09
CA ASN C 139 -12.17 2.56 15.27
C ASN C 139 -12.89 1.21 15.27
N LEU C 140 -14.21 1.24 15.08
CA LEU C 140 -15.04 0.07 15.43
C LEU C 140 -14.80 -1.21 14.62
N ASP C 141 -14.60 -2.31 15.33
CA ASP C 141 -14.47 -3.63 14.75
C ASP C 141 -15.84 -4.27 14.38
N ALA C 142 -15.76 -5.30 13.57
CA ALA C 142 -16.93 -5.94 12.99
C ALA C 142 -17.85 -6.55 14.04
N VAL C 143 -17.26 -7.15 15.06
CA VAL C 143 -18.04 -7.74 16.13
C VAL C 143 -18.93 -6.67 16.80
N THR C 144 -18.36 -5.53 17.17
CA THR C 144 -19.12 -4.49 17.84
C THR C 144 -20.20 -3.92 16.94
N ILE C 145 -19.86 -3.72 15.68
CA ILE C 145 -20.83 -3.19 14.70
C ILE C 145 -21.98 -4.17 14.55
N ALA C 146 -21.66 -5.46 14.46
CA ALA C 146 -22.68 -6.49 14.25
C ALA C 146 -23.61 -6.55 15.43
N LYS C 147 -23.08 -6.45 16.64
CA LYS C 147 -23.89 -6.43 17.85
C LYS C 147 -24.78 -5.17 17.93
N LYS C 148 -24.23 -4.03 17.57
CA LYS C 148 -25.00 -2.75 17.51
C LYS C 148 -26.14 -2.88 16.50
N ALA C 149 -25.84 -3.45 15.33
CA ALA C 149 -26.86 -3.70 14.32
C ALA C 149 -27.92 -4.69 14.76
N TYR C 150 -27.52 -5.77 15.45
CA TYR C 150 -28.46 -6.73 15.92
C TYR C 150 -29.44 -6.08 16.89
N ALA C 151 -28.93 -5.27 17.82
CA ALA C 151 -29.77 -4.62 18.79
C ALA C 151 -30.80 -3.71 18.14
N ILE C 152 -30.41 -3.04 17.05
CA ILE C 152 -31.31 -2.12 16.36
C ILE C 152 -32.38 -2.89 15.58
N TYR C 153 -31.95 -3.88 14.79
CA TYR C 153 -32.88 -4.57 13.89
C TYR C 153 -33.50 -5.87 14.42
N LYS C 154 -32.92 -6.42 15.50
CA LYS C 154 -33.35 -7.73 16.03
C LYS C 154 -33.44 -8.80 14.95
N THR C 155 -32.42 -8.83 14.11
CA THR C 155 -32.36 -9.64 12.90
C THR C 155 -30.92 -10.13 12.76
N ALA C 156 -30.74 -11.41 12.40
CA ALA C 156 -29.39 -11.95 12.22
C ALA C 156 -28.57 -11.02 11.33
N ILE C 157 -27.35 -10.75 11.74
CA ILE C 157 -26.42 -9.92 11.02
C ILE C 157 -25.20 -10.80 10.62
N VAL C 158 -24.82 -10.74 9.35
CA VAL C 158 -23.59 -11.32 8.87
C VAL C 158 -22.73 -10.21 8.34
N ILE C 159 -21.54 -10.04 8.91
CA ILE C 159 -20.58 -9.09 8.35
C ILE C 159 -19.40 -9.83 7.73
N THR C 160 -19.23 -9.66 6.43
CA THR C 160 -18.12 -10.30 5.70
C THR C 160 -16.91 -9.41 5.75
N GLY C 161 -15.74 -10.06 5.72
CA GLY C 161 -14.44 -9.40 5.79
C GLY C 161 -13.30 -10.45 5.83
N LYS C 162 -12.11 -10.02 6.22
CA LYS C 162 -10.95 -10.89 6.41
C LYS C 162 -11.40 -12.12 7.21
N GLU C 163 -11.91 -11.86 8.40
CA GLU C 163 -12.70 -12.82 9.14
C GLU C 163 -14.18 -12.39 9.08
N ASP C 164 -15.08 -13.35 9.10
CA ASP C 164 -16.51 -13.08 8.98
C ASP C 164 -17.15 -13.12 10.36
N VAL C 165 -18.14 -12.26 10.57
CA VAL C 165 -18.85 -12.21 11.85
C VAL C 165 -20.31 -12.55 11.64
N ILE C 166 -20.84 -13.42 12.50
CA ILE C 166 -22.30 -13.68 12.55
C ILE C 166 -22.88 -13.46 13.96
N VAL C 167 -23.94 -12.66 14.02
CA VAL C 167 -24.65 -12.43 15.27
C VAL C 167 -26.10 -12.84 15.05
N GLN C 168 -26.55 -13.81 15.86
CA GLN C 168 -27.96 -14.20 15.93
C GLN C 168 -28.36 -14.47 17.38
N GLY C 169 -29.48 -13.91 17.80
CA GLY C 169 -29.96 -14.04 19.20
C GLY C 169 -28.89 -13.61 20.18
N ASP C 170 -28.54 -14.47 21.10
CA ASP C 170 -27.55 -14.14 22.11
C ASP C 170 -26.11 -14.59 21.78
N LYS C 171 -25.83 -15.02 20.55
CA LYS C 171 -24.50 -15.49 20.21
C LYS C 171 -23.85 -14.63 19.15
N ALA C 172 -22.54 -14.53 19.25
CA ALA C 172 -21.69 -13.92 18.23
C ALA C 172 -20.62 -14.90 17.88
N ILE C 173 -20.32 -15.00 16.59
CA ILE C 173 -19.30 -15.90 16.09
C ILE C 173 -18.38 -15.22 15.08
N VAL C 174 -17.10 -15.58 15.15
CA VAL C 174 -16.09 -15.14 14.23
C VAL C 174 -15.62 -16.36 13.45
N LEU C 175 -15.67 -16.28 12.11
CA LEU C 175 -15.19 -17.35 11.21
C LEU C 175 -13.95 -16.89 10.47
N ALA C 176 -13.02 -17.82 10.20
CA ALA C 176 -11.77 -17.47 9.52
C ALA C 176 -11.40 -18.45 8.40
N ASN C 177 -12.30 -18.62 7.44
CA ASN C 177 -12.03 -19.39 6.24
C ASN C 177 -12.00 -18.48 4.98
N GLY C 178 -11.54 -19.04 3.86
CA GLY C 178 -11.67 -18.37 2.55
C GLY C 178 -10.39 -18.10 1.78
N SER C 179 -10.50 -17.31 0.72
CA SER C 179 -9.37 -16.99 -0.12
C SER C 179 -9.40 -15.54 -0.59
N PRO C 180 -8.23 -14.93 -0.72
CA PRO C 180 -8.17 -13.56 -1.23
C PRO C 180 -8.71 -13.44 -2.66
N LEU C 181 -8.61 -14.52 -3.44
CA LEU C 181 -9.08 -14.52 -4.85
C LEU C 181 -10.57 -14.20 -4.93
N LEU C 182 -11.31 -14.55 -3.88
CA LEU C 182 -12.72 -14.18 -3.81
C LEU C 182 -12.98 -12.70 -4.01
N ALA C 183 -12.15 -11.85 -3.44
CA ALA C 183 -12.30 -10.43 -3.59
C ALA C 183 -12.07 -9.94 -5.05
N ARG C 184 -11.49 -10.80 -5.90
CA ARG C 184 -11.15 -10.41 -7.26
C ARG C 184 -12.10 -11.03 -8.27
N VAL C 185 -13.20 -11.57 -7.73
CA VAL C 185 -14.31 -12.07 -8.54
C VAL C 185 -15.58 -11.28 -8.22
N THR C 186 -16.21 -10.68 -9.22
CA THR C 186 -17.32 -9.73 -8.95
C THR C 186 -18.55 -10.35 -8.35
N GLY C 187 -18.94 -11.53 -8.74
CA GLY C 187 -20.13 -11.99 -7.92
C GLY C 187 -20.02 -12.24 -6.37
N ALA C 188 -18.82 -12.39 -5.83
CA ALA C 188 -18.62 -13.28 -4.61
C ALA C 188 -19.58 -13.05 -3.48
N GLY C 189 -19.56 -11.84 -2.92
CA GLY C 189 -20.38 -11.56 -1.74
C GLY C 189 -21.84 -11.53 -2.10
N CYS C 190 -22.11 -11.15 -3.35
CA CYS C 190 -23.49 -11.03 -3.76
C CYS C 190 -23.99 -12.53 -3.88
N LEU C 191 -23.14 -13.36 -4.43
CA LEU C 191 -23.40 -14.80 -4.43
C LEU C 191 -23.58 -15.34 -3.02
N LEU C 192 -22.76 -14.91 -2.07
CA LEU C 192 -22.90 -15.46 -0.65
C LEU C 192 -24.29 -15.17 -0.03
N GLY C 193 -24.84 -13.98 -0.37
CA GLY C 193 -26.22 -13.64 -0.01
C GLY C 193 -27.20 -14.67 -0.54
N GLY C 194 -27.06 -15.05 -1.78
CA GLY C 194 -27.91 -16.08 -2.35
C GLY C 194 -27.68 -17.47 -1.72
N ILE C 195 -26.43 -17.83 -1.45
CA ILE C 195 -26.13 -19.14 -0.76
C ILE C 195 -26.79 -19.17 0.64
N ILE C 196 -26.61 -18.11 1.43
CA ILE C 196 -27.28 -18.02 2.72
C ILE C 196 -28.81 -18.22 2.60
N ALA C 197 -29.45 -17.52 1.67
CA ALA C 197 -30.86 -17.79 1.39
C ALA C 197 -31.17 -19.29 1.17
N GLY C 198 -30.33 -19.94 0.41
CA GLY C 198 -30.44 -21.37 0.17
C GLY C 198 -30.42 -22.27 1.40
N PHE C 199 -29.94 -21.74 2.51
CA PHE C 199 -29.81 -22.51 3.75
C PHE C 199 -30.97 -22.29 4.73
N LEU C 200 -31.96 -21.46 4.37
CA LEU C 200 -32.93 -21.02 5.37
C LEU C 200 -34.12 -21.90 5.54
N PHE C 201 -34.52 -22.63 4.51
CA PHE C 201 -35.62 -23.60 4.65
C PHE C 201 -36.86 -23.01 5.32
N ARG C 202 -37.19 -21.78 4.90
CA ARG C 202 -38.37 -21.10 5.29
C ARG C 202 -38.41 -20.79 6.77
N GLU C 203 -37.25 -20.68 7.41
CA GLU C 203 -37.16 -20.18 8.80
C GLU C 203 -36.94 -18.69 8.82
N THR C 204 -37.94 -17.99 9.32
CA THR C 204 -37.86 -16.55 9.42
C THR C 204 -36.91 -16.12 10.54
N GLU C 205 -36.60 -17.02 11.45
CA GLU C 205 -35.63 -16.73 12.47
C GLU C 205 -34.61 -17.85 12.45
N PRO C 206 -33.71 -17.83 11.48
CA PRO C 206 -32.83 -19.00 11.32
C PRO C 206 -31.89 -19.30 12.48
N ASP C 207 -31.69 -20.60 12.68
CA ASP C 207 -30.72 -21.06 13.65
C ASP C 207 -29.31 -20.60 13.26
N ILE C 208 -28.55 -20.09 14.22
CA ILE C 208 -27.23 -19.60 13.87
C ILE C 208 -26.37 -20.67 13.19
N GLU C 209 -26.63 -21.94 13.49
CA GLU C 209 -25.89 -23.03 12.88
C GLU C 209 -26.06 -23.09 11.36
N ALA C 210 -27.23 -22.74 10.87
CA ALA C 210 -27.46 -22.68 9.44
C ALA C 210 -26.64 -21.58 8.79
N LEU C 211 -26.46 -20.47 9.51
CA LEU C 211 -25.77 -19.30 8.93
C LEU C 211 -24.27 -19.64 8.96
N ILE C 212 -23.81 -20.21 10.05
CA ILE C 212 -22.42 -20.66 10.15
C ILE C 212 -22.11 -21.59 8.96
N GLU C 213 -23.00 -22.56 8.72
CA GLU C 213 -22.74 -23.57 7.69
C GLU C 213 -22.77 -22.92 6.28
N ALA C 214 -23.69 -21.98 6.03
CA ALA C 214 -23.73 -21.31 4.75
C ALA C 214 -22.41 -20.64 4.45
N VAL C 215 -21.96 -19.81 5.37
CA VAL C 215 -20.76 -19.03 5.16
C VAL C 215 -19.55 -19.91 5.06
N SER C 216 -19.46 -20.94 5.92
CA SER C 216 -18.28 -21.84 5.93
C SER C 216 -18.17 -22.72 4.68
N VAL C 217 -19.28 -23.28 4.22
CA VAL C 217 -19.35 -23.98 2.96
C VAL C 217 -18.77 -23.12 1.84
N PHE C 218 -19.24 -21.86 1.76
CA PHE C 218 -18.79 -20.97 0.74
C PHE C 218 -17.32 -20.69 0.86
N ASN C 219 -16.86 -20.33 2.04
CA ASN C 219 -15.48 -19.95 2.19
C ASN C 219 -14.51 -21.14 2.09
N ILE C 220 -14.94 -22.31 2.52
CA ILE C 220 -14.11 -23.53 2.44
C ILE C 220 -13.99 -23.97 0.97
N ALA C 221 -15.09 -23.92 0.24
CA ALA C 221 -15.04 -24.12 -1.20
C ALA C 221 -14.13 -23.14 -1.88
N ALA C 222 -14.14 -21.86 -1.50
CA ALA C 222 -13.22 -20.91 -2.10
C ALA C 222 -11.74 -21.26 -1.82
N GLU C 223 -11.47 -21.59 -0.57
CA GLU C 223 -10.13 -22.06 -0.14
C GLU C 223 -9.57 -23.23 -0.98
N VAL C 224 -10.37 -24.28 -1.13
CA VAL C 224 -10.00 -25.47 -1.85
C VAL C 224 -9.87 -25.19 -3.34
N ALA C 225 -10.84 -24.46 -3.91
CA ALA C 225 -10.75 -24.07 -5.30
C ALA C 225 -9.44 -23.36 -5.58
N ALA C 226 -9.04 -22.41 -4.72
CA ALA C 226 -7.85 -21.61 -4.97
C ALA C 226 -6.54 -22.44 -4.86
N GLU C 227 -6.60 -23.59 -4.17
CA GLU C 227 -5.46 -24.53 -4.09
C GLU C 227 -5.41 -25.48 -5.25
N ASN C 228 -6.48 -25.63 -6.00
CA ASN C 228 -6.48 -26.52 -7.13
C ASN C 228 -5.33 -26.22 -8.13
N GLU C 229 -4.69 -27.29 -8.63
CA GLU C 229 -3.55 -27.18 -9.51
C GLU C 229 -3.83 -26.53 -10.89
N ASN C 230 -5.11 -26.43 -11.27
CA ASN C 230 -5.57 -25.65 -12.46
C ASN C 230 -6.05 -24.25 -12.18
N CYS C 231 -5.89 -23.76 -10.95
CA CYS C 231 -6.30 -22.38 -10.64
C CYS C 231 -5.13 -21.48 -10.94
N GLY C 232 -5.18 -20.75 -12.02
CA GLY C 232 -4.10 -19.82 -12.36
C GLY C 232 -4.41 -18.33 -12.09
N GLY C 233 -5.49 -18.05 -11.41
CA GLY C 233 -5.89 -16.66 -11.16
C GLY C 233 -7.36 -16.48 -11.00
N PRO C 234 -7.83 -15.21 -10.95
CA PRO C 234 -9.27 -14.98 -10.70
C PRO C 234 -10.19 -15.50 -11.78
N GLY C 235 -9.68 -15.58 -13.01
CA GLY C 235 -10.49 -16.12 -14.10
C GLY C 235 -10.79 -17.60 -13.92
N THR C 236 -9.74 -18.41 -13.83
CA THR C 236 -9.95 -19.84 -13.68
C THR C 236 -10.52 -20.23 -12.33
N PHE C 237 -10.32 -19.39 -11.33
CA PHE C 237 -10.87 -19.62 -10.00
C PHE C 237 -12.39 -19.80 -9.99
N SER C 238 -13.10 -18.92 -10.68
CA SER C 238 -14.53 -18.93 -10.63
C SER C 238 -15.17 -20.25 -11.06
N PRO C 239 -14.84 -20.81 -12.23
CA PRO C 239 -15.44 -22.09 -12.54
C PRO C 239 -15.04 -23.22 -11.49
N LEU C 240 -13.86 -23.10 -10.94
CA LEU C 240 -13.38 -24.12 -9.92
C LEU C 240 -14.11 -23.94 -8.60
N LEU C 241 -14.46 -22.69 -8.26
CA LEU C 241 -15.32 -22.45 -7.09
C LEU C 241 -16.66 -23.16 -7.25
N LEU C 242 -17.28 -23.03 -8.42
CA LEU C 242 -18.55 -23.75 -8.69
C LEU C 242 -18.33 -25.31 -8.63
N ASP C 243 -17.28 -25.81 -9.22
CA ASP C 243 -17.00 -27.28 -9.17
C ASP C 243 -16.87 -27.77 -7.75
N THR C 244 -16.14 -27.01 -6.93
CA THR C 244 -15.87 -27.34 -5.57
C THR C 244 -17.10 -27.31 -4.68
N LEU C 245 -17.96 -26.31 -4.84
CA LEU C 245 -19.22 -26.29 -4.16
C LEU C 245 -20.04 -27.54 -4.52
N TYR C 246 -20.03 -27.92 -5.80
CA TYR C 246 -20.79 -29.04 -6.24
C TYR C 246 -20.32 -30.38 -5.55
N HIS C 247 -19.01 -30.52 -5.40
CA HIS C 247 -18.42 -31.79 -4.85
C HIS C 247 -18.14 -31.74 -3.34
N LEU C 248 -18.32 -30.59 -2.67
CA LEU C 248 -17.86 -30.45 -1.28
C LEU C 248 -18.44 -31.53 -0.39
N ASN C 249 -17.57 -32.23 0.33
CA ASN C 249 -18.02 -33.30 1.24
C ASN C 249 -17.79 -33.00 2.74
N GLU C 250 -18.43 -33.81 3.56
CA GLU C 250 -18.33 -33.73 5.04
C GLU C 250 -16.87 -33.72 5.54
N THR C 251 -16.04 -34.59 4.98
CA THR C 251 -14.66 -34.70 5.41
C THR C 251 -13.85 -33.43 5.21
N THR C 252 -13.88 -32.92 4.00
CA THR C 252 -13.23 -31.63 3.72
C THR C 252 -13.78 -30.54 4.65
N TYR C 253 -15.08 -30.47 4.78
CA TYR C 253 -15.70 -29.44 5.60
C TYR C 253 -15.16 -29.48 7.04
N GLN C 254 -15.23 -30.68 7.63
CA GLN C 254 -14.77 -30.86 9.05
C GLN C 254 -13.27 -30.63 9.21
N GLN C 255 -12.49 -31.03 8.23
CA GLN C 255 -11.05 -30.75 8.25
C GLN C 255 -10.74 -29.26 8.27
N ARG C 256 -11.50 -28.46 7.54
CA ARG C 256 -11.06 -27.10 7.27
C ARG C 256 -11.78 -26.01 8.03
N ILE C 257 -12.92 -26.28 8.61
CA ILE C 257 -13.65 -25.21 9.28
C ILE C 257 -12.82 -24.52 10.40
N ARG C 258 -12.81 -23.19 10.43
CA ARG C 258 -12.13 -22.39 11.48
C ARG C 258 -13.08 -21.38 12.12
N ILE C 259 -13.43 -21.61 13.38
CA ILE C 259 -14.59 -20.97 14.04
C ILE C 259 -14.29 -20.59 15.49
N GLN C 260 -14.72 -19.41 15.95
CA GLN C 260 -14.60 -19.00 17.38
C GLN C 260 -15.80 -18.20 17.86
N GLU C 261 -16.21 -18.54 19.08
CA GLU C 261 -17.33 -17.89 19.71
C GLU C 261 -16.91 -16.66 20.51
N VAL C 262 -17.70 -15.59 20.37
CA VAL C 262 -17.56 -14.25 20.95
C VAL C 262 -16.20 -13.90 21.60
N MET D 1 0.47 13.67 -1.59
CA MET D 1 1.08 13.59 -0.27
C MET D 1 0.08 13.65 0.86
N ASN D 2 -0.85 12.72 0.85
CA ASN D 2 -1.83 12.58 1.90
C ASN D 2 -1.18 12.51 3.31
N TYR D 3 -0.31 11.53 3.54
CA TYR D 3 0.16 11.24 4.89
C TYR D 3 1.10 12.33 5.44
N LEU D 4 2.00 12.84 4.61
CA LEU D 4 2.92 13.86 5.06
C LEU D 4 2.19 15.12 5.55
N ASN D 5 1.10 15.52 4.89
CA ASN D 5 0.34 16.65 5.37
C ASN D 5 -0.15 16.38 6.78
N ASN D 6 -0.62 15.16 7.02
CA ASN D 6 -1.15 14.83 8.34
C ASN D 6 -0.05 14.79 9.40
N ILE D 7 1.16 14.42 9.00
CA ILE D 7 2.27 14.43 9.96
C ILE D 7 2.55 15.87 10.38
N ARG D 8 2.62 16.75 9.40
CA ARG D 8 2.92 18.17 9.70
C ARG D 8 1.87 18.82 10.61
N ILE D 9 0.62 18.38 10.47
CA ILE D 9 -0.46 18.91 11.27
C ILE D 9 -0.57 18.25 12.65
N GLU D 10 -0.51 16.94 12.69
CA GLU D 10 -0.76 16.19 13.92
C GLU D 10 0.45 16.01 14.80
N ASN D 11 1.65 16.13 14.24
CA ASN D 11 2.87 16.08 15.02
C ASN D 11 3.03 14.75 15.80
N PRO D 12 2.97 13.62 15.10
CA PRO D 12 2.88 12.34 15.77
C PRO D 12 4.09 11.96 16.62
N LEU D 13 3.83 11.59 17.86
CA LEU D 13 4.85 11.15 18.78
C LEU D 13 5.38 9.82 18.29
N THR D 14 6.67 9.78 18.01
CA THR D 14 7.30 8.66 17.36
C THR D 14 8.49 8.22 18.22
N ILE D 15 8.37 7.07 18.85
CA ILE D 15 9.39 6.62 19.79
C ILE D 15 10.50 5.88 19.04
N CYS D 16 11.75 6.14 19.36
CA CYS D 16 12.88 5.54 18.68
C CYS D 16 13.83 4.92 19.68
N TYR D 17 14.00 3.61 19.57
CA TYR D 17 15.07 2.90 20.24
C TYR D 17 16.06 2.53 19.13
N THR D 18 17.07 3.36 18.91
CA THR D 18 17.90 3.23 17.73
C THR D 18 19.35 3.34 18.10
N ASN D 19 20.24 3.21 17.14
CA ASN D 19 21.63 3.01 17.46
C ASN D 19 22.36 4.30 17.73
N ASP D 20 23.49 4.19 18.40
CA ASP D 20 24.19 5.37 18.93
C ASP D 20 24.81 6.24 17.86
N VAL D 21 24.93 5.76 16.64
CA VAL D 21 25.55 6.51 15.60
C VAL D 21 24.52 7.54 15.00
N VAL D 22 23.23 7.27 15.16
CA VAL D 22 22.22 7.90 14.33
C VAL D 22 21.10 8.56 15.10
N LYS D 23 21.20 8.60 16.42
CA LYS D 23 20.11 9.16 17.21
C LYS D 23 19.81 10.60 16.87
N ASN D 24 20.83 11.43 16.85
CA ASN D 24 20.66 12.82 16.56
C ASN D 24 20.07 13.06 15.16
N PHE D 25 20.58 12.33 14.16
CA PHE D 25 20.15 12.53 12.80
C PHE D 25 18.69 12.05 12.61
N THR D 26 18.34 10.97 13.27
CA THR D 26 16.99 10.43 13.22
C THR D 26 16.02 11.40 13.81
N ALA D 27 16.35 11.96 14.97
CA ALA D 27 15.47 12.91 15.64
C ALA D 27 15.31 14.14 14.73
N ASN D 28 16.40 14.61 14.14
CA ASN D 28 16.31 15.81 13.27
C ASN D 28 15.52 15.56 11.99
N GLY D 29 15.67 14.36 11.42
CA GLY D 29 14.84 13.98 10.27
C GLY D 29 13.36 13.96 10.58
N LEU D 30 13.04 13.31 11.70
CA LEU D 30 11.63 13.29 12.17
C LEU D 30 11.10 14.70 12.45
N LEU D 31 11.90 15.52 13.14
CA LEU D 31 11.46 16.90 13.39
C LEU D 31 11.22 17.62 12.08
N SER D 32 12.08 17.39 11.09
CA SER D 32 11.97 18.15 9.86
C SER D 32 10.66 17.87 9.07
N ILE D 33 10.13 16.65 9.16
CA ILE D 33 8.83 16.35 8.51
C ILE D 33 7.62 16.65 9.39
N GLY D 34 7.86 17.20 10.58
CA GLY D 34 6.80 17.57 11.51
C GLY D 34 6.47 16.55 12.56
N ALA D 35 7.16 15.41 12.63
CA ALA D 35 6.88 14.47 13.68
C ALA D 35 7.50 14.92 15.00
N SER D 36 7.16 14.20 16.07
CA SER D 36 7.69 14.48 17.39
C SER D 36 8.48 13.28 17.93
N PRO D 37 9.80 13.31 17.78
CA PRO D 37 10.60 12.13 18.15
C PRO D 37 10.89 12.06 19.62
N ALA D 38 10.98 10.84 20.17
CA ALA D 38 11.34 10.69 21.53
C ALA D 38 12.21 9.44 21.66
N MET D 39 13.44 9.62 22.06
CA MET D 39 14.34 8.52 22.14
C MET D 39 14.27 7.93 23.54
N SER D 40 13.15 7.32 23.89
CA SER D 40 12.98 6.75 25.19
C SER D 40 13.50 5.32 25.15
N GLU D 41 14.37 4.98 26.08
CA GLU D 41 14.95 3.64 26.12
C GLU D 41 14.69 2.85 27.39
N ALA D 42 14.06 3.48 28.39
CA ALA D 42 13.79 2.82 29.68
C ALA D 42 12.51 2.03 29.62
N PRO D 43 12.58 0.73 29.87
CA PRO D 43 11.34 -0.08 29.93
C PRO D 43 10.36 0.43 30.98
N GLU D 44 10.87 1.06 32.01
CA GLU D 44 10.08 1.58 33.10
C GLU D 44 9.10 2.68 32.67
N GLU D 45 9.35 3.36 31.55
CA GLU D 45 8.42 4.41 31.11
C GLU D 45 7.74 4.06 29.79
N ALA D 46 7.95 2.84 29.33
CA ALA D 46 7.38 2.44 28.05
C ALA D 46 5.85 2.39 28.04
N GLU D 47 5.27 1.83 29.08
CA GLU D 47 3.81 1.82 29.16
C GLU D 47 3.17 3.20 28.98
N GLU D 48 3.68 4.18 29.69
CA GLU D 48 3.06 5.49 29.70
C GLU D 48 3.34 6.22 28.39
N PHE D 49 4.57 6.12 27.90
CA PHE D 49 4.91 6.74 26.61
C PHE D 49 4.09 6.13 25.49
N TYR D 50 3.96 4.82 25.51
CA TYR D 50 3.37 4.13 24.37
C TYR D 50 1.88 4.39 24.24
N LYS D 51 1.18 4.66 25.34
CA LYS D 51 -0.27 4.83 25.27
C LYS D 51 -0.60 5.95 24.32
N VAL D 52 0.23 6.98 24.31
CA VAL D 52 -0.04 8.20 23.56
C VAL D 52 0.81 8.33 22.28
N ALA D 53 1.65 7.34 21.99
CA ALA D 53 2.53 7.39 20.83
C ALA D 53 1.91 6.78 19.59
N GLN D 54 2.46 7.08 18.42
CA GLN D 54 1.90 6.62 17.15
C GLN D 54 2.71 5.52 16.50
N ALA D 55 3.98 5.38 16.86
CA ALA D 55 4.80 4.21 16.46
C ALA D 55 6.04 4.10 17.31
N LEU D 56 6.69 2.95 17.22
CA LEU D 56 7.99 2.70 17.83
C LEU D 56 8.93 2.14 16.75
N LEU D 57 10.13 2.72 16.65
CA LEU D 57 11.22 2.17 15.84
C LEU D 57 12.18 1.36 16.73
N ILE D 58 12.56 0.18 16.31
CA ILE D 58 13.62 -0.59 16.97
C ILE D 58 14.70 -0.84 15.92
N ASN D 59 15.90 -0.33 16.17
CA ASN D 59 17.02 -0.45 15.25
C ASN D 59 18.19 -0.97 16.05
N ILE D 60 18.75 -2.10 15.64
CA ILE D 60 19.78 -2.80 16.42
C ILE D 60 21.23 -2.52 16.03
N GLY D 61 21.46 -1.39 15.36
CA GLY D 61 22.80 -1.03 14.86
C GLY D 61 23.92 -1.09 15.83
N THR D 62 23.68 -0.72 17.09
CA THR D 62 24.73 -0.90 18.10
C THR D 62 24.29 -1.84 19.24
N LEU D 63 23.67 -2.96 18.88
CA LEU D 63 23.26 -4.00 19.85
C LEU D 63 24.40 -4.47 20.77
N THR D 64 24.12 -4.43 22.08
CA THR D 64 25.00 -5.01 23.09
C THR D 64 24.18 -5.75 24.16
N ALA D 65 24.87 -6.49 25.02
CA ALA D 65 24.20 -7.25 26.11
C ALA D 65 23.25 -6.39 26.92
N GLN D 66 23.62 -5.14 27.13
CA GLN D 66 22.82 -4.18 27.87
C GLN D 66 21.50 -3.81 27.19
N ASN D 67 21.43 -3.92 25.87
CA ASN D 67 20.20 -3.66 25.12
C ASN D 67 19.24 -4.86 25.07
N GLU D 68 19.80 -6.08 25.07
CA GLU D 68 19.02 -7.25 24.60
C GLU D 68 17.71 -7.44 25.36
N GLN D 69 17.80 -7.44 26.68
CA GLN D 69 16.60 -7.67 27.49
C GLN D 69 15.62 -6.49 27.37
N ASP D 70 16.16 -5.30 27.46
CA ASP D 70 15.30 -4.08 27.34
C ASP D 70 14.49 -4.06 26.07
N ILE D 71 15.14 -4.41 24.96
CA ILE D 71 14.48 -4.37 23.64
C ILE D 71 13.31 -5.37 23.58
N ILE D 72 13.53 -6.57 24.08
CA ILE D 72 12.50 -7.57 24.06
C ILE D 72 11.36 -7.03 24.88
N ALA D 73 11.68 -6.49 26.05
CA ALA D 73 10.65 -6.05 26.99
C ALA D 73 9.82 -4.93 26.35
N ILE D 74 10.47 -3.94 25.74
CA ILE D 74 9.68 -2.83 25.16
C ILE D 74 8.88 -3.26 23.92
N ALA D 75 9.37 -4.26 23.19
CA ALA D 75 8.59 -4.76 22.08
C ALA D 75 7.28 -5.39 22.58
N GLN D 76 7.38 -6.13 23.68
CA GLN D 76 6.22 -6.77 24.30
C GLN D 76 5.27 -5.73 24.85
N THR D 77 5.80 -4.72 25.53
CA THR D 77 4.96 -3.57 25.92
C THR D 77 4.26 -2.91 24.72
N ALA D 78 4.96 -2.79 23.60
CA ALA D 78 4.35 -2.15 22.41
C ALA D 78 3.19 -2.99 21.88
N ASN D 79 3.42 -4.29 21.78
CA ASN D 79 2.34 -5.20 21.38
C ASN D 79 1.12 -5.09 22.31
N GLU D 80 1.34 -5.13 23.61
CA GLU D 80 0.27 -4.96 24.61
C GLU D 80 -0.49 -3.64 24.38
N ALA D 81 0.23 -2.60 24.01
CA ALA D 81 -0.37 -1.29 23.83
C ALA D 81 -1.00 -1.11 22.45
N GLY D 82 -0.80 -2.07 21.53
CA GLY D 82 -1.21 -1.88 20.14
C GLY D 82 -0.40 -0.77 19.42
N LEU D 83 0.83 -0.53 19.87
CA LEU D 83 1.70 0.44 19.24
C LEU D 83 2.52 -0.24 18.11
N PRO D 84 2.42 0.27 16.85
CA PRO D 84 3.12 -0.43 15.78
C PRO D 84 4.62 -0.29 15.87
N ILE D 85 5.32 -1.36 15.51
CA ILE D 85 6.76 -1.40 15.57
C ILE D 85 7.37 -1.49 14.16
N VAL D 86 8.35 -0.63 13.91
CA VAL D 86 9.19 -0.75 12.74
C VAL D 86 10.48 -1.35 13.24
N PHE D 87 10.93 -2.41 12.59
CA PHE D 87 12.15 -3.15 13.01
C PHE D 87 13.24 -3.06 11.92
N ASP D 88 14.40 -2.58 12.29
CA ASP D 88 15.55 -2.50 11.40
C ASP D 88 16.63 -3.46 11.85
N PRO D 89 16.71 -4.63 11.20
CA PRO D 89 17.70 -5.62 11.66
C PRO D 89 19.10 -5.35 11.06
N VAL D 90 19.70 -4.23 11.46
CA VAL D 90 20.95 -3.76 10.89
C VAL D 90 22.05 -4.83 10.97
N ALA D 91 22.66 -5.12 9.80
CA ALA D 91 23.81 -6.01 9.70
C ALA D 91 23.57 -7.40 10.26
N VAL D 92 22.31 -7.86 10.21
CA VAL D 92 21.95 -9.15 10.81
C VAL D 92 22.75 -10.30 10.20
N GLY D 93 23.07 -10.18 8.93
CA GLY D 93 23.90 -11.17 8.26
C GLY D 93 25.37 -11.19 8.63
N ALA D 94 25.87 -10.18 9.35
CA ALA D 94 27.30 -10.07 9.69
C ALA D 94 27.73 -10.83 10.93
N SER D 95 26.79 -11.22 11.78
CA SER D 95 27.18 -12.08 12.93
C SER D 95 26.08 -12.98 13.41
N THR D 96 26.49 -14.09 14.02
CA THR D 96 25.54 -14.99 14.59
C THR D 96 24.87 -14.28 15.77
N TYR D 97 25.61 -13.45 16.47
CA TYR D 97 25.08 -12.69 17.59
C TYR D 97 23.82 -11.92 17.16
N ARG D 98 23.89 -11.21 16.05
CA ARG D 98 22.71 -10.50 15.56
C ARG D 98 21.63 -11.39 15.00
N LYS D 99 22.01 -12.46 14.31
CA LYS D 99 21.00 -13.42 13.82
C LYS D 99 20.16 -13.97 14.96
N GLN D 100 20.84 -14.45 15.99
CA GLN D 100 20.13 -15.09 17.10
C GLN D 100 19.20 -14.06 17.75
N PHE D 101 19.69 -12.86 17.95
CA PHE D 101 18.85 -11.87 18.62
C PHE D 101 17.61 -11.53 17.79
N CYS D 102 17.77 -11.36 16.49
CA CYS D 102 16.66 -11.02 15.63
C CYS D 102 15.61 -12.11 15.62
N LYS D 103 16.09 -13.35 15.60
CA LYS D 103 15.23 -14.51 15.70
C LYS D 103 14.41 -14.48 16.99
N LEU D 104 15.09 -14.23 18.11
CA LEU D 104 14.43 -14.20 19.41
C LEU D 104 13.36 -13.12 19.44
N LEU D 105 13.68 -11.97 18.86
CA LEU D 105 12.75 -10.82 18.85
C LEU D 105 11.52 -11.11 18.04
N LEU D 106 11.71 -11.66 16.85
CA LEU D 106 10.58 -11.96 15.98
C LEU D 106 9.74 -13.16 16.46
N LYS D 107 10.31 -14.01 17.31
CA LYS D 107 9.58 -15.07 17.99
C LYS D 107 8.81 -14.48 19.17
N SER D 108 9.30 -13.39 19.75
CA SER D 108 8.74 -12.79 20.99
C SER D 108 7.71 -11.67 20.76
N ALA D 109 7.71 -11.07 19.57
CA ALA D 109 6.80 -9.98 19.32
C ALA D 109 6.42 -9.87 17.86
N LYS D 110 5.25 -9.31 17.60
CA LYS D 110 4.78 -9.07 16.25
C LYS D 110 5.23 -7.68 15.89
N VAL D 111 5.93 -7.52 14.77
CA VAL D 111 6.23 -6.17 14.30
C VAL D 111 5.36 -5.78 13.11
N SER D 112 5.36 -4.51 12.74
CA SER D 112 4.44 -4.01 11.71
C SER D 112 5.15 -3.73 10.38
N VAL D 113 6.43 -3.42 10.43
CA VAL D 113 7.24 -3.28 9.23
C VAL D 113 8.61 -3.85 9.55
N ILE D 114 9.16 -4.63 8.64
CA ILE D 114 10.56 -5.02 8.70
C ILE D 114 11.29 -4.37 7.52
N LYS D 115 12.32 -3.60 7.81
CA LYS D 115 13.07 -2.86 6.81
C LYS D 115 14.54 -3.20 6.88
N GLY D 116 15.12 -3.50 5.74
CA GLY D 116 16.55 -3.65 5.62
C GLY D 116 16.97 -3.69 4.15
N ASN D 117 18.26 -3.85 3.93
CA ASN D 117 18.77 -4.09 2.59
C ASN D 117 18.59 -5.58 2.26
N ALA D 118 18.88 -5.94 1.02
CA ALA D 118 18.57 -7.28 0.54
C ALA D 118 19.28 -8.36 1.34
N SER D 119 20.53 -8.12 1.74
CA SER D 119 21.30 -9.20 2.43
C SER D 119 20.80 -9.34 3.83
N GLU D 120 20.37 -8.22 4.43
CA GLU D 120 19.79 -8.28 5.77
C GLU D 120 18.50 -9.13 5.81
N ILE D 121 17.56 -8.83 4.91
CA ILE D 121 16.30 -9.60 4.86
C ILE D 121 16.54 -11.03 4.47
N LEU D 122 17.46 -11.26 3.54
CA LEU D 122 17.81 -12.63 3.13
C LEU D 122 18.34 -13.44 4.33
N ALA D 123 19.20 -12.80 5.13
CA ALA D 123 19.78 -13.47 6.28
C ALA D 123 18.72 -13.81 7.31
N LEU D 124 17.70 -12.97 7.43
CA LEU D 124 16.54 -13.27 8.29
C LEU D 124 15.82 -14.54 7.91
N ILE D 125 15.56 -14.73 6.62
CA ILE D 125 14.79 -15.88 6.15
C ILE D 125 15.70 -17.12 5.90
N ASP D 126 17.03 -16.88 5.74
CA ASP D 126 18.12 -17.81 5.37
C ASP D 126 18.06 -18.28 3.90
N ASP D 137 24.91 -8.44 -1.01
CA ASP D 137 24.14 -7.34 -1.64
C ASP D 137 24.18 -7.39 -3.16
N ALA D 138 25.34 -7.78 -3.68
CA ALA D 138 25.56 -7.95 -5.10
C ALA D 138 24.55 -8.93 -5.73
N ASN D 139 23.63 -8.42 -6.56
CA ASN D 139 22.83 -9.21 -7.55
C ASN D 139 21.58 -9.97 -7.04
N LEU D 140 21.26 -9.75 -5.76
CA LEU D 140 20.08 -10.36 -5.09
C LEU D 140 18.72 -9.90 -5.69
N ASP D 141 17.78 -10.83 -5.79
CA ASP D 141 16.42 -10.54 -6.31
C ASP D 141 15.56 -10.07 -5.14
N ALA D 142 15.52 -8.76 -4.95
CA ALA D 142 14.86 -8.14 -3.82
C ALA D 142 13.36 -8.44 -3.80
N VAL D 143 12.73 -8.44 -4.98
CA VAL D 143 11.31 -8.72 -5.05
C VAL D 143 11.01 -10.12 -4.49
N THR D 144 11.75 -11.14 -4.95
CA THR D 144 11.53 -12.51 -4.52
C THR D 144 11.79 -12.69 -3.03
N ILE D 145 12.89 -12.08 -2.56
CA ILE D 145 13.23 -12.12 -1.13
C ILE D 145 12.15 -11.45 -0.28
N ALA D 146 11.65 -10.29 -0.74
CA ALA D 146 10.63 -9.58 0.00
C ALA D 146 9.34 -10.38 0.08
N LYS D 147 8.97 -11.03 -1.01
CA LYS D 147 7.78 -11.89 -1.02
C LYS D 147 7.91 -13.13 -0.12
N LYS D 148 9.07 -13.74 -0.15
CA LYS D 148 9.34 -14.84 0.75
C LYS D 148 9.28 -14.40 2.19
N ALA D 149 9.87 -13.26 2.51
CA ALA D 149 9.84 -12.75 3.87
C ALA D 149 8.43 -12.41 4.30
N TYR D 150 7.63 -11.87 3.38
CA TYR D 150 6.25 -11.51 3.70
C TYR D 150 5.44 -12.75 4.05
N ALA D 151 5.63 -13.81 3.28
CA ALA D 151 4.94 -15.07 3.55
C ALA D 151 5.29 -15.65 4.92
N ILE D 152 6.55 -15.53 5.32
CA ILE D 152 7.02 -16.06 6.59
C ILE D 152 6.52 -15.21 7.76
N TYR D 153 6.67 -13.90 7.69
CA TYR D 153 6.37 -13.03 8.82
C TYR D 153 4.98 -12.41 8.79
N LYS D 154 4.29 -12.46 7.65
CA LYS D 154 2.98 -11.78 7.48
C LYS D 154 3.01 -10.35 7.99
N THR D 155 4.07 -9.64 7.61
CA THR D 155 4.39 -8.30 8.09
C THR D 155 4.93 -7.54 6.88
N ALA D 156 4.57 -6.29 6.73
CA ALA D 156 5.10 -5.49 5.62
C ALA D 156 6.61 -5.55 5.60
N ILE D 157 7.17 -5.69 4.41
CA ILE D 157 8.62 -5.77 4.22
C ILE D 157 9.03 -4.65 3.31
N VAL D 158 10.06 -3.92 3.72
CA VAL D 158 10.66 -2.89 2.87
C VAL D 158 12.11 -3.30 2.67
N ILE D 159 12.51 -3.52 1.41
CA ILE D 159 13.89 -3.76 1.10
C ILE D 159 14.50 -2.58 0.31
N THR D 160 15.49 -1.92 0.94
CA THR D 160 16.14 -0.78 0.34
C THR D 160 17.28 -1.29 -0.51
N GLY D 161 17.56 -0.54 -1.57
CA GLY D 161 18.61 -0.86 -2.55
C GLY D 161 18.62 0.23 -3.64
N LYS D 162 19.30 -0.04 -4.75
CA LYS D 162 19.31 0.86 -5.90
C LYS D 162 17.88 1.26 -6.22
N GLU D 163 17.02 0.27 -6.44
CA GLU D 163 15.57 0.45 -6.42
C GLU D 163 15.03 -0.16 -5.11
N ASP D 164 13.96 0.42 -4.57
CA ASP D 164 13.42 -0.03 -3.30
C ASP D 164 12.19 -0.92 -3.56
N VAL D 165 12.02 -1.93 -2.71
CA VAL D 165 10.91 -2.85 -2.82
C VAL D 165 10.06 -2.75 -1.57
N ILE D 166 8.74 -2.73 -1.76
CA ILE D 166 7.79 -2.84 -0.66
C ILE D 166 6.76 -3.94 -0.94
N VAL D 167 6.59 -4.83 0.03
CA VAL D 167 5.55 -5.84 -0.03
C VAL D 167 4.65 -5.67 1.18
N GLN D 168 3.36 -5.45 0.91
CA GLN D 168 2.33 -5.45 1.95
C GLN D 168 1.03 -6.03 1.42
N GLY D 169 0.43 -6.93 2.21
CA GLY D 169 -0.81 -7.63 1.78
C GLY D 169 -0.71 -8.22 0.36
N ASP D 170 -1.57 -7.78 -0.54
CA ASP D 170 -1.65 -8.41 -1.86
C ASP D 170 -0.87 -7.67 -2.94
N LYS D 171 0.01 -6.76 -2.55
CA LYS D 171 0.80 -6.02 -3.53
C LYS D 171 2.31 -6.03 -3.30
N ALA D 172 3.05 -5.95 -4.41
CA ALA D 172 4.50 -5.74 -4.38
C ALA D 172 4.78 -4.59 -5.28
N ILE D 173 5.66 -3.72 -4.83
CA ILE D 173 5.99 -2.55 -5.57
C ILE D 173 7.49 -2.24 -5.59
N VAL D 174 7.96 -1.75 -6.73
CA VAL D 174 9.32 -1.34 -6.95
C VAL D 174 9.35 0.18 -7.18
N LEU D 175 10.12 0.88 -6.36
CA LEU D 175 10.29 2.33 -6.46
C LEU D 175 11.71 2.66 -6.96
N ALA D 176 11.84 3.75 -7.69
CA ALA D 176 13.15 4.15 -8.24
C ALA D 176 13.48 5.65 -8.07
N ASN D 177 13.47 6.16 -6.83
CA ASN D 177 13.89 7.54 -6.53
C ASN D 177 15.19 7.55 -5.71
N GLY D 178 15.79 8.74 -5.57
CA GLY D 178 16.91 8.92 -4.62
C GLY D 178 18.23 9.44 -5.19
N SER D 179 19.28 9.40 -4.35
CA SER D 179 20.59 9.88 -4.75
C SER D 179 21.71 8.99 -4.22
N PRO D 180 22.79 8.87 -4.98
CA PRO D 180 23.95 8.12 -4.52
C PRO D 180 24.60 8.69 -3.26
N LEU D 181 24.47 10.01 -3.07
CA LEU D 181 25.03 10.68 -1.88
C LEU D 181 24.42 10.21 -0.56
N LEU D 182 23.19 9.71 -0.60
CA LEU D 182 22.58 9.03 0.54
C LEU D 182 23.46 7.90 1.10
N ALA D 183 24.07 7.10 0.22
CA ALA D 183 24.91 5.99 0.69
C ALA D 183 26.18 6.45 1.43
N ARG D 184 26.54 7.73 1.30
CA ARG D 184 27.77 8.26 1.87
C ARG D 184 27.47 9.13 3.07
N VAL D 185 26.26 9.02 3.57
CA VAL D 185 25.87 9.64 4.81
C VAL D 185 25.46 8.54 5.81
N THR D 186 26.08 8.53 7.00
CA THR D 186 25.86 7.40 7.93
C THR D 186 24.42 7.26 8.46
N GLY D 187 23.72 8.32 8.72
CA GLY D 187 22.34 7.98 9.18
C GLY D 187 21.32 7.32 8.20
N ALA D 188 21.57 7.39 6.88
CA ALA D 188 20.45 7.42 5.87
C ALA D 188 19.35 6.37 6.07
N GLY D 189 19.70 5.09 5.97
CA GLY D 189 18.72 4.06 6.06
C GLY D 189 18.16 3.92 7.47
N CYS D 190 18.98 4.29 8.47
CA CYS D 190 18.57 4.15 9.83
C CYS D 190 17.52 5.28 10.03
N LEU D 191 17.80 6.43 9.41
CA LEU D 191 16.84 7.53 9.40
C LEU D 191 15.58 7.10 8.68
N LEU D 192 15.69 6.36 7.57
CA LEU D 192 14.47 5.95 6.83
C LEU D 192 13.52 5.11 7.70
N GLY D 193 14.09 4.23 8.51
CA GLY D 193 13.33 3.45 9.48
C GLY D 193 12.51 4.38 10.38
N GLY D 194 13.15 5.42 10.87
CA GLY D 194 12.44 6.40 11.69
C GLY D 194 11.35 7.13 10.92
N ILE D 195 11.64 7.52 9.69
CA ILE D 195 10.64 8.23 8.84
C ILE D 195 9.42 7.34 8.62
N ILE D 196 9.66 6.09 8.26
CA ILE D 196 8.54 5.15 8.06
C ILE D 196 7.68 5.07 9.32
N ALA D 197 8.32 4.95 10.49
CA ALA D 197 7.57 4.98 11.77
C ALA D 197 6.68 6.23 11.88
N GLY D 198 7.19 7.34 11.39
CA GLY D 198 6.43 8.59 11.41
C GLY D 198 5.20 8.58 10.58
N PHE D 199 5.13 7.68 9.60
CA PHE D 199 4.00 7.57 8.69
C PHE D 199 2.90 6.60 9.14
N LEU D 200 3.07 5.96 10.30
CA LEU D 200 2.18 4.85 10.64
C LEU D 200 0.86 5.24 11.35
N PHE D 201 0.84 6.33 12.09
CA PHE D 201 -0.39 6.77 12.75
C PHE D 201 -1.11 5.67 13.51
N ARG D 202 -0.32 4.86 14.22
CA ARG D 202 -0.82 3.82 15.09
C ARG D 202 -1.56 2.70 14.36
N GLU D 203 -1.28 2.51 13.08
CA GLU D 203 -1.78 1.33 12.34
C GLU D 203 -0.79 0.18 12.43
N THR D 204 -1.21 -0.88 13.10
CA THR D 204 -0.38 -2.06 13.24
C THR D 204 -0.31 -2.83 11.93
N GLU D 205 -1.27 -2.60 11.04
CA GLU D 205 -1.19 -3.19 9.70
C GLU D 205 -1.27 -2.06 8.66
N PRO D 206 -0.16 -1.38 8.41
CA PRO D 206 -0.26 -0.15 7.63
C PRO D 206 -0.64 -0.34 6.16
N ASP D 207 -1.38 0.61 5.64
CA ASP D 207 -1.69 0.66 4.25
C ASP D 207 -0.40 0.78 3.46
N ILE D 208 -0.26 0.01 2.39
CA ILE D 208 0.92 0.11 1.56
C ILE D 208 1.17 1.54 1.03
N GLU D 209 0.12 2.31 0.84
CA GLU D 209 0.24 3.68 0.35
C GLU D 209 1.03 4.55 1.33
N ALA D 210 0.87 4.31 2.62
CA ALA D 210 1.65 5.02 3.62
C ALA D 210 3.14 4.68 3.53
N LEU D 211 3.45 3.42 3.21
CA LEU D 211 4.84 3.00 3.10
C LEU D 211 5.47 3.55 1.83
N ILE D 212 4.74 3.46 0.74
CA ILE D 212 5.16 4.08 -0.52
C ILE D 212 5.49 5.57 -0.33
N GLU D 213 4.59 6.30 0.33
CA GLU D 213 4.78 7.73 0.57
C GLU D 213 5.99 8.00 1.48
N ALA D 214 6.18 7.19 2.55
CA ALA D 214 7.34 7.36 3.42
C ALA D 214 8.65 7.25 2.63
N VAL D 215 8.79 6.18 1.88
CA VAL D 215 10.04 5.92 1.15
C VAL D 215 10.24 6.97 0.02
N SER D 216 9.18 7.35 -0.65
CA SER D 216 9.27 8.30 -1.74
C SER D 216 9.56 9.73 -1.29
N VAL D 217 8.95 10.16 -0.20
CA VAL D 217 9.28 11.44 0.43
C VAL D 217 10.76 11.54 0.76
N PHE D 218 11.26 10.48 1.36
CA PHE D 218 12.65 10.43 1.74
C PHE D 218 13.55 10.47 0.52
N ASN D 219 13.35 9.56 -0.44
CA ASN D 219 14.21 9.51 -1.62
C ASN D 219 14.06 10.72 -2.55
N ILE D 220 12.88 11.31 -2.63
CA ILE D 220 12.67 12.55 -3.46
C ILE D 220 13.36 13.76 -2.82
N ALA D 221 13.24 13.89 -1.50
CA ALA D 221 14.00 14.89 -0.76
C ALA D 221 15.52 14.71 -0.94
N ALA D 222 16.02 13.47 -0.93
CA ALA D 222 17.44 13.25 -1.19
C ALA D 222 17.86 13.67 -2.58
N GLU D 223 17.07 13.27 -3.58
CA GLU D 223 17.24 13.71 -4.96
C GLU D 223 17.37 15.23 -5.13
N VAL D 224 16.42 15.95 -4.57
CA VAL D 224 16.35 17.40 -4.68
C VAL D 224 17.50 18.05 -3.90
N ALA D 225 17.74 17.59 -2.68
CA ALA D 225 18.85 18.10 -1.91
C ALA D 225 20.16 17.99 -2.70
N ALA D 226 20.39 16.85 -3.35
CA ALA D 226 21.65 16.61 -4.07
C ALA D 226 21.81 17.49 -5.30
N GLU D 227 20.71 18.03 -5.82
CA GLU D 227 20.75 18.97 -6.92
C GLU D 227 20.95 20.37 -6.48
N ASN D 228 20.78 20.66 -5.22
CA ASN D 228 20.94 22.03 -4.75
C ASN D 228 22.33 22.55 -5.10
N GLU D 229 22.41 23.80 -5.54
CA GLU D 229 23.67 24.40 -5.97
C GLU D 229 24.69 24.47 -4.82
N ASN D 230 24.22 24.53 -3.57
CA ASN D 230 25.12 24.52 -2.40
C ASN D 230 25.50 23.12 -1.91
N CYS D 231 25.12 22.08 -2.64
CA CYS D 231 25.51 20.71 -2.23
C CYS D 231 26.87 20.41 -2.83
N GLY D 232 27.92 20.43 -2.02
CA GLY D 232 29.26 20.15 -2.51
C GLY D 232 29.81 18.75 -2.11
N GLY D 233 28.97 17.90 -1.59
CA GLY D 233 29.42 16.58 -1.18
C GLY D 233 28.58 16.03 -0.06
N PRO D 234 29.02 14.93 0.53
CA PRO D 234 28.20 14.28 1.55
C PRO D 234 28.04 15.10 2.83
N GLY D 235 29.02 15.94 3.14
CA GLY D 235 28.94 16.81 4.30
C GLY D 235 27.84 17.86 4.18
N THR D 236 27.86 18.67 3.13
CA THR D 236 26.83 19.68 2.94
C THR D 236 25.48 19.07 2.56
N PHE D 237 25.48 17.89 1.95
CA PHE D 237 24.23 17.21 1.59
C PHE D 237 23.28 17.00 2.79
N SER D 238 23.84 16.61 3.91
CA SER D 238 23.01 16.25 5.05
C SER D 238 22.14 17.40 5.60
N PRO D 239 22.72 18.55 5.93
CA PRO D 239 21.81 19.67 6.25
C PRO D 239 20.76 19.99 5.17
N LEU D 240 21.14 19.85 3.90
CA LEU D 240 20.22 20.19 2.81
C LEU D 240 19.12 19.13 2.70
N LEU D 241 19.43 17.86 3.03
CA LEU D 241 18.42 16.87 3.08
C LEU D 241 17.35 17.26 4.10
N LEU D 242 17.78 17.70 5.28
CA LEU D 242 16.84 18.12 6.30
C LEU D 242 16.01 19.35 5.83
N ASP D 243 16.65 20.32 5.21
CA ASP D 243 15.92 21.50 4.69
C ASP D 243 14.85 21.07 3.71
N THR D 244 15.22 20.14 2.84
CA THR D 244 14.33 19.68 1.74
C THR D 244 13.14 18.88 2.27
N LEU D 245 13.36 18.04 3.28
CA LEU D 245 12.28 17.32 3.95
C LEU D 245 11.34 18.33 4.57
N TYR D 246 11.89 19.36 5.18
CA TYR D 246 11.07 20.39 5.79
C TYR D 246 10.15 21.10 4.81
N HIS D 247 10.68 21.42 3.63
CA HIS D 247 9.94 22.23 2.64
C HIS D 247 9.15 21.42 1.59
N LEU D 248 9.35 20.11 1.52
CA LEU D 248 8.84 19.31 0.39
C LEU D 248 7.37 19.51 0.18
N ASN D 249 6.97 19.89 -1.03
CA ASN D 249 5.55 20.11 -1.35
C ASN D 249 4.95 19.09 -2.33
N GLU D 250 3.62 19.12 -2.43
CA GLU D 250 2.85 18.22 -3.29
C GLU D 250 3.35 18.23 -4.73
N THR D 251 3.60 19.43 -5.26
CA THR D 251 4.01 19.57 -6.65
C THR D 251 5.31 18.83 -6.95
N THR D 252 6.34 19.11 -6.18
CA THR D 252 7.61 18.42 -6.35
C THR D 252 7.43 16.89 -6.21
N TYR D 253 6.68 16.47 -5.19
CA TYR D 253 6.44 15.04 -4.96
C TYR D 253 5.81 14.36 -6.16
N GLN D 254 4.73 14.95 -6.68
CA GLN D 254 4.05 14.42 -7.88
C GLN D 254 4.93 14.47 -9.14
N GLN D 255 5.68 15.54 -9.32
CA GLN D 255 6.60 15.61 -10.46
C GLN D 255 7.63 14.52 -10.48
N ARG D 256 8.12 14.11 -9.31
CA ARG D 256 9.30 13.28 -9.26
C ARG D 256 9.10 11.82 -8.92
N ILE D 257 7.94 11.43 -8.41
CA ILE D 257 7.80 10.04 -7.97
C ILE D 257 7.95 9.04 -9.14
N ARG D 258 8.71 7.95 -8.92
CA ARG D 258 8.92 6.90 -9.93
C ARG D 258 8.62 5.49 -9.40
N ILE D 259 7.59 4.85 -9.97
CA ILE D 259 7.01 3.59 -9.47
C ILE D 259 7.12 2.47 -10.52
N GLN D 260 6.98 1.16 -10.09
CA GLN D 260 6.66 -0.19 -10.90
C GLN D 260 6.02 -1.40 -10.08
N GLU D 261 5.18 -2.30 -10.65
CA GLU D 261 4.16 -2.98 -9.80
C GLU D 261 3.45 -4.39 -10.06
N VAL D 262 3.24 -5.16 -9.01
CA VAL D 262 2.87 -6.61 -9.11
C VAL D 262 1.77 -7.10 -8.10
N GLU D 263 0.90 -8.02 -8.51
CA GLU D 263 0.02 -8.73 -7.53
C GLU D 263 0.81 -9.70 -6.62
N GLU D 264 0.42 -9.74 -5.32
CA GLU D 264 0.96 -10.54 -4.10
C GLU D 264 2.40 -10.45 -3.53
N MET E 1 28.21 42.35 27.12
CA MET E 1 28.57 40.92 27.17
C MET E 1 29.74 40.62 28.10
N ASN E 2 29.60 40.98 29.37
CA ASN E 2 30.62 40.74 30.40
C ASN E 2 31.05 39.25 30.42
N TYR E 3 30.09 38.36 30.64
CA TYR E 3 30.42 36.94 30.88
C TYR E 3 30.96 36.20 29.66
N LEU E 4 30.36 36.41 28.50
CA LEU E 4 30.81 35.75 27.29
C LEU E 4 32.29 36.08 27.01
N ASN E 5 32.72 37.31 27.24
CA ASN E 5 34.12 37.68 27.03
C ASN E 5 35.03 36.85 27.90
N ASN E 6 34.59 36.63 29.12
CA ASN E 6 35.38 35.80 30.04
C ASN E 6 35.39 34.34 29.70
N ILE E 7 34.31 33.84 29.09
CA ILE E 7 34.28 32.46 28.65
C ILE E 7 35.31 32.27 27.53
N ARG E 8 35.32 33.21 26.56
CA ARG E 8 36.25 33.10 25.43
C ARG E 8 37.72 33.13 25.87
N ILE E 9 38.01 33.85 26.93
CA ILE E 9 39.38 33.99 27.41
C ILE E 9 39.77 32.84 28.36
N GLU E 10 38.88 32.51 29.31
CA GLU E 10 39.23 31.58 30.38
C GLU E 10 38.98 30.13 30.00
N ASN E 11 38.14 29.88 28.99
CA ASN E 11 37.91 28.53 28.47
CA ASN E 11 37.96 28.52 28.49
C ASN E 11 37.46 27.56 29.57
N PRO E 12 36.35 27.88 30.23
CA PRO E 12 35.92 27.13 31.41
C PRO E 12 35.53 25.65 31.18
N LEU E 13 36.15 24.76 31.96
CA LEU E 13 35.89 23.34 31.86
C LEU E 13 34.49 23.09 32.37
N THR E 14 33.66 22.54 31.50
CA THR E 14 32.22 22.47 31.72
C THR E 14 31.87 21.01 31.53
N ILE E 15 31.54 20.32 32.63
CA ILE E 15 31.24 18.88 32.57
C ILE E 15 29.77 18.70 32.18
N CYS E 16 29.51 17.80 31.23
CA CYS E 16 28.15 17.55 30.78
C CYS E 16 27.78 16.07 30.90
N TYR E 17 26.77 15.77 31.71
CA TYR E 17 26.17 14.45 31.79
C TYR E 17 24.82 14.62 31.13
N THR E 18 24.74 14.35 29.83
CA THR E 18 23.56 14.76 29.08
C THR E 18 23.10 13.62 28.19
N ASN E 19 22.04 13.85 27.41
CA ASN E 19 21.36 12.70 26.78
C ASN E 19 22.01 12.36 25.43
N ASP E 20 21.76 11.14 24.98
CA ASP E 20 22.49 10.57 23.86
C ASP E 20 22.12 11.21 22.53
N VAL E 21 21.04 11.96 22.48
CA VAL E 21 20.64 12.62 21.24
C VAL E 21 21.43 13.91 21.02
N VAL E 22 21.98 14.48 22.08
CA VAL E 22 22.50 15.84 22.03
C VAL E 22 23.93 16.06 22.46
N LYS E 23 24.63 15.01 22.77
CA LYS E 23 26.00 15.14 23.25
C LYS E 23 26.86 15.91 22.28
N ASN E 24 26.89 15.48 21.03
CA ASN E 24 27.75 16.13 20.05
C ASN E 24 27.40 17.62 19.84
N PHE E 25 26.12 17.92 19.79
CA PHE E 25 25.68 19.28 19.55
C PHE E 25 25.98 20.17 20.76
N THR E 26 25.86 19.61 21.96
CA THR E 26 26.13 20.35 23.18
C THR E 26 27.61 20.68 23.25
N ALA E 27 28.44 19.72 22.93
CA ALA E 27 29.89 19.96 22.95
C ALA E 27 30.28 21.02 21.95
N ASN E 28 29.75 20.90 20.75
CA ASN E 28 30.05 21.88 19.74
C ASN E 28 29.54 23.27 20.06
N GLY E 29 28.38 23.37 20.67
CA GLY E 29 27.88 24.70 21.12
C GLY E 29 28.79 25.34 22.16
N LEU E 30 29.20 24.53 23.14
CA LEU E 30 30.13 24.98 24.15
C LEU E 30 31.48 25.38 23.54
N LEU E 31 32.01 24.57 22.63
CA LEU E 31 33.26 24.92 21.99
C LEU E 31 33.09 26.23 21.25
N SER E 32 31.94 26.47 20.65
CA SER E 32 31.74 27.66 19.85
C SER E 32 31.82 28.95 20.63
N ILE E 33 31.36 28.93 21.88
CA ILE E 33 31.43 30.13 22.73
C ILE E 33 32.70 30.19 23.55
N GLY E 34 33.60 29.24 23.33
CA GLY E 34 34.94 29.26 23.96
C GLY E 34 35.08 28.38 25.18
N ALA E 35 34.03 27.68 25.56
CA ALA E 35 34.13 26.80 26.75
C ALA E 35 34.82 25.52 26.39
N SER E 36 35.16 24.75 27.41
CA SER E 36 35.83 23.48 27.24
C SER E 36 34.94 22.34 27.78
N PRO E 37 34.16 21.70 26.90
CA PRO E 37 33.24 20.67 27.33
C PRO E 37 33.91 19.33 27.62
N ALA E 38 33.43 18.63 28.62
CA ALA E 38 33.90 17.30 28.87
C ALA E 38 32.72 16.45 29.24
N MET E 39 32.44 15.46 28.41
CA MET E 39 31.29 14.62 28.65
C MET E 39 31.68 13.42 29.55
N SER E 40 32.06 13.68 30.80
CA SER E 40 32.53 12.63 31.67
C SER E 40 31.32 12.05 32.38
N GLU E 41 31.18 10.74 32.35
CA GLU E 41 30.04 10.06 32.95
C GLU E 41 30.38 9.00 34.03
N ALA E 42 31.66 8.75 34.28
CA ALA E 42 32.12 7.82 35.31
C ALA E 42 32.22 8.46 36.68
N PRO E 43 31.43 7.98 37.64
CA PRO E 43 31.57 8.48 39.02
C PRO E 43 32.99 8.36 39.55
N GLU E 44 33.74 7.40 39.03
CA GLU E 44 35.10 7.10 39.48
C GLU E 44 36.08 8.25 39.19
N GLU E 45 35.78 9.12 38.24
CA GLU E 45 36.67 10.24 37.95
C GLU E 45 36.04 11.58 38.30
N ALA E 46 34.87 11.56 38.92
CA ALA E 46 34.16 12.83 39.20
C ALA E 46 34.90 13.71 40.20
N GLU E 47 35.43 13.12 41.28
CA GLU E 47 36.20 13.91 42.24
C GLU E 47 37.33 14.70 41.64
N GLU E 48 38.12 14.05 40.79
CA GLU E 48 39.26 14.72 40.19
C GLU E 48 38.84 15.73 39.10
N PHE E 49 37.88 15.35 38.26
CA PHE E 49 37.39 16.30 37.24
C PHE E 49 36.76 17.53 37.88
N TYR E 50 35.93 17.31 38.89
CA TYR E 50 35.15 18.39 39.46
C TYR E 50 35.97 19.40 40.21
N LYS E 51 37.12 19.00 40.74
CA LYS E 51 37.96 19.92 41.52
C LYS E 51 38.46 21.08 40.65
N VAL E 52 38.66 20.83 39.36
CA VAL E 52 39.14 21.86 38.41
C VAL E 52 38.07 22.38 37.43
N ALA E 53 36.83 21.92 37.54
CA ALA E 53 35.77 22.31 36.59
C ALA E 53 35.02 23.54 37.08
N GLN E 54 34.29 24.19 36.18
CA GLN E 54 33.51 25.38 36.53
C GLN E 54 32.01 25.15 36.69
N ALA E 55 31.47 24.09 36.07
CA ALA E 55 30.08 23.69 36.26
C ALA E 55 29.87 22.25 35.80
N LEU E 56 28.73 21.71 36.20
CA LEU E 56 28.23 20.44 35.75
C LEU E 56 26.80 20.58 35.26
N LEU E 57 26.52 20.07 34.05
CA LEU E 57 25.14 19.94 33.53
C LEU E 57 24.66 18.52 33.76
N ILE E 58 23.46 18.37 34.31
CA ILE E 58 22.78 17.10 34.35
C ILE E 58 21.47 17.20 33.56
N ASN E 59 21.34 16.40 32.49
CA ASN E 59 20.19 16.43 31.59
C ASN E 59 19.71 14.99 31.45
N ILE E 60 18.44 14.73 31.81
CA ILE E 60 17.88 13.38 31.91
C ILE E 60 17.08 12.90 30.66
N GLY E 61 17.36 13.50 29.51
CA GLY E 61 16.66 13.16 28.24
C GLY E 61 16.58 11.68 27.92
N THR E 62 17.64 10.92 28.18
CA THR E 62 17.61 9.52 27.89
C THR E 62 17.85 8.69 29.15
N LEU E 63 17.21 9.08 30.26
CA LEU E 63 17.33 8.41 31.54
C LEU E 63 17.00 6.93 31.43
N THR E 64 17.89 6.09 31.95
CA THR E 64 17.66 4.63 32.10
C THR E 64 18.19 4.15 33.46
N ALA E 65 17.87 2.93 33.83
CA ALA E 65 18.29 2.34 35.10
C ALA E 65 19.78 2.50 35.29
N GLN E 66 20.53 2.42 34.23
CA GLN E 66 21.95 2.54 34.33
C GLN E 66 22.45 3.90 34.71
N ASN E 67 21.68 4.92 34.41
CA ASN E 67 22.04 6.28 34.74
C ASN E 67 21.70 6.65 36.18
N GLU E 68 20.63 6.08 36.71
CA GLU E 68 20.00 6.63 37.91
C GLU E 68 20.97 6.76 39.07
N GLN E 69 21.69 5.69 39.38
CA GLN E 69 22.61 5.70 40.53
C GLN E 69 23.82 6.60 40.28
N ASP E 70 24.38 6.50 39.09
CA ASP E 70 25.51 7.36 38.70
C ASP E 70 25.19 8.84 38.82
N ILE E 71 24.00 9.22 38.42
CA ILE E 71 23.62 10.63 38.45
C ILE E 71 23.49 11.14 39.89
N ILE E 72 22.87 10.34 40.76
CA ILE E 72 22.73 10.72 42.16
C ILE E 72 24.12 10.84 42.76
N ALA E 73 24.98 9.88 42.45
CA ALA E 73 26.35 9.90 43.01
C ALA E 73 27.11 11.13 42.57
N ILE E 74 27.10 11.43 41.27
CA ILE E 74 27.90 12.59 40.81
C ILE E 74 27.33 13.92 41.32
N ALA E 75 26.02 14.00 41.50
CA ALA E 75 25.45 15.24 42.01
C ALA E 75 25.95 15.51 43.43
N GLN E 76 26.05 14.45 44.21
CA GLN E 76 26.60 14.52 45.55
C GLN E 76 28.06 14.90 45.52
N THR E 77 28.83 14.29 44.62
CA THR E 77 30.24 14.67 44.46
C THR E 77 30.36 16.15 44.07
N ALA E 78 29.45 16.63 43.24
CA ALA E 78 29.49 18.03 42.84
C ALA E 78 29.23 18.95 44.04
N ASN E 79 28.20 18.63 44.83
CA ASN E 79 27.92 19.39 46.04
C ASN E 79 29.12 19.45 46.99
N GLU E 80 29.73 18.29 47.25
CA GLU E 80 30.92 18.24 48.11
C GLU E 80 32.06 19.09 47.54
N ALA E 81 32.18 19.15 46.21
CA ALA E 81 33.25 19.92 45.58
C ALA E 81 32.90 21.41 45.42
N GLY E 82 31.67 21.80 45.74
CA GLY E 82 31.20 23.16 45.49
C GLY E 82 31.09 23.46 44.01
N LEU E 83 30.84 22.43 43.20
CA LEU E 83 30.70 22.61 41.74
C LEU E 83 29.23 22.84 41.40
N PRO E 84 28.89 23.96 40.78
CA PRO E 84 27.50 24.22 40.53
C PRO E 84 26.89 23.30 39.51
N ILE E 85 25.62 22.95 39.72
CA ILE E 85 24.91 22.04 38.86
C ILE E 85 23.76 22.75 38.13
N VAL E 86 23.72 22.59 36.80
CA VAL E 86 22.53 22.95 36.03
C VAL E 86 21.75 21.67 35.78
N PHE E 87 20.45 21.70 36.07
CA PHE E 87 19.59 20.49 35.95
C PHE E 87 18.49 20.71 34.94
N ASP E 88 18.44 19.82 33.95
CA ASP E 88 17.41 19.84 32.92
C ASP E 88 16.48 18.61 33.09
N PRO E 89 15.29 18.81 33.67
CA PRO E 89 14.38 17.69 33.88
C PRO E 89 13.53 17.38 32.64
N VAL E 90 14.19 16.92 31.58
CA VAL E 90 13.56 16.74 30.28
C VAL E 90 12.36 15.81 30.39
N ALA E 91 11.22 16.26 29.86
CA ALA E 91 10.00 15.45 29.77
C ALA E 91 9.52 14.87 31.11
N VAL E 92 9.82 15.55 32.20
CA VAL E 92 9.50 15.02 33.53
C VAL E 92 8.01 14.75 33.68
N GLY E 93 7.19 15.57 33.03
CA GLY E 93 5.75 15.36 33.06
C GLY E 93 5.23 14.17 32.28
N ALA E 94 6.05 13.56 31.43
CA ALA E 94 5.60 12.47 30.57
C ALA E 94 5.58 11.09 31.23
N SER E 95 6.29 10.90 32.34
CA SER E 95 6.21 9.60 33.06
C SER E 95 6.43 9.67 34.55
N THR E 96 5.85 8.74 35.26
CA THR E 96 6.06 8.62 36.71
C THR E 96 7.49 8.28 36.96
N TYR E 97 8.07 7.47 36.09
CA TYR E 97 9.49 7.15 36.17
C TYR E 97 10.38 8.41 36.25
N ARG E 98 10.17 9.37 35.35
CA ARG E 98 10.91 10.62 35.44
C ARG E 98 10.54 11.50 36.65
N LYS E 99 9.26 11.57 36.99
CA LYS E 99 8.86 12.37 38.16
C LYS E 99 9.52 11.88 39.42
N GLN E 100 9.48 10.57 39.65
CA GLN E 100 10.04 10.02 40.87
C GLN E 100 11.57 10.26 40.88
N PHE E 101 12.23 10.12 39.73
CA PHE E 101 13.68 10.32 39.70
C PHE E 101 14.05 11.78 40.00
N CYS E 102 13.34 12.71 39.38
CA CYS E 102 13.64 14.11 39.57
C CYS E 102 13.42 14.53 41.03
N LYS E 103 12.37 14.00 41.63
CA LYS E 103 12.12 14.20 43.07
C LYS E 103 13.26 13.69 43.91
N LEU E 104 13.71 12.48 43.63
CA LEU E 104 14.82 11.90 44.38
C LEU E 104 16.06 12.77 44.26
N LEU E 105 16.34 13.23 43.05
CA LEU E 105 17.56 14.01 42.81
C LEU E 105 17.54 15.33 43.57
N LEU E 106 16.42 16.03 43.50
CA LEU E 106 16.27 17.29 44.19
C LEU E 106 16.13 17.17 45.71
N LYS E 107 15.82 15.97 46.21
CA LYS E 107 15.96 15.68 47.65
C LYS E 107 17.37 15.36 48.02
N SER E 108 18.14 14.85 47.09
CA SER E 108 19.49 14.34 47.39
C SER E 108 20.60 15.39 47.22
N ALA E 109 20.33 16.42 46.46
CA ALA E 109 21.39 17.37 46.15
C ALA E 109 20.81 18.74 45.89
N LYS E 110 21.61 19.75 46.17
CA LYS E 110 21.27 21.13 45.87
C LYS E 110 21.78 21.43 44.45
N VAL E 111 20.90 21.90 43.58
CA VAL E 111 21.36 22.34 42.27
C VAL E 111 21.38 23.88 42.21
N SER E 112 22.00 24.42 41.18
CA SER E 112 22.20 25.86 41.10
C SER E 112 21.28 26.52 40.10
N VAL E 113 20.86 25.79 39.06
CA VAL E 113 19.88 26.27 38.10
C VAL E 113 18.99 25.11 37.69
N ILE E 114 17.68 25.33 37.64
CA ILE E 114 16.77 24.33 37.11
C ILE E 114 16.17 24.96 35.86
N LYS E 115 16.36 24.30 34.73
CA LYS E 115 15.85 24.80 33.47
C LYS E 115 14.91 23.80 32.78
N GLY E 116 13.76 24.28 32.31
CA GLY E 116 12.87 23.49 31.47
C GLY E 116 11.83 24.37 30.82
N ASN E 117 10.93 23.75 30.07
CA ASN E 117 9.74 24.44 29.57
C ASN E 117 8.68 24.48 30.67
N ALA E 118 7.56 25.17 30.41
CA ALA E 118 6.55 25.44 31.44
C ALA E 118 5.91 24.17 32.00
N SER E 119 5.68 23.20 31.14
CA SER E 119 4.99 22.01 31.58
C SER E 119 5.97 21.08 32.35
N GLU E 120 7.25 21.13 32.02
CA GLU E 120 8.23 20.41 32.81
C GLU E 120 8.31 20.96 34.25
N ILE E 121 8.46 22.27 34.38
CA ILE E 121 8.63 22.89 35.71
C ILE E 121 7.36 22.75 36.51
N LEU E 122 6.21 22.89 35.85
CA LEU E 122 4.92 22.70 36.50
C LEU E 122 4.81 21.27 37.06
N ALA E 123 5.24 20.28 36.29
CA ALA E 123 5.15 18.90 36.71
C ALA E 123 6.06 18.66 37.91
N LEU E 124 7.21 19.33 37.97
CA LEU E 124 8.09 19.28 39.15
C LEU E 124 7.41 19.70 40.43
N ILE E 125 6.70 20.82 40.38
CA ILE E 125 6.07 21.38 41.57
C ILE E 125 4.71 20.73 41.82
N ASP E 126 4.19 20.01 40.84
CA ASP E 126 2.94 19.21 40.86
C ASP E 126 1.75 20.03 40.39
N LEU E 140 -0.61 29.09 36.35
CA LEU E 140 -0.85 28.80 34.94
C LEU E 140 0.22 29.46 34.01
N ASP E 141 0.56 30.76 34.11
CA ASP E 141 1.66 31.34 33.29
C ASP E 141 3.07 31.04 33.86
N ALA E 142 4.05 31.21 33.00
CA ALA E 142 5.44 30.84 33.27
C ALA E 142 6.02 31.61 34.45
N VAL E 143 5.66 32.90 34.55
CA VAL E 143 6.17 33.68 35.64
C VAL E 143 5.73 33.15 36.99
N THR E 144 4.44 32.85 37.12
CA THR E 144 3.90 32.34 38.37
C THR E 144 4.51 30.99 38.70
N ILE E 145 4.65 30.13 37.70
CA ILE E 145 5.22 28.80 37.89
C ILE E 145 6.68 28.91 38.33
N ALA E 146 7.42 29.81 37.70
CA ALA E 146 8.82 29.98 38.02
C ALA E 146 8.99 30.48 39.44
N LYS E 147 8.15 31.43 39.85
CA LYS E 147 8.17 31.94 41.24
C LYS E 147 7.81 30.87 42.26
N LYS E 148 6.79 30.07 41.96
CA LYS E 148 6.41 28.96 42.80
C LYS E 148 7.59 27.98 42.92
N ALA E 149 8.21 27.65 41.80
CA ALA E 149 9.34 26.71 41.80
C ALA E 149 10.54 27.27 42.54
N TYR E 150 10.77 28.58 42.42
CA TYR E 150 11.85 29.21 43.18
C TYR E 150 11.62 29.09 44.70
N ALA E 151 10.39 29.34 45.13
CA ALA E 151 10.07 29.29 46.57
C ALA E 151 10.29 27.90 47.12
N ILE E 152 9.98 26.89 46.34
CA ILE E 152 10.12 25.51 46.76
C ILE E 152 11.58 25.10 46.81
N TYR E 153 12.31 25.37 45.73
CA TYR E 153 13.69 24.87 45.62
C TYR E 153 14.77 25.86 46.05
N LYS E 154 14.42 27.14 46.21
CA LYS E 154 15.40 28.19 46.50
C LYS E 154 16.61 28.09 45.57
N THR E 155 16.33 27.92 44.28
CA THR E 155 17.33 27.70 43.24
C THR E 155 16.86 28.47 42.03
N ALA E 156 17.78 29.11 41.34
CA ALA E 156 17.43 29.83 40.12
C ALA E 156 16.60 28.93 39.21
N ILE E 157 15.58 29.50 38.58
CA ILE E 157 14.71 28.77 37.68
C ILE E 157 14.74 29.50 36.35
N VAL E 158 14.91 28.74 35.28
CA VAL E 158 14.79 29.27 33.93
C VAL E 158 13.69 28.50 33.23
N ILE E 159 12.66 29.20 32.78
CA ILE E 159 11.62 28.55 32.00
C ILE E 159 11.65 29.07 30.56
N THR E 160 11.93 28.16 29.64
CA THR E 160 11.98 28.49 28.21
C THR E 160 10.59 28.36 27.60
N GLY E 161 10.34 29.19 26.60
CA GLY E 161 9.06 29.27 25.89
C GLY E 161 9.11 30.34 24.81
N LYS E 162 7.94 30.74 24.30
CA LYS E 162 7.80 31.91 23.37
C LYS E 162 8.62 33.07 23.88
N GLU E 163 8.29 33.50 25.09
CA GLU E 163 9.17 34.33 25.89
C GLU E 163 9.81 33.46 27.02
N ASP E 164 11.01 33.80 27.44
CA ASP E 164 11.70 33.07 28.46
C ASP E 164 11.59 33.80 29.79
N VAL E 165 11.52 33.03 30.87
CA VAL E 165 11.45 33.56 32.21
C VAL E 165 12.64 33.10 33.05
N ILE E 166 13.22 34.04 33.80
CA ILE E 166 14.27 33.72 34.77
C ILE E 166 13.93 34.30 36.14
N VAL E 167 14.01 33.44 37.16
CA VAL E 167 13.82 33.87 38.53
C VAL E 167 15.05 33.50 39.32
N GLN E 168 15.68 34.51 39.92
CA GLN E 168 16.77 34.30 40.87
C GLN E 168 16.71 35.32 41.99
N GLY E 169 16.84 34.84 43.23
CA GLY E 169 16.68 35.66 44.41
C GLY E 169 15.37 36.43 44.38
N ASP E 170 15.45 37.75 44.47
CA ASP E 170 14.26 38.57 44.55
C ASP E 170 13.83 39.14 43.19
N LYS E 171 14.41 38.69 42.08
CA LYS E 171 14.06 39.25 40.77
C LYS E 171 13.45 38.21 39.84
N ALA E 172 12.53 38.67 39.01
CA ALA E 172 11.97 37.89 37.94
C ALA E 172 12.12 38.68 36.67
N ILE E 173 12.47 38.00 35.60
CA ILE E 173 12.69 38.64 34.31
C ILE E 173 12.05 37.85 33.16
N VAL E 174 11.50 38.59 32.21
CA VAL E 174 10.94 38.03 31.00
C VAL E 174 11.79 38.51 29.80
N LEU E 175 12.29 37.55 29.03
CA LEU E 175 13.09 37.82 27.83
C LEU E 175 12.29 37.47 26.57
N ALA E 176 12.50 38.22 25.49
CA ALA E 176 11.77 37.97 24.22
C ALA E 176 12.66 37.95 22.97
N ASN E 177 13.68 37.09 22.95
CA ASN E 177 14.54 36.90 21.75
C ASN E 177 14.35 35.50 21.16
N GLY E 178 14.89 35.27 19.97
CA GLY E 178 15.01 33.90 19.40
C GLY E 178 14.34 33.66 18.07
N SER E 179 14.26 32.38 17.67
CA SER E 179 13.70 32.01 16.37
C SER E 179 12.86 30.74 16.43
N PRO E 180 11.80 30.67 15.63
CA PRO E 180 10.98 29.44 15.55
C PRO E 180 11.75 28.21 15.04
N LEU E 181 12.77 28.43 14.22
CA LEU E 181 13.61 27.32 13.73
C LEU E 181 14.33 26.57 14.83
N LEU E 182 14.61 27.23 15.96
CA LEU E 182 15.13 26.55 17.15
C LEU E 182 14.30 25.37 17.59
N ALA E 183 12.98 25.51 17.54
CA ALA E 183 12.09 24.40 17.93
C ALA E 183 12.14 23.19 16.99
N ARG E 184 12.70 23.35 15.80
CA ARG E 184 12.77 22.28 14.82
C ARG E 184 14.20 21.71 14.73
N VAL E 185 15.02 22.03 15.71
CA VAL E 185 16.35 21.44 15.84
C VAL E 185 16.42 20.67 17.14
N THR E 186 16.81 19.40 17.09
CA THR E 186 16.74 18.53 18.28
C THR E 186 17.76 18.96 19.35
N GLY E 187 17.27 19.07 20.58
CA GLY E 187 18.03 19.52 21.72
C GLY E 187 18.56 20.95 21.73
N ALA E 188 18.06 21.89 20.90
CA ALA E 188 18.26 23.36 21.13
C ALA E 188 18.25 23.67 22.62
N GLY E 189 17.20 23.25 23.31
CA GLY E 189 17.07 23.54 24.71
C GLY E 189 18.06 22.74 25.52
N CYS E 190 18.40 21.56 25.03
CA CYS E 190 19.28 20.70 25.79
C CYS E 190 20.66 21.36 25.73
N LEU E 191 20.95 21.94 24.56
CA LEU E 191 22.15 22.75 24.35
C LEU E 191 22.11 24.01 25.25
N LEU E 192 20.95 24.66 25.37
CA LEU E 192 20.89 25.86 26.24
C LEU E 192 21.31 25.55 27.71
N GLY E 193 20.92 24.38 28.19
CA GLY E 193 21.35 23.90 29.52
C GLY E 193 22.87 23.89 29.60
N GLY E 194 23.53 23.35 28.58
CA GLY E 194 24.98 23.37 28.55
C GLY E 194 25.56 24.76 28.48
N ILE E 195 24.97 25.64 27.66
CA ILE E 195 25.46 27.02 27.58
C ILE E 195 25.38 27.69 28.94
N ILE E 196 24.22 27.63 29.56
CA ILE E 196 24.05 28.23 30.88
C ILE E 196 25.16 27.71 31.84
N ALA E 197 25.43 26.41 31.85
CA ALA E 197 26.52 25.89 32.67
C ALA E 197 27.84 26.60 32.35
N GLY E 198 28.05 26.87 31.08
CA GLY E 198 29.24 27.60 30.65
C GLY E 198 29.38 29.01 31.18
N PHE E 199 28.28 29.59 31.63
CA PHE E 199 28.26 30.95 32.16
C PHE E 199 28.41 31.03 33.72
N LEU E 200 28.62 29.91 34.39
CA LEU E 200 28.53 29.91 35.86
C LEU E 200 29.83 30.21 36.60
N PHE E 201 30.99 29.89 36.02
CA PHE E 201 32.26 30.21 36.65
C PHE E 201 32.31 29.81 38.12
N ARG E 202 31.82 28.62 38.41
CA ARG E 202 31.88 28.01 39.72
C ARG E 202 31.10 28.75 40.81
N GLU E 203 30.08 29.53 40.41
CA GLU E 203 29.17 30.15 41.36
C GLU E 203 27.97 29.26 41.60
N THR E 204 27.87 28.75 42.81
CA THR E 204 26.76 27.92 43.20
C THR E 204 25.48 28.73 43.39
N GLU E 205 25.61 30.04 43.57
CA GLU E 205 24.44 30.90 43.55
C GLU E 205 24.61 31.99 42.50
N PRO E 206 24.40 31.66 41.23
CA PRO E 206 24.80 32.62 40.20
C PRO E 206 24.02 33.93 40.17
N ASP E 207 24.73 34.98 39.78
CA ASP E 207 24.14 36.26 39.54
C ASP E 207 23.11 36.14 38.43
N ILE E 208 21.95 36.72 38.61
CA ILE E 208 20.94 36.69 37.56
C ILE E 208 21.42 37.27 36.22
N GLU E 209 22.35 38.20 36.26
CA GLU E 209 22.91 38.80 35.05
C GLU E 209 23.64 37.76 34.20
N ALA E 210 24.27 36.78 34.83
CA ALA E 210 24.91 35.69 34.10
C ALA E 210 23.90 34.79 33.41
N LEU E 211 22.73 34.59 34.02
CA LEU E 211 21.69 33.78 33.42
C LEU E 211 21.03 34.55 32.29
N ILE E 212 20.76 35.83 32.49
CA ILE E 212 20.20 36.68 31.45
C ILE E 212 21.09 36.65 30.22
N GLU E 213 22.39 36.77 30.44
CA GLU E 213 23.34 36.80 29.32
C GLU E 213 23.39 35.43 28.61
N ALA E 214 23.39 34.31 29.38
CA ALA E 214 23.46 33.00 28.76
C ALA E 214 22.28 32.80 27.80
N VAL E 215 21.08 33.09 28.28
CA VAL E 215 19.87 32.89 27.50
C VAL E 215 19.78 33.88 26.34
N SER E 216 20.18 35.12 26.56
CA SER E 216 20.15 36.13 25.48
C SER E 216 21.19 35.90 24.36
N VAL E 217 22.40 35.52 24.73
CA VAL E 217 23.43 35.11 23.76
C VAL E 217 22.89 34.00 22.85
N PHE E 218 22.32 32.98 23.47
CA PHE E 218 21.76 31.86 22.74
C PHE E 218 20.64 32.27 21.81
N ASN E 219 19.65 32.99 22.31
CA ASN E 219 18.52 33.36 21.50
C ASN E 219 18.84 34.40 20.44
N ILE E 220 19.77 35.32 20.74
CA ILE E 220 20.19 36.32 19.76
C ILE E 220 20.96 35.64 18.62
N ALA E 221 21.86 34.74 18.96
CA ALA E 221 22.57 33.96 17.94
C ALA E 221 21.59 33.19 17.07
N ALA E 222 20.56 32.59 17.67
CA ALA E 222 19.56 31.87 16.88
C ALA E 222 18.83 32.82 15.91
N GLU E 223 18.41 33.96 16.43
CA GLU E 223 17.79 35.04 15.62
C GLU E 223 18.60 35.43 14.40
N VAL E 224 19.87 35.76 14.61
CA VAL E 224 20.77 36.18 13.56
C VAL E 224 21.08 35.04 12.60
N ALA E 225 21.36 33.82 13.13
CA ALA E 225 21.54 32.67 12.26
C ALA E 225 20.35 32.48 11.31
N ALA E 226 19.13 32.57 11.84
CA ALA E 226 17.95 32.31 11.01
C ALA E 226 17.72 33.37 9.92
N GLU E 227 18.31 34.56 10.08
CA GLU E 227 18.25 35.63 9.08
C GLU E 227 19.30 35.49 8.02
N ASN E 228 20.31 34.68 8.25
CA ASN E 228 21.37 34.53 7.28
C ASN E 228 20.80 34.11 5.93
N GLU E 229 21.31 34.68 4.85
CA GLU E 229 20.84 34.32 3.52
C GLU E 229 21.04 32.82 3.18
N ASN E 230 22.02 32.14 3.77
CA ASN E 230 22.25 30.71 3.52
C ASN E 230 21.46 29.78 4.45
N CYS E 231 20.56 30.33 5.26
CA CYS E 231 19.70 29.50 6.12
C CYS E 231 18.47 29.11 5.33
N GLY E 232 18.44 27.87 4.87
CA GLY E 232 17.29 27.37 4.06
C GLY E 232 16.36 26.45 4.83
N GLY E 233 16.54 26.34 6.14
CA GLY E 233 15.68 25.47 6.93
C GLY E 233 16.40 24.96 8.16
N PRO E 234 15.81 23.96 8.83
CA PRO E 234 16.34 23.54 10.12
C PRO E 234 17.64 22.80 9.99
N GLY E 235 17.90 22.22 8.84
CA GLY E 235 19.19 21.61 8.55
C GLY E 235 20.35 22.60 8.49
N THR E 236 20.27 23.57 7.59
CA THR E 236 21.34 24.55 7.44
C THR E 236 21.40 25.52 8.63
N PHE E 237 20.29 25.74 9.31
CA PHE E 237 20.26 26.59 10.51
C PHE E 237 21.27 26.17 11.60
N SER E 238 21.38 24.87 11.85
CA SER E 238 22.22 24.40 12.94
C SER E 238 23.73 24.74 12.78
N PRO E 239 24.35 24.46 11.63
CA PRO E 239 25.74 24.95 11.49
C PRO E 239 25.86 26.52 11.59
N LEU E 240 24.87 27.24 11.09
CA LEU E 240 24.89 28.70 11.15
C LEU E 240 24.71 29.22 12.60
N LEU E 241 23.92 28.52 13.41
CA LEU E 241 23.84 28.83 14.81
C LEU E 241 25.21 28.74 15.47
N LEU E 242 25.94 27.68 15.17
CA LEU E 242 27.27 27.51 15.75
C LEU E 242 28.23 28.62 15.27
N ASP E 243 28.20 28.94 13.98
CA ASP E 243 29.02 30.01 13.46
C ASP E 243 28.73 31.34 14.17
N THR E 244 27.45 31.61 14.36
CA THR E 244 26.99 32.88 14.91
C THR E 244 27.35 33.02 16.39
N LEU E 245 27.26 31.92 17.15
CA LEU E 245 27.73 31.90 18.52
C LEU E 245 29.22 32.19 18.58
N TYR E 246 29.95 31.59 17.66
CA TYR E 246 31.41 31.81 17.60
C TYR E 246 31.78 33.29 17.37
N HIS E 247 31.06 33.93 16.47
CA HIS E 247 31.37 35.33 16.07
C HIS E 247 30.59 36.41 16.84
N LEU E 248 29.62 36.05 17.67
CA LEU E 248 28.75 37.06 18.29
C LEU E 248 29.57 38.15 19.01
N ASN E 249 29.32 39.41 18.66
CA ASN E 249 29.98 40.54 19.30
C ASN E 249 29.04 41.45 20.13
N GLU E 250 29.68 42.33 20.91
CA GLU E 250 29.01 43.25 21.82
C GLU E 250 27.97 44.08 21.09
N THR E 251 28.32 44.55 19.90
CA THR E 251 27.41 45.42 19.16
C THR E 251 26.07 44.73 18.81
N THR E 252 26.16 43.55 18.22
CA THR E 252 24.97 42.81 17.85
C THR E 252 24.15 42.53 19.10
N TYR E 253 24.84 42.09 20.16
CA TYR E 253 24.17 41.74 21.42
C TYR E 253 23.35 42.91 21.95
N GLN E 254 24.00 44.05 22.09
CA GLN E 254 23.33 45.29 22.57
C GLN E 254 22.22 45.78 21.63
N GLN E 255 22.42 45.70 20.33
CA GLN E 255 21.34 46.04 19.40
C GLN E 255 20.10 45.20 19.56
N ARG E 256 20.26 43.92 19.87
CA ARG E 256 19.15 42.99 19.74
C ARG E 256 18.50 42.53 21.02
N ILE E 257 19.13 42.71 22.16
CA ILE E 257 18.54 42.18 23.38
C ILE E 257 17.13 42.78 23.68
N ARG E 258 16.16 41.92 24.06
CA ARG E 258 14.78 42.35 24.43
C ARG E 258 14.37 41.79 25.80
N ILE E 259 14.24 42.67 26.80
CA ILE E 259 14.23 42.29 28.23
C ILE E 259 13.25 43.09 29.06
N GLN E 260 12.49 42.47 29.98
CA GLN E 260 11.55 43.21 30.91
C GLN E 260 11.45 42.60 32.33
N GLU E 261 11.36 43.46 33.35
CA GLU E 261 11.59 43.08 34.76
C GLU E 261 10.36 42.98 35.68
N VAL E 262 10.36 41.95 36.54
CA VAL E 262 9.33 41.60 37.55
C VAL E 262 7.91 42.11 37.27
N MET F 1 51.06 3.88 -5.50
CA MET F 1 49.71 4.59 -5.45
C MET F 1 49.48 5.18 -4.06
N ASN F 2 48.73 6.28 -3.92
CA ASN F 2 48.18 6.67 -2.61
C ASN F 2 47.57 5.50 -1.87
N TYR F 3 47.75 5.50 -0.55
CA TYR F 3 46.89 4.69 0.31
C TYR F 3 45.44 5.16 0.15
N LEU F 4 45.21 6.47 0.01
CA LEU F 4 43.83 6.99 -0.11
C LEU F 4 43.11 6.47 -1.34
N ASN F 5 43.84 6.33 -2.45
CA ASN F 5 43.25 5.69 -3.63
C ASN F 5 42.81 4.26 -3.32
N ASN F 6 43.64 3.52 -2.59
CA ASN F 6 43.25 2.15 -2.24
C ASN F 6 42.07 2.09 -1.29
N ILE F 7 41.92 3.09 -0.42
CA ILE F 7 40.78 3.11 0.47
C ILE F 7 39.51 3.27 -0.36
N ARG F 8 39.54 4.23 -1.28
CA ARG F 8 38.35 4.51 -2.09
C ARG F 8 37.93 3.31 -2.93
N ILE F 9 38.89 2.50 -3.33
CA ILE F 9 38.62 1.34 -4.16
C ILE F 9 38.22 0.10 -3.33
N GLU F 10 38.98 -0.17 -2.28
CA GLU F 10 38.81 -1.40 -1.50
C GLU F 10 37.76 -1.29 -0.41
N ASN F 11 37.40 -0.06 -0.01
N ASN F 11 37.41 -0.07 0.00
CA ASN F 11 36.31 0.20 0.95
CA ASN F 11 36.33 0.16 0.94
C ASN F 11 36.54 -0.58 2.26
C ASN F 11 36.55 -0.58 2.25
N PRO F 12 37.71 -0.38 2.89
CA PRO F 12 38.08 -1.20 4.07
C PRO F 12 37.15 -1.10 5.30
N LEU F 13 36.72 -2.28 5.77
CA LEU F 13 35.90 -2.39 6.96
C LEU F 13 36.73 -1.96 8.17
N THR F 14 36.30 -0.88 8.82
CA THR F 14 37.07 -0.23 9.88
C THR F 14 36.19 -0.20 11.13
N ILE F 15 36.53 -1.03 12.12
CA ILE F 15 35.72 -1.12 13.32
C ILE F 15 36.09 0.04 14.25
N CYS F 16 35.09 0.69 14.85
CA CYS F 16 35.32 1.76 15.80
C CYS F 16 34.57 1.53 17.12
N TYR F 17 35.35 1.44 18.21
CA TYR F 17 34.83 1.50 19.57
C TYR F 17 35.27 2.85 20.08
N THR F 18 34.42 3.85 19.91
CA THR F 18 34.81 5.21 20.21
C THR F 18 33.76 5.88 21.11
N ASN F 19 34.00 7.14 21.45
CA ASN F 19 33.24 7.78 22.49
C ASN F 19 31.91 8.31 21.94
N ASP F 20 30.97 8.54 22.87
CA ASP F 20 29.61 8.91 22.52
C ASP F 20 29.48 10.28 21.88
N VAL F 21 30.50 11.12 21.98
CA VAL F 21 30.39 12.48 21.46
C VAL F 21 30.69 12.49 19.95
N VAL F 22 31.42 11.48 19.47
CA VAL F 22 32.04 11.53 18.15
C VAL F 22 31.68 10.40 17.21
N LYS F 23 30.78 9.52 17.60
CA LYS F 23 30.53 8.34 16.79
C LYS F 23 30.04 8.71 15.42
N ASN F 24 29.01 9.55 15.37
CA ASN F 24 28.44 9.97 14.08
C ASN F 24 29.47 10.64 13.18
N PHE F 25 30.28 11.53 13.76
CA PHE F 25 31.27 12.27 12.97
C PHE F 25 32.39 11.38 12.47
N THR F 26 32.80 10.42 13.31
CA THR F 26 33.82 9.47 12.93
C THR F 26 33.36 8.62 11.75
N ALA F 27 32.12 8.10 11.85
CA ALA F 27 31.56 7.29 10.77
C ALA F 27 31.49 8.09 9.50
N ASN F 28 31.02 9.34 9.59
CA ASN F 28 30.91 10.16 8.38
C ASN F 28 32.27 10.50 7.78
N GLY F 29 33.27 10.73 8.60
CA GLY F 29 34.60 10.99 8.12
C GLY F 29 35.17 9.78 7.37
N LEU F 30 35.04 8.59 7.97
CA LEU F 30 35.41 7.38 7.31
C LEU F 30 34.65 7.10 6.02
N LEU F 31 33.32 7.28 6.04
CA LEU F 31 32.58 7.11 4.80
C LEU F 31 33.09 8.08 3.75
N SER F 32 33.44 9.30 4.14
CA SER F 32 33.76 10.32 3.16
C SER F 32 35.09 9.97 2.37
N ILE F 33 36.02 9.25 3.01
CA ILE F 33 37.24 8.86 2.34
C ILE F 33 37.12 7.51 1.67
N GLY F 34 35.93 6.92 1.70
CA GLY F 34 35.67 5.61 1.08
C GLY F 34 35.79 4.39 1.96
N ALA F 35 36.07 4.57 3.25
CA ALA F 35 36.12 3.41 4.14
C ALA F 35 34.71 2.96 4.52
N SER F 36 34.64 1.76 5.12
CA SER F 36 33.38 1.24 5.59
C SER F 36 33.37 1.11 7.14
N PRO F 37 32.80 2.10 7.82
CA PRO F 37 32.88 2.08 9.28
C PRO F 37 31.86 1.15 9.90
N ALA F 38 32.20 0.55 11.03
CA ALA F 38 31.21 -0.22 11.79
C ALA F 38 31.46 0.01 13.25
N MET F 39 30.49 0.61 13.92
CA MET F 39 30.65 0.90 15.34
C MET F 39 30.17 -0.28 16.17
N SER F 40 30.86 -1.42 16.07
CA SER F 40 30.44 -2.63 16.81
C SER F 40 31.05 -2.57 18.19
N GLU F 41 30.23 -2.73 19.23
CA GLU F 41 30.69 -2.65 20.59
C GLU F 41 30.45 -3.93 21.43
N ALA F 42 29.79 -4.94 20.85
CA ALA F 42 29.54 -6.20 21.53
C ALA F 42 30.71 -7.16 21.39
N PRO F 43 31.34 -7.50 22.51
CA PRO F 43 32.35 -8.60 22.46
C PRO F 43 31.88 -9.86 21.79
N GLU F 44 30.57 -10.13 21.86
CA GLU F 44 29.97 -11.38 21.36
C GLU F 44 30.10 -11.50 19.83
N GLU F 45 30.26 -10.39 19.11
CA GLU F 45 30.39 -10.46 17.67
C GLU F 45 31.78 -10.03 17.20
N ALA F 46 32.69 -9.81 18.13
CA ALA F 46 34.02 -9.33 17.76
C ALA F 46 34.79 -10.34 16.92
N GLU F 47 34.77 -11.60 17.31
CA GLU F 47 35.43 -12.61 16.50
C GLU F 47 35.05 -12.60 15.01
N GLU F 48 33.76 -12.58 14.75
CA GLU F 48 33.29 -12.68 13.38
C GLU F 48 33.53 -11.37 12.61
N PHE F 49 33.31 -10.24 13.27
CA PHE F 49 33.59 -8.94 12.61
C PHE F 49 35.07 -8.79 12.32
N TYR F 50 35.90 -9.12 13.29
CA TYR F 50 37.33 -8.86 13.17
C TYR F 50 38.03 -9.72 12.11
N LYS F 51 37.49 -10.89 11.81
CA LYS F 51 38.10 -11.79 10.85
C LYS F 51 38.18 -11.13 9.48
N VAL F 52 37.18 -10.33 9.14
CA VAL F 52 37.06 -9.69 7.83
C VAL F 52 37.36 -8.16 7.85
N ALA F 53 37.73 -7.62 9.00
CA ALA F 53 37.97 -6.17 9.12
C ALA F 53 39.44 -5.83 8.83
N GLN F 54 39.70 -4.55 8.60
CA GLN F 54 41.08 -4.09 8.31
C GLN F 54 41.76 -3.37 9.48
N ALA F 55 40.99 -2.88 10.44
CA ALA F 55 41.53 -2.27 11.64
C ALA F 55 40.43 -2.10 12.69
N LEU F 56 40.88 -1.82 13.92
CA LEU F 56 40.02 -1.46 15.03
C LEU F 56 40.54 -0.18 15.70
N LEU F 57 39.64 0.77 15.93
CA LEU F 57 39.94 1.95 16.74
C LEU F 57 39.38 1.75 18.14
N ILE F 58 40.18 2.01 19.17
CA ILE F 58 39.70 2.09 20.56
C ILE F 58 39.97 3.50 21.07
N ASN F 59 38.89 4.24 21.40
CA ASN F 59 39.00 5.60 21.89
C ASN F 59 38.22 5.65 23.18
N ILE F 60 38.87 6.08 24.27
CA ILE F 60 38.30 6.03 25.63
C ILE F 60 37.71 7.37 26.13
N GLY F 61 37.29 8.24 25.20
CA GLY F 61 36.72 9.55 25.53
C GLY F 61 35.61 9.53 26.55
N THR F 62 34.72 8.55 26.48
CA THR F 62 33.64 8.49 27.47
C THR F 62 33.70 7.17 28.26
N LEU F 63 34.90 6.78 28.70
CA LEU F 63 35.10 5.56 29.49
C LEU F 63 34.25 5.51 30.74
N THR F 64 33.54 4.39 30.93
CA THR F 64 32.79 4.10 32.18
C THR F 64 32.98 2.62 32.56
N ALA F 65 32.56 2.27 33.77
CA ALA F 65 32.68 0.89 34.28
C ALA F 65 32.12 -0.14 33.29
N GLN F 66 31.05 0.24 32.60
CA GLN F 66 30.42 -0.62 31.62
C GLN F 66 31.27 -0.87 30.34
N ASN F 67 32.21 0.01 30.02
CA ASN F 67 33.14 -0.17 28.92
C ASN F 67 34.39 -0.97 29.27
N GLU F 68 34.85 -0.88 30.52
CA GLU F 68 36.19 -1.34 30.84
C GLU F 68 36.42 -2.77 30.41
N GLN F 69 35.55 -3.69 30.82
CA GLN F 69 35.78 -5.12 30.59
C GLN F 69 35.63 -5.45 29.10
N ASP F 70 34.60 -4.88 28.48
CA ASP F 70 34.38 -5.06 27.04
C ASP F 70 35.59 -4.62 26.20
N ILE F 71 36.18 -3.50 26.56
CA ILE F 71 37.33 -2.98 25.82
C ILE F 71 38.57 -3.94 25.93
N ILE F 72 38.85 -4.38 27.14
CA ILE F 72 39.96 -5.33 27.34
C ILE F 72 39.70 -6.61 26.55
N ALA F 73 38.47 -7.10 26.61
CA ALA F 73 38.10 -8.29 25.87
C ALA F 73 38.27 -8.14 24.36
N ILE F 74 37.75 -7.05 23.77
CA ILE F 74 37.85 -6.92 22.31
C ILE F 74 39.29 -6.66 21.85
N ALA F 75 40.08 -5.99 22.65
CA ALA F 75 41.48 -5.80 22.30
C ALA F 75 42.18 -7.17 22.18
N GLN F 76 41.88 -8.08 23.11
CA GLN F 76 42.45 -9.42 23.10
C GLN F 76 41.95 -10.20 21.89
N THR F 77 40.66 -10.10 21.60
CA THR F 77 40.13 -10.68 20.38
C THR F 77 40.83 -10.11 19.11
N ALA F 78 41.12 -8.82 19.10
CA ALA F 78 41.81 -8.21 17.94
C ALA F 78 43.22 -8.80 17.80
N ASN F 79 43.94 -8.89 18.91
CA ASN F 79 45.28 -9.49 18.87
C ASN F 79 45.25 -10.91 18.33
N GLU F 80 44.33 -11.72 18.83
CA GLU F 80 44.19 -13.13 18.37
C GLU F 80 43.86 -13.17 16.89
N ALA F 81 43.11 -12.16 16.39
CA ALA F 81 42.75 -12.13 14.98
C ALA F 81 43.84 -11.52 14.09
N GLY F 82 44.89 -10.97 14.68
CA GLY F 82 45.88 -10.18 13.93
C GLY F 82 45.31 -8.86 13.37
N LEU F 83 44.28 -8.32 14.02
CA LEU F 83 43.62 -7.09 13.56
C LEU F 83 44.33 -5.91 14.24
N PRO F 84 44.94 -5.00 13.47
CA PRO F 84 45.60 -3.86 14.07
C PRO F 84 44.70 -2.88 14.82
N ILE F 85 45.21 -2.38 15.93
CA ILE F 85 44.47 -1.52 16.84
C ILE F 85 45.09 -0.13 16.85
N VAL F 86 44.25 0.89 16.64
CA VAL F 86 44.63 2.27 16.92
C VAL F 86 44.04 2.62 18.26
N PHE F 87 44.85 3.14 19.16
CA PHE F 87 44.43 3.47 20.52
C PHE F 87 44.54 4.97 20.78
N ASP F 88 43.43 5.56 21.18
CA ASP F 88 43.34 6.96 21.52
C ASP F 88 43.13 7.13 23.05
N PRO F 89 44.19 7.39 23.83
CA PRO F 89 44.02 7.52 25.27
C PRO F 89 43.55 8.92 25.69
N VAL F 90 42.32 9.25 25.33
CA VAL F 90 41.76 10.58 25.52
C VAL F 90 41.80 11.01 26.98
N ALA F 91 42.38 12.19 27.23
CA ALA F 91 42.42 12.80 28.54
C ALA F 91 43.01 11.90 29.62
N VAL F 92 43.93 11.03 29.24
CA VAL F 92 44.52 10.09 30.20
C VAL F 92 45.18 10.78 31.38
N GLY F 93 45.77 11.95 31.12
CA GLY F 93 46.38 12.72 32.20
C GLY F 93 45.41 13.36 33.21
N ALA F 94 44.11 13.39 32.90
CA ALA F 94 43.12 14.13 33.72
C ALA F 94 42.59 13.32 34.90
N SER F 95 42.73 12.00 34.90
CA SER F 95 42.34 11.22 36.09
C SER F 95 43.15 9.95 36.32
N THR F 96 43.24 9.52 37.57
CA THR F 96 43.92 8.28 37.92
C THR F 96 43.09 7.11 37.34
N TYR F 97 41.78 7.27 37.32
CA TYR F 97 40.89 6.30 36.67
C TYR F 97 41.33 6.00 35.22
N ARG F 98 41.56 7.03 34.40
CA ARG F 98 42.02 6.81 33.02
C ARG F 98 43.45 6.28 32.94
N LYS F 99 44.34 6.82 33.76
CA LYS F 99 45.73 6.31 33.79
C LYS F 99 45.78 4.82 34.10
N GLN F 100 45.06 4.39 35.12
CA GLN F 100 45.09 2.97 35.52
C GLN F 100 44.50 2.13 34.41
N PHE F 101 43.41 2.58 33.79
CA PHE F 101 42.83 1.80 32.71
C PHE F 101 43.79 1.67 31.51
N CYS F 102 44.41 2.77 31.10
CA CYS F 102 45.29 2.76 29.93
C CYS F 102 46.49 1.84 30.16
N LYS F 103 47.01 1.89 31.38
CA LYS F 103 48.09 1.02 31.81
C LYS F 103 47.69 -0.49 31.77
N LEU F 104 46.50 -0.80 32.27
CA LEU F 104 45.94 -2.15 32.14
C LEU F 104 45.81 -2.61 30.68
N LEU F 105 45.28 -1.74 29.82
CA LEU F 105 45.05 -2.09 28.43
C LEU F 105 46.37 -2.38 27.71
N LEU F 106 47.34 -1.48 27.87
CA LEU F 106 48.64 -1.64 27.22
C LEU F 106 49.50 -2.78 27.82
N LYS F 107 49.19 -3.23 29.04
CA LYS F 107 49.74 -4.46 29.57
C LYS F 107 49.01 -5.72 29.05
N SER F 108 47.75 -5.57 28.66
CA SER F 108 46.91 -6.71 28.24
C SER F 108 46.96 -7.01 26.74
N ALA F 109 47.35 -6.02 25.95
CA ALA F 109 47.27 -6.16 24.50
C ALA F 109 48.31 -5.32 23.80
N LYS F 110 48.75 -5.80 22.65
CA LYS F 110 49.65 -5.05 21.78
C LYS F 110 48.80 -4.16 20.85
N VAL F 111 49.06 -2.86 20.82
CA VAL F 111 48.37 -2.01 19.83
C VAL F 111 49.32 -1.63 18.70
N SER F 112 48.77 -1.08 17.62
CA SER F 112 49.58 -0.82 16.43
C SER F 112 49.90 0.67 16.23
N VAL F 113 49.05 1.55 16.74
CA VAL F 113 49.33 2.97 16.75
C VAL F 113 48.80 3.52 18.06
N ILE F 114 49.57 4.37 18.72
CA ILE F 114 49.06 5.12 19.85
C ILE F 114 49.04 6.60 19.47
N LYS F 115 47.87 7.21 19.50
CA LYS F 115 47.72 8.60 19.09
C LYS F 115 47.15 9.44 20.21
N GLY F 116 47.78 10.59 20.47
CA GLY F 116 47.23 11.59 21.37
C GLY F 116 47.93 12.92 21.22
N ASN F 117 47.56 13.89 22.04
CA ASN F 117 48.32 15.13 22.15
C ASN F 117 49.51 14.90 23.09
N ALA F 118 50.36 15.91 23.22
CA ALA F 118 51.62 15.77 23.94
C ALA F 118 51.43 15.40 25.41
N SER F 119 50.41 15.97 26.04
CA SER F 119 50.25 15.78 27.48
C SER F 119 49.61 14.40 27.75
N GLU F 120 48.80 13.91 26.81
CA GLU F 120 48.26 12.55 26.89
C GLU F 120 49.40 11.51 26.82
N ILE F 121 50.26 11.62 25.80
CA ILE F 121 51.36 10.68 25.63
C ILE F 121 52.37 10.78 26.76
N LEU F 122 52.64 12.01 27.21
CA LEU F 122 53.53 12.20 28.36
C LEU F 122 52.97 11.50 29.62
N ALA F 123 51.67 11.62 29.84
CA ALA F 123 51.06 11.05 31.01
C ALA F 123 51.16 9.53 30.94
N LEU F 124 51.06 8.96 29.74
CA LEU F 124 51.23 7.51 29.56
C LEU F 124 52.59 7.03 30.02
N ILE F 125 53.64 7.75 29.66
CA ILE F 125 55.01 7.34 29.98
C ILE F 125 55.39 7.76 31.42
N ASP F 126 54.56 8.60 32.02
CA ASP F 126 54.64 8.97 33.44
C ASP F 126 56.03 9.48 33.79
N LEU F 140 55.69 21.30 25.65
CA LEU F 140 56.29 19.98 25.70
C LEU F 140 57.01 19.62 24.39
N ASP F 141 58.17 18.96 24.51
CA ASP F 141 58.94 18.54 23.33
C ASP F 141 58.35 17.24 22.77
N ALA F 142 57.47 17.38 21.78
CA ALA F 142 56.72 16.27 21.23
C ALA F 142 57.61 15.20 20.61
N VAL F 143 58.66 15.62 19.92
CA VAL F 143 59.60 14.68 19.31
C VAL F 143 60.27 13.78 20.38
N THR F 144 60.79 14.38 21.45
CA THR F 144 61.47 13.60 22.51
C THR F 144 60.45 12.68 23.25
N ILE F 145 59.24 13.18 23.49
CA ILE F 145 58.19 12.37 24.14
C ILE F 145 57.79 11.20 23.27
N ALA F 146 57.63 11.46 21.97
CA ALA F 146 57.22 10.41 21.04
C ALA F 146 58.29 9.33 20.97
N LYS F 147 59.56 9.72 20.93
CA LYS F 147 60.67 8.75 20.90
C LYS F 147 60.74 7.93 22.19
N LYS F 148 60.54 8.58 23.32
CA LYS F 148 60.48 7.86 24.59
C LYS F 148 59.34 6.88 24.63
N ALA F 149 58.16 7.30 24.16
CA ALA F 149 57.01 6.42 24.12
C ALA F 149 57.23 5.26 23.17
N TYR F 150 57.90 5.50 22.05
CA TYR F 150 58.19 4.44 21.10
C TYR F 150 59.09 3.38 21.74
N ALA F 151 60.11 3.82 22.46
CA ALA F 151 61.05 2.90 23.10
C ALA F 151 60.36 2.01 24.12
N ILE F 152 59.41 2.58 24.85
CA ILE F 152 58.69 1.85 25.86
C ILE F 152 57.71 0.86 25.23
N TYR F 153 56.90 1.31 24.29
CA TYR F 153 55.81 0.47 23.77
C TYR F 153 56.13 -0.27 22.48
N LYS F 154 57.21 0.08 21.81
CA LYS F 154 57.57 -0.50 20.51
C LYS F 154 56.34 -0.51 19.59
N THR F 155 55.61 0.61 19.57
CA THR F 155 54.37 0.78 18.78
C THR F 155 54.44 2.19 18.15
N ALA F 156 54.00 2.33 16.91
CA ALA F 156 53.99 3.64 16.25
C ALA F 156 53.28 4.66 17.16
N ILE F 157 53.84 5.86 17.25
CA ILE F 157 53.30 6.91 18.09
C ILE F 157 52.99 8.09 17.19
N VAL F 158 51.78 8.63 17.32
CA VAL F 158 51.40 9.87 16.63
C VAL F 158 51.03 10.90 17.69
N ILE F 159 51.77 12.01 17.72
CA ILE F 159 51.44 13.07 18.64
C ILE F 159 50.94 14.27 17.85
N THR F 160 49.68 14.62 18.08
CA THR F 160 49.07 15.78 17.41
C THR F 160 49.38 17.02 18.23
N GLY F 161 49.46 18.13 17.49
CA GLY F 161 49.70 19.47 18.06
C GLY F 161 49.74 20.53 16.96
N LYS F 162 50.31 21.69 17.27
CA LYS F 162 50.55 22.72 16.29
C LYS F 162 51.22 22.12 15.05
N GLU F 163 52.35 21.46 15.26
CA GLU F 163 52.93 20.53 14.29
C GLU F 163 52.72 19.11 14.83
N ASP F 164 52.58 18.14 13.92
CA ASP F 164 52.32 16.76 14.32
C ASP F 164 53.60 15.97 14.25
N VAL F 165 53.75 15.02 15.16
CA VAL F 165 54.91 14.13 15.19
C VAL F 165 54.49 12.67 14.99
N ILE F 166 55.24 11.96 14.15
CA ILE F 166 55.08 10.52 13.98
C ILE F 166 56.40 9.78 14.16
N VAL F 167 56.38 8.77 15.01
CA VAL F 167 57.54 7.91 15.20
C VAL F 167 57.14 6.48 14.93
N GLN F 168 57.84 5.85 13.96
CA GLN F 168 57.69 4.44 13.68
C GLN F 168 59.04 3.85 13.30
N GLY F 169 59.35 2.70 13.90
CA GLY F 169 60.64 2.05 13.72
C GLY F 169 61.78 3.02 13.99
N ASP F 170 62.67 3.20 13.03
CA ASP F 170 63.83 4.05 13.23
C ASP F 170 63.67 5.49 12.70
N LYS F 171 62.45 5.90 12.33
CA LYS F 171 62.23 7.25 11.79
C LYS F 171 61.33 8.10 12.67
N ALA F 172 61.61 9.38 12.67
CA ALA F 172 60.76 10.37 13.30
C ALA F 172 60.47 11.44 12.27
N ILE F 173 59.22 11.90 12.24
CA ILE F 173 58.77 12.91 11.29
C ILE F 173 57.91 13.99 11.93
N VAL F 174 58.12 15.22 11.47
CA VAL F 174 57.36 16.37 11.89
C VAL F 174 56.57 16.86 10.67
N LEU F 175 55.24 16.96 10.84
CA LEU F 175 54.34 17.48 9.81
C LEU F 175 53.78 18.83 10.22
N ALA F 176 53.53 19.72 9.25
CA ALA F 176 53.03 21.06 9.54
C ALA F 176 51.85 21.50 8.64
N ASN F 177 50.76 20.74 8.64
CA ASN F 177 49.54 21.11 7.93
C ASN F 177 48.37 21.38 8.90
N GLY F 178 47.26 21.93 8.39
CA GLY F 178 45.99 22.00 9.15
C GLY F 178 45.40 23.40 9.38
N SER F 179 44.38 23.48 10.24
CA SER F 179 43.67 24.74 10.47
C SER F 179 43.29 24.93 11.93
N PRO F 180 43.26 26.17 12.40
CA PRO F 180 42.84 26.45 13.78
C PRO F 180 41.37 26.11 14.07
N LEU F 181 40.51 26.20 13.05
CA LEU F 181 39.11 25.81 13.19
C LEU F 181 38.92 24.34 13.59
N LEU F 182 39.85 23.45 13.25
CA LEU F 182 39.83 22.08 13.77
C LEU F 182 39.74 21.99 15.26
N ALA F 183 40.46 22.85 15.97
CA ALA F 183 40.42 22.87 17.45
C ALA F 183 39.08 23.31 18.05
N ARG F 184 38.21 23.91 17.23
CA ARG F 184 36.91 24.36 17.69
C ARG F 184 35.77 23.42 17.21
N VAL F 185 36.15 22.25 16.73
CA VAL F 185 35.20 21.22 16.39
C VAL F 185 35.43 20.00 17.27
N THR F 186 34.37 19.51 17.91
CA THR F 186 34.52 18.41 18.88
C THR F 186 34.90 17.09 18.22
N GLY F 187 35.92 16.45 18.80
CA GLY F 187 36.47 15.23 18.30
C GLY F 187 37.14 15.22 16.93
N ALA F 188 37.50 16.37 16.32
CA ALA F 188 38.50 16.39 15.20
C ALA F 188 39.55 15.31 15.39
N GLY F 189 40.20 15.31 16.55
CA GLY F 189 41.26 14.37 16.81
C GLY F 189 40.73 12.97 17.00
N CYS F 190 39.50 12.89 17.50
CA CYS F 190 38.90 11.60 17.79
C CYS F 190 38.49 10.99 16.44
N LEU F 191 38.19 11.88 15.49
CA LEU F 191 38.04 11.49 14.07
C LEU F 191 39.38 11.07 13.45
N LEU F 192 40.45 11.78 13.75
CA LEU F 192 41.75 11.43 13.14
C LEU F 192 42.18 9.99 13.51
N GLY F 193 41.91 9.58 14.75
CA GLY F 193 42.14 8.21 15.17
C GLY F 193 41.42 7.23 14.26
N GLY F 194 40.17 7.49 13.97
CA GLY F 194 39.44 6.68 13.01
C GLY F 194 40.06 6.68 11.58
N ILE F 195 40.42 7.85 11.09
CA ILE F 195 41.01 7.97 9.75
C ILE F 195 42.27 7.12 9.68
N ILE F 196 43.13 7.25 10.68
CA ILE F 196 44.36 6.48 10.71
C ILE F 196 44.04 4.98 10.59
N ALA F 197 43.05 4.53 11.36
CA ALA F 197 42.63 3.13 11.29
C ALA F 197 42.25 2.74 9.87
N GLY F 198 41.64 3.69 9.16
CA GLY F 198 41.27 3.46 7.78
C GLY F 198 42.42 3.27 6.82
N PHE F 199 43.61 3.72 7.22
CA PHE F 199 44.82 3.62 6.39
C PHE F 199 45.66 2.38 6.69
N LEU F 200 45.23 1.51 7.61
CA LEU F 200 46.11 0.40 8.04
C LEU F 200 46.09 -0.87 7.19
N PHE F 201 45.00 -1.17 6.51
CA PHE F 201 44.93 -2.35 5.65
C PHE F 201 45.49 -3.59 6.34
N ARG F 202 45.12 -3.77 7.61
CA ARG F 202 45.43 -4.99 8.37
C ARG F 202 46.90 -5.20 8.63
N GLU F 203 47.68 -4.12 8.59
CA GLU F 203 49.09 -4.19 8.98
C GLU F 203 49.24 -3.87 10.45
N THR F 204 49.66 -4.86 11.22
CA THR F 204 49.88 -4.69 12.65
C THR F 204 51.15 -3.88 12.92
N GLU F 205 52.04 -3.79 11.94
CA GLU F 205 53.18 -2.92 12.04
C GLU F 205 53.18 -1.98 10.83
N PRO F 206 52.32 -0.95 10.85
CA PRO F 206 52.18 -0.15 9.64
C PRO F 206 53.41 0.61 9.17
N ASP F 207 53.54 0.70 7.85
CA ASP F 207 54.54 1.52 7.25
C ASP F 207 54.34 2.98 7.68
N ILE F 208 55.41 3.66 8.05
CA ILE F 208 55.30 5.08 8.41
C ILE F 208 54.66 5.95 7.29
N GLU F 209 54.83 5.55 6.03
CA GLU F 209 54.25 6.28 4.92
C GLU F 209 52.72 6.29 4.98
N ALA F 210 52.13 5.21 5.46
CA ALA F 210 50.67 5.16 5.63
C ALA F 210 50.19 6.10 6.73
N LEU F 211 50.97 6.27 7.77
CA LEU F 211 50.62 7.15 8.86
C LEU F 211 50.80 8.61 8.41
N ILE F 212 51.88 8.88 7.71
CA ILE F 212 52.11 10.22 7.17
C ILE F 212 50.94 10.62 6.28
N GLU F 213 50.51 9.71 5.41
CA GLU F 213 49.42 10.02 4.49
C GLU F 213 48.09 10.21 5.23
N ALA F 214 47.81 9.38 6.23
CA ALA F 214 46.56 9.55 7.03
C ALA F 214 46.47 10.95 7.66
N VAL F 215 47.53 11.36 8.35
CA VAL F 215 47.54 12.62 9.04
C VAL F 215 47.50 13.79 8.05
N SER F 216 48.22 13.67 6.94
CA SER F 216 48.31 14.75 5.97
C SER F 216 47.00 14.94 5.21
N VAL F 217 46.37 13.84 4.83
CA VAL F 217 45.05 13.88 4.20
C VAL F 217 44.06 14.65 5.09
N PHE F 218 44.06 14.29 6.36
CA PHE F 218 43.20 14.94 7.31
C PHE F 218 43.47 16.45 7.46
N ASN F 219 44.74 16.80 7.70
CA ASN F 219 45.09 18.19 7.91
C ASN F 219 45.02 19.05 6.66
N ILE F 220 45.29 18.46 5.50
CA ILE F 220 45.15 19.19 4.23
C ILE F 220 43.70 19.45 3.90
N ALA F 221 42.86 18.45 4.10
CA ALA F 221 41.42 18.63 3.97
C ALA F 221 40.89 19.71 4.90
N ALA F 222 41.37 19.75 6.14
CA ALA F 222 40.95 20.80 7.04
C ALA F 222 41.37 22.18 6.55
N GLU F 223 42.63 22.29 6.09
CA GLU F 223 43.19 23.53 5.50
C GLU F 223 42.33 24.08 4.39
N VAL F 224 42.01 23.19 3.44
CA VAL F 224 41.22 23.55 2.27
C VAL F 224 39.78 23.89 2.66
N ALA F 225 39.17 23.07 3.53
CA ALA F 225 37.82 23.35 3.98
C ALA F 225 37.72 24.74 4.60
N ALA F 226 38.70 25.12 5.42
CA ALA F 226 38.67 26.40 6.10
C ALA F 226 38.85 27.59 5.16
N GLU F 227 39.42 27.35 3.98
CA GLU F 227 39.57 28.38 2.96
C GLU F 227 38.37 28.51 2.07
N ASN F 228 37.48 27.54 2.10
CA ASN F 228 36.28 27.63 1.29
C ASN F 228 35.50 28.92 1.57
N GLU F 229 34.99 29.57 0.52
CA GLU F 229 34.26 30.84 0.68
C GLU F 229 32.98 30.70 1.53
N ASN F 230 32.40 29.49 1.59
CA ASN F 230 31.22 29.25 2.43
C ASN F 230 31.52 28.83 3.87
N CYS F 231 32.80 28.87 4.26
CA CYS F 231 33.16 28.54 5.63
C CYS F 231 33.05 29.80 6.45
N GLY F 232 32.02 29.91 7.28
CA GLY F 232 31.82 31.09 8.14
C GLY F 232 32.13 30.86 9.62
N GLY F 233 32.68 29.71 9.95
CA GLY F 233 32.97 29.40 11.33
C GLY F 233 33.00 27.92 11.62
N PRO F 234 33.06 27.58 12.90
CA PRO F 234 33.26 26.14 13.22
C PRO F 234 32.03 25.28 12.86
N GLY F 235 30.85 25.91 12.81
CA GLY F 235 29.64 25.23 12.42
C GLY F 235 29.65 24.79 10.96
N THR F 236 29.82 25.74 10.06
CA THR F 236 29.87 25.41 8.63
C THR F 236 31.14 24.69 8.22
N PHE F 237 32.21 24.89 8.96
CA PHE F 237 33.46 24.14 8.70
C PHE F 237 33.30 22.61 8.65
N SER F 238 32.54 22.07 9.57
CA SER F 238 32.48 20.61 9.71
C SER F 238 31.87 19.90 8.47
N PRO F 239 30.71 20.37 7.94
CA PRO F 239 30.26 19.75 6.69
C PRO F 239 31.26 19.93 5.53
N LEU F 240 31.98 21.05 5.52
CA LEU F 240 32.92 21.32 4.46
C LEU F 240 34.15 20.43 4.60
N LEU F 241 34.56 20.13 5.80
CA LEU F 241 35.62 19.17 6.00
C LEU F 241 35.24 17.86 5.36
N LEU F 242 34.01 17.40 5.60
CA LEU F 242 33.59 16.12 5.03
C LEU F 242 33.52 16.16 3.50
N ASP F 243 33.02 17.26 2.95
CA ASP F 243 33.02 17.41 1.53
C ASP F 243 34.43 17.31 0.97
N THR F 244 35.36 18.00 1.62
CA THR F 244 36.75 18.12 1.14
C THR F 244 37.49 16.80 1.24
N LEU F 245 37.29 16.05 2.32
CA LEU F 245 37.80 14.67 2.39
C LEU F 245 37.26 13.81 1.24
N TYR F 246 35.97 13.94 0.96
CA TYR F 246 35.37 13.20 -0.15
C TYR F 246 36.01 13.48 -1.53
N HIS F 247 36.27 14.76 -1.82
CA HIS F 247 36.78 15.17 -3.11
C HIS F 247 38.31 15.20 -3.19
N LEU F 248 39.04 15.05 -2.09
CA LEU F 248 40.48 15.38 -2.09
C LEU F 248 41.17 14.62 -3.21
N ASN F 249 41.92 15.33 -4.02
CA ASN F 249 42.68 14.70 -5.11
C ASN F 249 44.22 14.75 -4.95
N GLU F 250 44.91 14.00 -5.81
CA GLU F 250 46.38 13.90 -5.81
C GLU F 250 47.05 15.24 -5.99
N THR F 251 46.51 16.07 -6.87
CA THR F 251 47.07 17.41 -7.13
C THR F 251 47.10 18.34 -5.90
N THR F 252 45.95 18.47 -5.23
CA THR F 252 45.86 19.25 -4.01
C THR F 252 46.78 18.69 -2.94
N TYR F 253 46.77 17.37 -2.76
CA TYR F 253 47.60 16.72 -1.75
C TYR F 253 49.08 17.04 -1.95
N GLN F 254 49.58 16.83 -3.17
CA GLN F 254 51.00 17.11 -3.48
C GLN F 254 51.34 18.60 -3.38
N GLN F 255 50.46 19.48 -3.85
CA GLN F 255 50.67 20.92 -3.68
C GLN F 255 50.85 21.35 -2.23
N ARG F 256 50.12 20.72 -1.31
CA ARG F 256 49.99 21.29 0.04
C ARG F 256 50.75 20.58 1.12
N ILE F 257 51.23 19.37 0.89
CA ILE F 257 51.87 18.65 1.98
C ILE F 257 53.15 19.36 2.50
N ARG F 258 53.30 19.44 3.83
CA ARG F 258 54.48 20.06 4.48
C ARG F 258 55.10 19.10 5.51
N ILE F 259 56.31 18.60 5.19
CA ILE F 259 56.97 17.49 5.89
C ILE F 259 58.38 17.84 6.32
N GLN F 260 58.87 17.26 7.43
CA GLN F 260 60.32 17.24 7.67
C GLN F 260 60.78 16.07 8.59
N GLU F 261 61.89 15.47 8.20
CA GLU F 261 62.41 14.33 8.93
C GLU F 261 63.34 14.86 9.99
#